data_8PXV
#
_entry.id   8PXV
#
_cell.length_a   96.260
_cell.length_b   170.420
_cell.length_c   171.940
_cell.angle_alpha   90.000
_cell.angle_beta   90.000
_cell.angle_gamma   90.000
#
_symmetry.space_group_name_H-M   'P 21 21 21'
#
loop_
_entity.id
_entity.type
_entity.pdbx_description
1 polymer Beta-N-acetylhexosaminidase
2 branched beta-D-galactopyranose-(1-4)-beta-D-glucopyranose
3 non-polymer GLYCEROL
4 non-polymer 'SODIUM ION'
5 water water
#
_entity_poly.entity_id   1
_entity_poly.type   'polypeptide(L)'
_entity_poly.pdbx_seq_one_letter_code
;MQEQIIPKPAEITLFTGSPARLTPDSLIITETQDKAFLDQAGQLQQMLSAGTGLPLPLKPAGQASKKAACIVIKKDPALA
ARGEEAYSIQSSPSGIILSAADARGIFYAGQSLVQMMPSVFHDRTGDKSAVRWNISETPFRITDYPRFSWRALMIDEARH
FFGEKTIKQIIDQMALLKMNILHWHLTDDTGWRIEIKKYPRLTSIGSKRRESEIGTWNSGKSDGTPHEGFYTQEQIRDIV
QYAARRNITIVPEIEMPGHASAAAVAYPFLSLKTPGEVPTTFIVNTAFDPTSEKTYAFLSDVLDEVTAIFPGRIIHIGGD
EVRYDKQWKGVPEIEEFMKKNGMKSYADVQMHFTNRMSGIIAQKGRRMMGWNEIYGHDVNGDGGGKAGAKLDTNAVIQFW
KGNTSLAKNAIRDGHDVINSLHTSTYLDYSYGSIPLQKAYGFEPVFPGLEKQYHSRVKGLGAQVWTEWISTPERLHYQAF
PRACAFAEVGWTPAGKKDFPDFKKRLKAYSERMDLMGIKFARNVISQIDKSDFFNTPRIGTWTPATLTREEHSFDVTKLV
KASGKHTVTLLYDKGAHAIEIESVALYENSREVSRDAHAGRSGAHKENIQYILNAPAPRQGATYTVKANFKGAGGRDSHG
TVYFETPLEHHHHHH
;
_entity_poly.pdbx_strand_id   A,B,C
#
loop_
_chem_comp.id
_chem_comp.type
_chem_comp.name
_chem_comp.formula
BGC D-saccharide, beta linking beta-D-glucopyranose 'C6 H12 O6'
GAL D-saccharide, beta linking beta-D-galactopyranose 'C6 H12 O6'
GOL non-polymer GLYCEROL 'C3 H8 O3'
NA non-polymer 'SODIUM ION' 'Na 1'
#
# COMPACT_ATOMS: atom_id res chain seq x y z
N GLN A 2 18.43 -1.55 -6.44
CA GLN A 2 19.15 -0.81 -5.40
C GLN A 2 19.31 0.65 -5.81
N GLU A 3 20.33 0.92 -6.62
CA GLU A 3 20.58 2.26 -7.15
C GLU A 3 19.88 2.43 -8.49
N GLN A 4 19.42 3.67 -8.74
CA GLN A 4 18.39 3.90 -9.75
C GLN A 4 18.56 5.23 -10.47
N ILE A 5 19.78 5.74 -10.55
CA ILE A 5 20.02 7.08 -11.07
C ILE A 5 19.77 7.12 -12.57
N ILE A 6 19.21 8.22 -13.04
CA ILE A 6 19.16 8.54 -14.47
C ILE A 6 19.94 9.85 -14.66
N PRO A 7 20.98 9.89 -15.50
CA PRO A 7 21.53 8.79 -16.30
C PRO A 7 22.31 7.76 -15.49
N LYS A 8 22.31 6.51 -15.95
CA LYS A 8 23.08 5.47 -15.29
C LYS A 8 24.55 5.90 -15.24
N PRO A 9 25.19 5.89 -14.07
CA PRO A 9 26.59 6.32 -14.01
C PRO A 9 27.50 5.40 -14.81
N ALA A 10 28.71 5.90 -15.07
CA ALA A 10 29.67 5.14 -15.88
C ALA A 10 30.23 3.95 -15.11
N GLU A 11 30.55 4.14 -13.83
CA GLU A 11 31.18 3.09 -13.04
C GLU A 11 30.57 3.09 -11.64
N ILE A 12 30.20 1.91 -11.15
CA ILE A 12 29.69 1.78 -9.79
C ILE A 12 30.15 0.45 -9.22
N THR A 13 30.48 0.46 -7.93
CA THR A 13 30.85 -0.73 -7.19
C THR A 13 30.08 -0.72 -5.87
N LEU A 14 29.35 -1.80 -5.61
CA LEU A 14 28.55 -1.92 -4.40
C LEU A 14 29.26 -2.80 -3.38
N PHE A 15 29.02 -2.49 -2.11
CA PHE A 15 29.59 -3.26 -1.00
C PHE A 15 28.46 -3.69 -0.09
N THR A 16 28.75 -4.67 0.75
CA THR A 16 27.77 -5.14 1.73
C THR A 16 27.74 -4.21 2.94
N GLY A 17 26.60 -4.18 3.60
CA GLY A 17 26.44 -3.45 4.85
C GLY A 17 25.34 -2.41 4.75
N SER A 18 25.28 -1.56 5.78
CA SER A 18 24.26 -0.53 5.88
C SER A 18 24.68 0.71 5.09
N PRO A 19 23.72 1.45 4.57
CA PRO A 19 24.04 2.66 3.79
C PRO A 19 24.35 3.83 4.70
N ALA A 20 24.94 4.86 4.09
CA ALA A 20 25.05 6.15 4.76
C ALA A 20 23.67 6.75 4.94
N ARG A 21 23.49 7.47 6.05
CA ARG A 21 22.21 8.10 6.36
C ARG A 21 22.46 9.51 6.88
N LEU A 22 21.74 10.48 6.31
CA LEU A 22 21.80 11.85 6.78
C LEU A 22 20.81 12.05 7.91
N THR A 23 21.25 12.73 8.95
CA THR A 23 20.47 13.00 10.16
C THR A 23 20.59 14.47 10.52
N PRO A 24 19.84 14.92 11.54
CA PRO A 24 19.95 16.31 11.98
C PRO A 24 21.34 16.69 12.49
N ASP A 25 22.21 15.71 12.78
CA ASP A 25 23.57 15.98 13.21
C ASP A 25 24.58 15.93 12.06
N SER A 26 24.12 15.69 10.84
CA SER A 26 25.04 15.60 9.71
C SER A 26 25.59 16.97 9.34
N LEU A 27 26.85 17.00 8.92
CA LEU A 27 27.54 18.21 8.51
C LEU A 27 28.00 18.10 7.07
N ILE A 28 28.27 19.25 6.46
CA ILE A 28 28.90 19.33 5.14
C ILE A 28 30.27 19.96 5.35
N ILE A 29 31.32 19.15 5.16
CA ILE A 29 32.70 19.55 5.38
C ILE A 29 33.36 19.74 4.03
N THR A 30 34.11 20.83 3.88
CA THR A 30 34.86 21.11 2.65
C THR A 30 36.35 20.99 2.95
N GLU A 31 37.00 20.00 2.33
CA GLU A 31 38.44 19.80 2.51
C GLU A 31 39.24 20.46 1.40
N THR A 32 38.83 21.66 1.01
CA THR A 32 39.59 22.50 0.10
C THR A 32 39.12 23.94 0.27
N GLN A 33 40.02 24.88 -0.02
CA GLN A 33 39.70 26.30 0.02
C GLN A 33 39.49 26.89 -1.36
N ASP A 34 39.51 26.06 -2.41
CA ASP A 34 39.21 26.55 -3.75
C ASP A 34 37.86 27.27 -3.78
N LYS A 35 37.89 28.53 -4.23
CA LYS A 35 36.71 29.38 -4.15
C LYS A 35 35.54 28.81 -4.93
N ALA A 36 35.79 28.05 -5.99
CA ALA A 36 34.71 27.48 -6.79
C ALA A 36 34.04 26.30 -6.07
N PHE A 37 34.82 25.50 -5.34
CA PHE A 37 34.26 24.39 -4.58
C PHE A 37 33.45 24.89 -3.39
N LEU A 38 33.94 25.91 -2.68
CA LEU A 38 33.17 26.44 -1.56
C LEU A 38 31.82 26.99 -2.02
N ASP A 39 31.75 27.56 -3.23
CA ASP A 39 30.48 28.00 -3.76
C ASP A 39 29.55 26.81 -4.04
N GLN A 40 30.09 25.75 -4.66
CA GLN A 40 29.27 24.59 -4.95
C GLN A 40 28.74 23.96 -3.66
N ALA A 41 29.57 23.95 -2.62
CA ALA A 41 29.15 23.40 -1.35
C ALA A 41 28.05 24.25 -0.71
N GLY A 42 28.13 25.57 -0.89
CA GLY A 42 27.11 26.43 -0.30
C GLY A 42 25.72 26.22 -0.88
N GLN A 43 25.61 26.12 -2.21
CA GLN A 43 24.30 25.86 -2.78
C GLN A 43 23.89 24.41 -2.61
N LEU A 44 24.86 23.49 -2.56
CA LEU A 44 24.55 22.11 -2.19
C LEU A 44 23.91 22.07 -0.81
N GLN A 45 24.44 22.87 0.12
CA GLN A 45 23.85 22.94 1.46
C GLN A 45 22.43 23.48 1.39
N GLN A 46 22.22 24.59 0.67
CA GLN A 46 20.88 25.15 0.57
C GLN A 46 19.92 24.17 -0.08
N MET A 47 20.37 23.50 -1.15
CA MET A 47 19.49 22.61 -1.90
C MET A 47 19.14 21.38 -1.07
N LEU A 48 20.13 20.77 -0.41
CA LEU A 48 19.87 19.59 0.39
C LEU A 48 19.09 19.93 1.66
N SER A 49 19.39 21.08 2.27
CA SER A 49 18.68 21.50 3.47
C SER A 49 17.20 21.73 3.16
N ALA A 50 16.91 22.40 2.05
CA ALA A 50 15.53 22.70 1.71
C ALA A 50 14.73 21.43 1.45
N GLY A 51 15.34 20.44 0.80
CA GLY A 51 14.63 19.23 0.42
C GLY A 51 14.41 18.25 1.55
N THR A 52 15.39 18.13 2.45
CA THR A 52 15.29 17.17 3.54
C THR A 52 14.73 17.77 4.83
N GLY A 53 14.77 19.09 4.99
CA GLY A 53 14.46 19.68 6.26
C GLY A 53 15.55 19.57 7.29
N LEU A 54 16.75 19.02 6.91
CA LEU A 54 17.88 18.87 7.81
C LEU A 54 18.73 20.14 7.84
N PRO A 55 19.30 20.47 9.00
CA PRO A 55 20.16 21.67 9.05
C PRO A 55 21.36 21.60 8.12
N LEU A 56 22.13 20.51 8.19
CA LEU A 56 23.30 20.30 7.33
C LEU A 56 24.19 21.53 7.29
N PRO A 57 24.84 21.90 8.41
CA PRO A 57 25.66 23.11 8.40
C PRO A 57 27.01 22.89 7.74
N LEU A 58 27.52 23.97 7.15
CA LEU A 58 28.88 23.98 6.62
C LEU A 58 29.88 24.18 7.75
N LYS A 59 30.84 23.26 7.86
CA LYS A 59 31.88 23.34 8.88
C LYS A 59 33.23 23.01 8.27
N PRO A 60 34.31 23.50 8.87
CA PRO A 60 35.64 23.33 8.30
C PRO A 60 36.19 21.92 8.47
N ALA A 61 37.18 21.61 7.63
CA ALA A 61 37.81 20.30 7.62
C ALA A 61 38.28 19.88 9.01
N GLY A 62 37.78 18.73 9.46
CA GLY A 62 38.12 18.15 10.75
C GLY A 62 37.02 18.19 11.78
N GLN A 63 36.04 19.08 11.63
CA GLN A 63 34.94 19.13 12.58
C GLN A 63 33.89 18.07 12.26
N ALA A 64 34.32 16.83 12.11
CA ALA A 64 33.42 15.73 11.79
C ALA A 64 32.98 15.06 13.09
N SER A 65 31.72 14.63 13.13
CA SER A 65 31.13 13.99 14.30
C SER A 65 30.88 12.51 14.03
N LYS A 66 31.44 11.65 14.90
CA LYS A 66 31.20 10.23 14.83
C LYS A 66 29.81 9.83 15.33
N LYS A 67 28.91 10.81 15.40
CA LYS A 67 27.52 10.62 15.79
C LYS A 67 26.66 10.42 14.55
N ALA A 68 26.90 11.20 13.50
CA ALA A 68 26.17 11.05 12.25
C ALA A 68 27.15 11.09 11.10
N ALA A 69 26.71 10.55 9.96
CA ALA A 69 27.49 10.62 8.73
C ALA A 69 27.49 12.03 8.18
N CYS A 70 28.64 12.46 7.65
CA CYS A 70 28.80 13.80 7.13
C CYS A 70 29.18 13.75 5.65
N ILE A 71 28.85 14.82 4.94
CA ILE A 71 29.20 14.97 3.53
C ILE A 71 30.53 15.70 3.46
N VAL A 72 31.51 15.08 2.82
CA VAL A 72 32.85 15.64 2.67
C VAL A 72 33.12 15.92 1.21
N ILE A 73 33.51 17.16 0.91
CA ILE A 73 33.72 17.63 -0.45
C ILE A 73 35.21 17.77 -0.68
N LYS A 74 35.75 16.95 -1.58
CA LYS A 74 37.17 16.93 -1.90
C LYS A 74 37.41 17.40 -3.32
N LYS A 75 38.59 18.00 -3.54
CA LYS A 75 39.07 18.33 -4.88
C LYS A 75 40.14 17.30 -5.24
N ASP A 76 39.84 16.46 -6.22
CA ASP A 76 40.71 15.35 -6.61
C ASP A 76 41.06 15.46 -8.09
N PRO A 77 42.32 15.70 -8.45
CA PRO A 77 42.68 15.87 -9.88
C PRO A 77 42.77 14.56 -10.66
N ALA A 78 42.62 13.41 -9.99
CA ALA A 78 42.73 12.14 -10.70
C ALA A 78 41.71 12.04 -11.82
N LEU A 79 40.56 12.70 -11.66
CA LEU A 79 39.45 12.62 -12.59
C LEU A 79 39.53 13.62 -13.74
N ALA A 80 40.61 14.41 -13.83
CA ALA A 80 40.70 15.42 -14.87
C ALA A 80 40.66 14.82 -16.26
N ALA A 81 41.24 13.63 -16.44
CA ALA A 81 41.26 13.00 -17.76
C ALA A 81 39.85 12.75 -18.29
N ARG A 82 38.85 12.66 -17.42
CA ARG A 82 37.49 12.38 -17.82
C ARG A 82 36.67 13.65 -18.06
N GLY A 83 37.27 14.83 -17.89
CA GLY A 83 36.59 16.08 -18.15
C GLY A 83 36.15 16.78 -16.89
N GLU A 84 35.73 18.03 -17.07
CA GLU A 84 35.32 18.90 -15.95
C GLU A 84 33.98 18.49 -15.34
N GLU A 85 33.23 17.61 -15.99
CA GLU A 85 31.95 17.16 -15.46
C GLU A 85 32.06 15.86 -14.68
N ALA A 86 33.26 15.27 -14.64
CA ALA A 86 33.44 14.02 -13.94
C ALA A 86 33.44 14.23 -12.43
N TYR A 87 33.03 13.20 -11.69
CA TYR A 87 32.97 13.25 -10.25
C TYR A 87 33.06 11.83 -9.72
N SER A 88 33.25 11.73 -8.40
CA SER A 88 33.23 10.44 -7.73
C SER A 88 32.46 10.59 -6.43
N ILE A 89 31.77 9.51 -6.04
CA ILE A 89 31.04 9.46 -4.78
C ILE A 89 31.45 8.20 -4.03
N GLN A 90 31.86 8.36 -2.78
CA GLN A 90 32.15 7.26 -1.87
C GLN A 90 31.20 7.39 -0.68
N SER A 91 30.32 6.41 -0.51
CA SER A 91 29.26 6.48 0.48
C SER A 91 29.32 5.27 1.40
N SER A 92 29.37 5.55 2.70
CA SER A 92 29.28 4.52 3.73
C SER A 92 28.78 5.18 5.00
N PRO A 93 28.38 4.39 5.99
CA PRO A 93 27.94 4.99 7.27
C PRO A 93 29.00 5.90 7.85
N SER A 94 30.27 5.70 7.47
CA SER A 94 31.34 6.55 7.97
C SER A 94 31.23 7.97 7.41
N GLY A 95 30.96 8.09 6.12
CA GLY A 95 30.85 9.39 5.50
C GLY A 95 30.51 9.28 4.04
N ILE A 96 30.08 10.42 3.49
CA ILE A 96 29.77 10.56 2.08
C ILE A 96 30.78 11.53 1.49
N ILE A 97 31.62 11.06 0.57
CA ILE A 97 32.69 11.85 0.01
C ILE A 97 32.34 12.19 -1.44
N LEU A 98 32.27 13.48 -1.74
CA LEU A 98 32.04 13.97 -3.09
C LEU A 98 33.33 14.58 -3.61
N SER A 99 33.89 13.96 -4.65
CA SER A 99 35.15 14.42 -5.23
C SER A 99 34.97 14.77 -6.70
N ALA A 100 35.75 15.75 -7.14
CA ALA A 100 35.77 16.14 -8.54
C ALA A 100 37.03 16.95 -8.79
N ALA A 101 37.53 16.87 -10.03
CA ALA A 101 38.68 17.69 -10.41
C ALA A 101 38.27 19.15 -10.62
N ASP A 102 37.04 19.39 -11.06
CA ASP A 102 36.52 20.72 -11.31
C ASP A 102 35.22 20.89 -10.54
N ALA A 103 34.92 22.14 -10.16
CA ALA A 103 33.75 22.40 -9.31
C ALA A 103 32.45 21.92 -9.95
N ARG A 104 32.37 21.93 -11.28
CA ARG A 104 31.17 21.45 -11.95
C ARG A 104 30.80 20.03 -11.53
N GLY A 105 31.81 19.17 -11.36
CA GLY A 105 31.54 17.80 -10.98
C GLY A 105 30.79 17.68 -9.66
N ILE A 106 31.06 18.58 -8.72
CA ILE A 106 30.40 18.52 -7.42
C ILE A 106 28.89 18.70 -7.58
N PHE A 107 28.48 19.63 -8.45
CA PHE A 107 27.05 19.83 -8.66
C PHE A 107 26.41 18.54 -9.15
N TYR A 108 27.03 17.88 -10.13
CA TYR A 108 26.48 16.63 -10.63
C TYR A 108 26.56 15.52 -9.60
N ALA A 109 27.61 15.51 -8.77
CA ALA A 109 27.64 14.56 -7.66
C ALA A 109 26.44 14.79 -6.74
N GLY A 110 26.04 16.05 -6.55
CA GLY A 110 24.90 16.34 -5.72
C GLY A 110 23.58 15.91 -6.32
N GLN A 111 23.44 15.99 -7.64
CA GLN A 111 22.20 15.54 -8.27
C GLN A 111 22.06 14.03 -8.14
N SER A 112 23.16 13.29 -8.32
CA SER A 112 23.13 11.84 -8.09
C SER A 112 22.76 11.53 -6.66
N LEU A 113 23.34 12.28 -5.70
CA LEU A 113 23.01 12.09 -4.29
C LEU A 113 21.50 12.21 -4.09
N VAL A 114 20.88 13.23 -4.69
CA VAL A 114 19.44 13.41 -4.58
C VAL A 114 18.71 12.19 -5.12
N GLN A 115 19.14 11.69 -6.29
CA GLN A 115 18.44 10.56 -6.90
C GLN A 115 18.64 9.25 -6.14
N MET A 116 19.55 9.22 -5.16
CA MET A 116 19.72 8.04 -4.31
C MET A 116 19.01 8.17 -2.98
N MET A 117 18.28 9.25 -2.76
CA MET A 117 17.53 9.49 -1.54
C MET A 117 16.03 9.40 -1.82
N PRO A 118 15.21 9.28 -0.78
CA PRO A 118 13.76 9.16 -1.01
C PRO A 118 13.22 10.32 -1.85
N SER A 119 12.27 9.99 -2.73
CA SER A 119 11.74 10.97 -3.67
C SER A 119 10.95 12.08 -2.99
N VAL A 120 10.49 11.86 -1.75
CA VAL A 120 9.80 12.91 -1.01
C VAL A 120 10.66 14.14 -0.82
N PHE A 121 11.96 14.04 -1.08
CA PHE A 121 12.84 15.21 -1.15
C PHE A 121 12.21 16.34 -1.95
N HIS A 122 11.53 16.00 -3.05
CA HIS A 122 10.96 17.00 -3.94
C HIS A 122 9.58 17.50 -3.51
N ASP A 123 8.98 16.92 -2.49
CA ASP A 123 7.65 17.31 -2.06
C ASP A 123 7.66 18.67 -1.38
N ARG A 124 6.89 19.62 -1.92
CA ARG A 124 6.87 20.97 -1.38
C ARG A 124 6.14 21.07 -0.04
N THR A 125 5.24 20.14 0.27
CA THR A 125 4.56 20.09 1.55
C THR A 125 4.91 18.83 2.34
N GLY A 126 4.42 18.78 3.58
CA GLY A 126 4.48 17.58 4.39
C GLY A 126 5.55 17.61 5.47
N ASP A 127 5.39 16.70 6.43
CA ASP A 127 6.31 16.50 7.56
C ASP A 127 7.37 15.47 7.20
N LYS A 128 8.57 15.95 6.90
CA LYS A 128 9.71 15.10 6.53
C LYS A 128 10.55 14.65 7.72
N SER A 129 10.17 14.97 8.96
CA SER A 129 11.03 14.61 10.09
C SER A 129 11.05 13.11 10.38
N ALA A 130 10.09 12.34 9.85
CA ALA A 130 10.06 10.90 10.03
C ALA A 130 10.79 10.17 8.91
N VAL A 131 11.41 10.88 7.98
CA VAL A 131 11.99 10.28 6.78
C VAL A 131 13.40 9.84 7.09
N ARG A 132 13.75 8.64 6.62
CA ARG A 132 15.10 8.11 6.76
C ARG A 132 15.90 8.48 5.51
N TRP A 133 16.89 9.35 5.67
CA TRP A 133 17.62 9.89 4.52
C TRP A 133 18.81 9.00 4.16
N ASN A 134 18.47 7.77 3.78
CA ASN A 134 19.47 6.81 3.35
C ASN A 134 19.96 7.11 1.94
N ILE A 135 21.27 6.99 1.74
CA ILE A 135 21.88 7.16 0.43
C ILE A 135 21.95 5.78 -0.22
N SER A 136 20.96 5.46 -1.05
CA SER A 136 20.87 4.13 -1.64
C SER A 136 20.68 3.12 -0.51
N GLU A 137 21.01 1.85 -0.76
CA GLU A 137 20.73 0.79 0.20
C GLU A 137 21.97 0.17 0.84
N THR A 138 23.16 0.41 0.30
CA THR A 138 24.38 -0.18 0.82
C THR A 138 25.51 0.82 0.64
N PRO A 139 26.68 0.52 1.19
CA PRO A 139 27.87 1.31 0.82
C PRO A 139 28.22 1.09 -0.64
N PHE A 140 28.83 2.09 -1.25
CA PHE A 140 29.13 2.01 -2.67
C PHE A 140 30.19 3.05 -3.02
N ARG A 141 30.77 2.88 -4.20
CA ARG A 141 31.66 3.86 -4.82
C ARG A 141 31.19 4.09 -6.24
N ILE A 142 31.01 5.34 -6.62
CA ILE A 142 30.62 5.72 -7.98
C ILE A 142 31.72 6.56 -8.58
N THR A 143 32.10 6.23 -9.81
CA THR A 143 32.98 7.06 -10.63
C THR A 143 32.23 7.35 -11.93
N ASP A 144 31.94 8.62 -12.18
CA ASP A 144 30.99 9.00 -13.22
C ASP A 144 31.53 10.14 -14.07
N TYR A 145 31.11 10.15 -15.33
CA TYR A 145 31.54 11.12 -16.32
C TYR A 145 30.71 10.96 -17.59
N PRO A 146 30.53 12.02 -18.38
CA PRO A 146 29.64 11.91 -19.55
C PRO A 146 30.31 11.29 -20.76
N ARG A 147 29.51 10.58 -21.54
CA ARG A 147 30.00 10.06 -22.82
C ARG A 147 30.12 11.17 -23.85
N PHE A 148 29.13 12.06 -23.92
CA PHE A 148 29.15 13.19 -24.83
C PHE A 148 29.17 14.49 -24.02
N SER A 149 29.83 15.51 -24.57
CA SER A 149 29.92 16.80 -23.91
C SER A 149 28.76 17.72 -24.26
N TRP A 150 28.03 17.41 -25.33
CA TRP A 150 26.91 18.21 -25.81
C TRP A 150 25.63 17.41 -25.57
N ARG A 151 24.88 17.77 -24.53
CA ARG A 151 23.65 17.06 -24.14
C ARG A 151 22.55 18.12 -24.05
N ALA A 152 21.90 18.37 -25.19
CA ALA A 152 21.10 19.57 -25.37
C ALA A 152 19.62 19.24 -25.45
N LEU A 153 18.81 20.18 -24.96
CA LEU A 153 17.36 20.19 -25.12
C LEU A 153 16.98 21.54 -25.68
N MET A 154 16.24 21.55 -26.79
CA MET A 154 15.81 22.81 -27.41
C MET A 154 14.37 23.09 -27.02
N ILE A 155 14.11 24.31 -26.57
CA ILE A 155 12.77 24.78 -26.29
C ILE A 155 12.43 25.85 -27.32
N ASP A 156 11.34 25.65 -28.04
CA ASP A 156 10.87 26.60 -29.05
C ASP A 156 9.87 27.54 -28.37
N GLU A 157 10.31 28.76 -28.07
CA GLU A 157 9.43 29.78 -27.50
C GLU A 157 8.98 30.80 -28.53
N ALA A 158 9.38 30.64 -29.80
CA ALA A 158 8.93 31.54 -30.85
C ALA A 158 7.52 31.16 -31.32
N ARG A 159 7.27 29.87 -31.54
CA ARG A 159 5.94 29.44 -31.96
C ARG A 159 4.90 29.72 -30.88
N HIS A 160 5.21 29.37 -29.64
CA HIS A 160 4.40 29.75 -28.49
C HIS A 160 5.34 30.17 -27.37
N PHE A 161 5.03 31.30 -26.74
CA PHE A 161 5.82 31.82 -25.62
C PHE A 161 5.32 31.23 -24.32
N PHE A 162 6.26 30.81 -23.46
CA PHE A 162 5.94 30.21 -22.17
C PHE A 162 6.40 31.03 -20.98
N GLY A 163 7.61 31.58 -21.02
CA GLY A 163 8.03 32.54 -20.02
C GLY A 163 8.98 31.96 -18.98
N GLU A 164 9.38 32.85 -18.06
CA GLU A 164 10.46 32.54 -17.13
C GLU A 164 10.11 31.38 -16.21
N LYS A 165 8.89 31.39 -15.65
CA LYS A 165 8.52 30.35 -14.69
C LYS A 165 8.57 28.97 -15.33
N THR A 166 8.06 28.86 -16.55
CA THR A 166 8.06 27.56 -17.23
C THR A 166 9.47 27.13 -17.62
N ILE A 167 10.29 28.07 -18.11
CA ILE A 167 11.61 27.69 -18.61
C ILE A 167 12.52 27.28 -17.46
N LYS A 168 12.36 27.89 -16.28
CA LYS A 168 13.14 27.46 -15.13
C LYS A 168 12.72 26.07 -14.66
N GLN A 169 11.44 25.74 -14.78
CA GLN A 169 10.98 24.40 -14.41
C GLN A 169 11.60 23.34 -15.30
N ILE A 170 11.75 23.64 -16.59
CA ILE A 170 12.41 22.72 -17.50
C ILE A 170 13.91 22.66 -17.21
N ILE A 171 14.52 23.81 -16.87
CA ILE A 171 15.92 23.81 -16.50
C ILE A 171 16.16 22.93 -15.27
N ASP A 172 15.19 22.92 -14.35
CA ASP A 172 15.33 22.06 -13.17
C ASP A 172 15.35 20.60 -13.57
N GLN A 173 14.51 20.21 -14.52
CA GLN A 173 14.52 18.83 -15.01
C GLN A 173 15.83 18.52 -15.74
N MET A 174 16.29 19.45 -16.58
CA MET A 174 17.55 19.22 -17.30
C MET A 174 18.69 18.97 -16.34
N ALA A 175 18.78 19.78 -15.27
CA ALA A 175 19.87 19.63 -14.32
C ALA A 175 19.77 18.32 -13.56
N LEU A 176 18.55 17.92 -13.18
CA LEU A 176 18.39 16.65 -12.47
C LEU A 176 18.78 15.47 -13.34
N LEU A 177 18.66 15.61 -14.67
CA LEU A 177 19.06 14.58 -15.61
C LEU A 177 20.45 14.79 -16.17
N LYS A 178 21.15 15.84 -15.72
CA LYS A 178 22.53 16.13 -16.12
C LYS A 178 22.64 16.51 -17.59
N MET A 179 21.57 17.01 -18.20
CA MET A 179 21.66 17.66 -19.49
C MET A 179 22.22 19.07 -19.28
N ASN A 180 23.13 19.48 -20.17
CA ASN A 180 23.94 20.65 -19.90
C ASN A 180 23.83 21.78 -20.92
N ILE A 181 22.96 21.67 -21.92
CA ILE A 181 22.79 22.73 -22.91
C ILE A 181 21.31 22.99 -23.15
N LEU A 182 20.89 24.23 -22.89
CA LEU A 182 19.55 24.68 -23.24
C LEU A 182 19.67 25.43 -24.57
N HIS A 183 19.19 24.80 -25.63
CA HIS A 183 19.15 25.40 -26.97
C HIS A 183 17.86 26.21 -27.04
N TRP A 184 17.98 27.54 -27.04
CA TRP A 184 16.83 28.43 -26.86
C TRP A 184 16.44 29.00 -28.22
N HIS A 185 15.37 28.45 -28.80
CA HIS A 185 14.88 28.86 -30.11
C HIS A 185 13.89 30.01 -29.90
N LEU A 186 14.37 31.24 -30.08
CA LEU A 186 13.65 32.42 -29.64
C LEU A 186 13.09 33.27 -30.78
N THR A 187 13.39 32.97 -32.03
CA THR A 187 12.87 33.74 -33.14
C THR A 187 12.46 32.80 -34.26
N ASP A 188 11.39 33.16 -34.95
CA ASP A 188 10.88 32.37 -36.07
C ASP A 188 9.90 33.25 -36.84
N ASP A 189 9.14 32.63 -37.75
CA ASP A 189 8.19 33.40 -38.55
C ASP A 189 7.08 33.98 -37.69
N THR A 190 6.63 33.24 -36.69
CA THR A 190 5.43 33.58 -35.94
C THR A 190 5.72 34.26 -34.61
N GLY A 191 6.98 34.62 -34.35
CA GLY A 191 7.29 35.31 -33.10
C GLY A 191 8.74 35.70 -32.92
N TRP A 192 8.96 36.84 -32.27
CA TRP A 192 10.29 37.30 -31.87
C TRP A 192 10.25 37.60 -30.38
N ARG A 193 11.12 36.94 -29.61
CA ARG A 193 10.98 36.90 -28.16
C ARG A 193 12.12 37.54 -27.39
N ILE A 194 13.07 38.21 -28.05
CA ILE A 194 14.20 38.83 -27.38
C ILE A 194 14.10 40.34 -27.52
N GLU A 195 14.05 41.04 -26.38
CA GLU A 195 14.12 42.49 -26.40
C GLU A 195 15.44 42.93 -27.01
N ILE A 196 15.35 43.77 -28.04
CA ILE A 196 16.51 44.40 -28.66
C ILE A 196 16.36 45.91 -28.50
N LYS A 197 17.29 46.51 -27.74
CA LYS A 197 17.15 47.91 -27.36
C LYS A 197 17.18 48.82 -28.58
N LYS A 198 18.04 48.52 -29.55
CA LYS A 198 18.20 49.39 -30.71
C LYS A 198 17.01 49.29 -31.68
N TYR A 199 16.35 48.13 -31.74
CA TYR A 199 15.25 47.88 -32.68
C TYR A 199 14.02 47.47 -31.89
N PRO A 200 13.30 48.41 -31.29
CA PRO A 200 12.19 48.04 -30.40
C PRO A 200 11.01 47.41 -31.11
N ARG A 201 10.90 47.56 -32.43
CA ARG A 201 9.78 46.95 -33.14
C ARG A 201 9.93 45.44 -33.25
N LEU A 202 11.13 44.90 -33.02
CA LEU A 202 11.29 43.45 -33.03
C LEU A 202 10.37 42.80 -32.01
N THR A 203 10.20 43.43 -30.85
CA THR A 203 9.28 42.94 -29.83
C THR A 203 7.92 43.63 -29.84
N SER A 204 7.89 44.95 -30.03
CA SER A 204 6.62 45.66 -30.02
C SER A 204 5.72 45.22 -31.18
N ILE A 205 6.32 44.78 -32.28
CA ILE A 205 5.59 44.27 -33.44
C ILE A 205 5.75 42.76 -33.56
N GLY A 206 6.99 42.28 -33.55
CA GLY A 206 7.25 40.88 -33.85
C GLY A 206 6.83 39.89 -32.79
N SER A 207 6.53 40.36 -31.57
CA SER A 207 6.17 39.48 -30.48
C SER A 207 4.66 39.33 -30.31
N LYS A 208 3.87 39.91 -31.21
CA LYS A 208 2.41 39.85 -31.13
C LYS A 208 1.85 39.28 -32.42
N ARG A 209 0.80 38.45 -32.29
CA ARG A 209 0.06 37.98 -33.45
C ARG A 209 -1.41 37.83 -33.09
N ARG A 210 -2.26 37.91 -34.11
CA ARG A 210 -3.71 37.98 -33.90
C ARG A 210 -4.27 36.66 -33.41
N GLU A 211 -3.77 35.54 -33.93
CA GLU A 211 -4.31 34.23 -33.63
C GLU A 211 -3.30 33.19 -34.07
N SER A 212 -3.63 31.92 -33.82
CA SER A 212 -2.75 30.81 -34.09
C SER A 212 -3.52 29.67 -34.74
N GLU A 213 -2.94 29.09 -35.79
CA GLU A 213 -3.44 27.83 -36.32
C GLU A 213 -3.32 26.75 -35.26
N ILE A 214 -4.28 25.83 -35.25
CA ILE A 214 -4.33 24.77 -34.25
C ILE A 214 -4.62 23.44 -34.92
N GLY A 215 -4.37 22.37 -34.16
CA GLY A 215 -4.65 21.03 -34.64
C GLY A 215 -3.47 20.42 -35.34
N THR A 216 -3.19 20.89 -36.55
CA THR A 216 -2.05 20.43 -37.33
C THR A 216 -1.89 21.37 -38.52
N TRP A 217 -0.85 21.11 -39.32
CA TRP A 217 -0.60 21.92 -40.51
C TRP A 217 -1.76 21.78 -41.49
N ASN A 218 -2.20 22.92 -42.04
CA ASN A 218 -3.27 22.93 -43.04
C ASN A 218 -4.58 22.39 -42.45
N SER A 219 -4.78 22.59 -41.15
CA SER A 219 -5.99 22.10 -40.51
C SER A 219 -7.23 22.88 -40.92
N GLY A 220 -7.05 24.14 -41.32
CA GLY A 220 -8.15 25.05 -41.48
C GLY A 220 -8.71 25.58 -40.18
N LYS A 221 -8.16 25.18 -39.03
CA LYS A 221 -8.64 25.61 -37.73
C LYS A 221 -7.78 26.72 -37.16
N SER A 222 -8.41 27.55 -36.32
CA SER A 222 -7.74 28.68 -35.69
C SER A 222 -8.40 28.93 -34.33
N ASP A 223 -7.63 29.47 -33.40
CA ASP A 223 -8.15 29.73 -32.06
C ASP A 223 -8.68 31.15 -31.89
N GLY A 224 -8.50 32.03 -32.88
CA GLY A 224 -9.01 33.39 -32.79
C GLY A 224 -8.58 34.11 -31.53
N THR A 225 -7.44 33.71 -30.97
CA THR A 225 -6.97 34.23 -29.69
C THR A 225 -5.62 34.91 -29.90
N PRO A 226 -5.49 36.21 -29.64
CA PRO A 226 -4.18 36.85 -29.74
C PRO A 226 -3.16 36.15 -28.85
N HIS A 227 -1.91 36.16 -29.31
CA HIS A 227 -0.80 35.54 -28.58
C HIS A 227 0.37 36.50 -28.61
N GLU A 228 0.97 36.74 -27.45
CA GLU A 228 2.08 37.67 -27.34
C GLU A 228 2.96 37.28 -26.16
N GLY A 229 4.15 37.84 -26.13
CA GLY A 229 5.10 37.60 -25.06
C GLY A 229 6.52 37.74 -25.58
N PHE A 230 7.42 38.14 -24.67
CA PHE A 230 8.84 38.22 -25.01
C PHE A 230 9.62 38.40 -23.71
N TYR A 231 10.92 38.15 -23.80
CA TYR A 231 11.82 38.30 -22.66
C TYR A 231 12.51 39.65 -22.71
N THR A 232 12.53 40.34 -21.57
CA THR A 232 13.40 41.49 -21.44
C THR A 232 14.85 41.02 -21.27
N GLN A 233 15.80 41.93 -21.50
CA GLN A 233 17.19 41.56 -21.38
C GLN A 233 17.57 41.23 -19.94
N GLU A 234 16.97 41.91 -18.97
CA GLU A 234 17.24 41.56 -17.59
C GLU A 234 16.71 40.16 -17.26
N GLN A 235 15.55 39.81 -17.83
CA GLN A 235 15.02 38.46 -17.64
C GLN A 235 15.97 37.40 -18.19
N ILE A 236 16.62 37.70 -19.32
CA ILE A 236 17.55 36.74 -19.91
C ILE A 236 18.78 36.57 -19.02
N ARG A 237 19.31 37.68 -18.50
CA ARG A 237 20.44 37.60 -17.59
C ARG A 237 20.11 36.73 -16.38
N ASP A 238 18.90 36.89 -15.84
CA ASP A 238 18.48 36.07 -14.70
C ASP A 238 18.45 34.59 -15.07
N ILE A 239 17.90 34.25 -16.24
CA ILE A 239 17.78 32.85 -16.64
C ILE A 239 19.14 32.27 -17.01
N VAL A 240 19.99 33.07 -17.64
CA VAL A 240 21.36 32.61 -17.93
C VAL A 240 22.06 32.22 -16.64
N GLN A 241 21.98 33.09 -15.62
CA GLN A 241 22.60 32.78 -14.33
C GLN A 241 21.93 31.58 -13.69
N TYR A 242 20.59 31.51 -13.74
CA TYR A 242 19.88 30.38 -13.16
C TYR A 242 20.34 29.06 -13.76
N ALA A 243 20.58 29.04 -15.07
CA ALA A 243 21.04 27.82 -15.72
C ALA A 243 22.51 27.53 -15.44
N ALA A 244 23.35 28.57 -15.42
CA ALA A 244 24.77 28.37 -15.21
C ALA A 244 25.05 27.74 -13.84
N ARG A 245 24.27 28.12 -12.82
CA ARG A 245 24.44 27.51 -11.51
C ARG A 245 24.05 26.04 -11.51
N ARG A 246 23.29 25.59 -12.50
CA ARG A 246 22.90 24.19 -12.63
C ARG A 246 23.65 23.51 -13.77
N ASN A 247 24.85 23.99 -14.09
CA ASN A 247 25.76 23.36 -15.05
C ASN A 247 25.21 23.38 -16.47
N ILE A 248 24.41 24.38 -16.81
CA ILE A 248 23.74 24.44 -18.10
C ILE A 248 24.17 25.72 -18.83
N THR A 249 24.64 25.55 -20.06
CA THR A 249 24.95 26.66 -20.95
C THR A 249 23.78 26.86 -21.91
N ILE A 250 23.41 28.11 -22.14
CA ILE A 250 22.31 28.45 -23.04
C ILE A 250 22.89 28.82 -24.39
N VAL A 251 22.41 28.13 -25.43
CA VAL A 251 22.77 28.43 -26.81
C VAL A 251 21.56 29.12 -27.45
N PRO A 252 21.57 30.44 -27.63
CA PRO A 252 20.44 31.10 -28.28
C PRO A 252 20.46 30.86 -29.78
N GLU A 253 19.27 30.88 -30.37
CA GLU A 253 19.13 30.75 -31.82
C GLU A 253 18.38 31.96 -32.35
N ILE A 254 19.00 32.67 -33.29
CA ILE A 254 18.36 33.73 -34.06
C ILE A 254 18.23 33.19 -35.48
N GLU A 255 17.01 32.80 -35.86
CA GLU A 255 16.80 32.15 -37.14
C GLU A 255 17.15 33.10 -38.27
N MET A 256 17.92 32.61 -39.25
CA MET A 256 18.29 33.38 -40.44
C MET A 256 18.96 32.44 -41.44
N PRO A 257 18.85 32.70 -42.75
CA PRO A 257 18.08 33.80 -43.35
C PRO A 257 16.59 33.49 -43.47
N GLY A 258 16.22 32.23 -43.22
CA GLY A 258 14.82 31.83 -43.25
C GLY A 258 14.17 32.03 -41.90
N HIS A 259 12.88 31.68 -41.83
CA HIS A 259 12.11 31.79 -40.60
C HIS A 259 12.21 33.20 -40.03
N ALA A 260 11.99 34.20 -40.89
CA ALA A 260 12.24 35.59 -40.56
C ALA A 260 11.01 36.48 -40.66
N SER A 261 9.81 35.90 -40.78
CA SER A 261 8.62 36.72 -41.03
C SER A 261 8.43 37.76 -39.94
N ALA A 262 8.57 37.38 -38.67
CA ALA A 262 8.32 38.31 -37.58
C ALA A 262 9.28 39.49 -37.64
N ALA A 263 10.57 39.21 -37.85
CA ALA A 263 11.56 40.28 -37.94
C ALA A 263 11.26 41.20 -39.11
N ALA A 264 10.81 40.64 -40.24
CA ALA A 264 10.57 41.46 -41.43
C ALA A 264 9.38 42.39 -41.23
N VAL A 265 8.29 41.88 -40.64
CA VAL A 265 7.13 42.73 -40.39
C VAL A 265 7.51 43.91 -39.52
N ALA A 266 8.50 43.74 -38.63
CA ALA A 266 8.93 44.86 -37.80
C ALA A 266 9.77 45.85 -38.62
N TYR A 267 10.60 45.35 -39.52
CA TYR A 267 11.45 46.20 -40.36
C TYR A 267 11.44 45.61 -41.77
N PRO A 268 10.47 46.01 -42.60
CA PRO A 268 10.25 45.29 -43.86
C PRO A 268 11.41 45.33 -44.85
N PHE A 269 12.37 46.24 -44.70
CA PHE A 269 13.50 46.23 -45.63
C PHE A 269 14.37 44.98 -45.48
N LEU A 270 14.18 44.21 -44.41
CA LEU A 270 14.99 43.02 -44.19
C LEU A 270 14.63 41.87 -45.13
N SER A 271 13.50 41.94 -45.81
CA SER A 271 13.06 40.88 -46.70
C SER A 271 12.51 41.45 -47.98
N LEU A 272 12.69 40.70 -49.08
CA LEU A 272 12.14 41.08 -50.36
C LEU A 272 10.66 40.78 -50.47
N LYS A 273 10.11 39.94 -49.58
CA LYS A 273 8.71 39.57 -49.62
C LYS A 273 8.15 39.57 -48.18
N THR A 274 8.17 40.74 -47.57
CA THR A 274 7.72 40.88 -46.18
C THR A 274 6.20 40.75 -46.09
N PRO A 275 5.67 39.92 -45.19
CA PRO A 275 4.22 39.80 -45.06
C PRO A 275 3.60 41.06 -44.48
N GLY A 276 2.28 41.17 -44.65
CA GLY A 276 1.57 42.32 -44.14
C GLY A 276 1.40 42.31 -42.64
N GLU A 277 1.43 41.14 -42.02
CA GLU A 277 1.37 41.03 -40.57
C GLU A 277 2.07 39.73 -40.15
N VAL A 278 2.40 39.65 -38.86
CA VAL A 278 3.01 38.44 -38.32
C VAL A 278 2.13 37.26 -38.68
N PRO A 279 2.65 36.24 -39.38
CA PRO A 279 1.81 35.12 -39.80
C PRO A 279 1.07 34.48 -38.64
N THR A 280 -0.15 34.02 -38.93
CA THR A 280 -0.98 33.28 -37.98
C THR A 280 -1.07 31.80 -38.34
N THR A 281 -0.30 31.35 -39.32
CA THR A 281 -0.14 29.94 -39.65
C THR A 281 1.35 29.61 -39.58
N PHE A 282 1.65 28.32 -39.44
CA PHE A 282 3.01 27.89 -39.16
C PHE A 282 3.76 27.37 -40.37
N ILE A 283 3.18 27.50 -41.56
CA ILE A 283 3.87 27.08 -42.78
C ILE A 283 4.45 28.27 -43.55
N VAL A 284 4.12 29.50 -43.16
CA VAL A 284 4.62 30.69 -43.85
C VAL A 284 6.06 30.93 -43.40
N ASN A 285 6.98 30.96 -44.36
CA ASN A 285 8.41 31.08 -44.08
C ASN A 285 9.04 32.15 -44.97
N THR A 286 9.24 33.34 -44.40
CA THR A 286 9.86 34.45 -45.11
C THR A 286 11.37 34.42 -44.92
N ALA A 287 12.09 34.85 -45.96
CA ALA A 287 13.55 34.85 -45.96
C ALA A 287 14.07 36.28 -45.95
N PHE A 288 15.18 36.49 -45.25
CA PHE A 288 15.86 37.78 -45.29
C PHE A 288 16.44 38.02 -46.69
N ASP A 289 16.76 39.29 -46.96
CA ASP A 289 17.37 39.66 -48.23
C ASP A 289 18.88 39.50 -48.13
N PRO A 290 19.48 38.49 -48.77
CA PRO A 290 20.93 38.31 -48.68
C PRO A 290 21.73 39.24 -49.58
N THR A 291 21.06 40.03 -50.42
CA THR A 291 21.73 40.88 -51.39
C THR A 291 21.92 42.31 -50.91
N SER A 292 21.35 42.66 -49.76
CA SER A 292 21.35 44.03 -49.26
C SER A 292 22.32 44.17 -48.11
N GLU A 293 23.08 45.27 -48.12
CA GLU A 293 24.02 45.54 -47.05
C GLU A 293 23.31 45.87 -45.75
N LYS A 294 22.09 46.42 -45.84
CA LYS A 294 21.36 46.81 -44.64
C LYS A 294 21.02 45.60 -43.75
N THR A 295 20.78 44.43 -44.36
CA THR A 295 20.42 43.25 -43.57
C THR A 295 21.59 42.79 -42.69
N TYR A 296 22.79 42.69 -43.26
CA TYR A 296 23.93 42.25 -42.46
C TYR A 296 24.25 43.24 -41.34
N ALA A 297 24.13 44.53 -41.62
CA ALA A 297 24.33 45.52 -40.56
C ALA A 297 23.29 45.36 -39.46
N PHE A 298 22.03 45.16 -39.84
CA PHE A 298 20.97 44.95 -38.86
C PHE A 298 21.25 43.71 -38.03
N LEU A 299 21.61 42.61 -38.69
CA LEU A 299 21.86 41.36 -37.97
C LEU A 299 23.11 41.44 -37.09
N SER A 300 24.14 42.17 -37.54
CA SER A 300 25.32 42.34 -36.71
C SER A 300 24.99 43.08 -35.42
N ASP A 301 24.13 44.11 -35.51
CA ASP A 301 23.72 44.84 -34.32
C ASP A 301 22.94 43.94 -33.36
N VAL A 302 21.99 43.17 -33.89
CA VAL A 302 21.21 42.27 -33.05
C VAL A 302 22.13 41.29 -32.33
N LEU A 303 23.09 40.73 -33.06
CA LEU A 303 24.03 39.78 -32.46
C LEU A 303 24.96 40.44 -31.45
N ASP A 304 25.17 41.76 -31.56
CA ASP A 304 25.93 42.47 -30.55
C ASP A 304 25.20 42.45 -29.21
N GLU A 305 23.90 42.75 -29.22
CA GLU A 305 23.13 42.72 -27.98
C GLU A 305 22.95 41.29 -27.49
N VAL A 306 22.84 40.33 -28.41
CA VAL A 306 22.77 38.92 -28.01
C VAL A 306 24.06 38.53 -27.29
N THR A 307 25.20 38.92 -27.85
CA THR A 307 26.48 38.59 -27.24
C THR A 307 26.66 39.24 -25.88
N ALA A 308 25.98 40.36 -25.63
CA ALA A 308 26.13 41.04 -24.34
C ALA A 308 25.41 40.29 -23.22
N ILE A 309 24.31 39.60 -23.53
CA ILE A 309 23.51 38.95 -22.52
C ILE A 309 23.66 37.43 -22.50
N PHE A 310 24.19 36.84 -23.56
CA PHE A 310 24.45 35.40 -23.58
C PHE A 310 25.95 35.17 -23.54
N PRO A 311 26.53 34.70 -22.43
CA PRO A 311 27.98 34.54 -22.35
C PRO A 311 28.53 33.35 -23.12
N GLY A 312 27.67 32.42 -23.53
CA GLY A 312 28.16 31.20 -24.16
C GLY A 312 28.97 31.47 -25.41
N ARG A 313 29.92 30.58 -25.68
CA ARG A 313 30.81 30.73 -26.82
C ARG A 313 30.08 30.59 -28.15
N ILE A 314 29.00 29.81 -28.19
CA ILE A 314 28.38 29.41 -29.44
C ILE A 314 27.06 30.14 -29.62
N ILE A 315 26.80 30.58 -30.84
CA ILE A 315 25.57 31.25 -31.22
C ILE A 315 24.96 30.52 -32.41
N HIS A 316 23.71 30.12 -32.27
CA HIS A 316 22.98 29.41 -33.31
C HIS A 316 22.28 30.44 -34.17
N ILE A 317 22.37 30.27 -35.49
CA ILE A 317 21.67 31.14 -36.42
C ILE A 317 20.69 30.38 -37.30
N GLY A 318 20.52 29.09 -37.05
CA GLY A 318 19.59 28.26 -37.80
C GLY A 318 19.94 27.98 -39.24
N GLY A 319 19.34 28.74 -40.15
CA GLY A 319 19.57 28.60 -41.56
C GLY A 319 18.76 27.51 -42.25
N ASP A 320 17.87 26.84 -41.52
CA ASP A 320 17.09 25.76 -42.10
C ASP A 320 15.94 26.28 -42.94
N GLU A 321 15.47 25.44 -43.84
CA GLU A 321 14.29 25.66 -44.67
C GLU A 321 14.20 27.08 -45.24
N VAL A 322 15.22 27.48 -45.98
CA VAL A 322 15.08 28.67 -46.82
C VAL A 322 14.26 28.24 -48.03
N ARG A 323 13.06 28.80 -48.18
CA ARG A 323 12.19 28.47 -49.31
C ARG A 323 12.68 29.21 -50.56
N TYR A 324 13.69 28.61 -51.21
CA TYR A 324 14.39 29.29 -52.29
C TYR A 324 13.43 29.72 -53.39
N ASP A 325 12.59 28.79 -53.86
CA ASP A 325 11.75 29.08 -55.02
C ASP A 325 10.60 30.02 -54.69
N LYS A 326 10.09 29.97 -53.44
CA LYS A 326 8.98 30.83 -53.06
C LYS A 326 9.44 32.22 -52.64
N GLN A 327 10.70 32.38 -52.26
CA GLN A 327 11.20 33.63 -51.70
C GLN A 327 12.21 34.33 -52.59
N TRP A 328 13.04 33.59 -53.32
CA TRP A 328 14.16 34.17 -54.05
C TRP A 328 14.12 33.96 -55.55
N LYS A 329 13.63 32.82 -56.03
CA LYS A 329 13.64 32.57 -57.47
C LYS A 329 12.79 33.61 -58.20
N GLY A 330 13.33 34.12 -59.30
CA GLY A 330 12.65 35.10 -60.12
C GLY A 330 12.65 36.51 -59.57
N VAL A 331 13.27 36.74 -58.41
CA VAL A 331 13.37 38.09 -57.85
C VAL A 331 14.54 38.80 -58.51
N PRO A 332 14.33 39.95 -59.15
CA PRO A 332 15.45 40.60 -59.86
C PRO A 332 16.68 40.86 -58.99
N GLU A 333 16.48 41.28 -57.74
CA GLU A 333 17.62 41.52 -56.86
C GLU A 333 18.46 40.27 -56.71
N ILE A 334 17.81 39.11 -56.60
CA ILE A 334 18.54 37.85 -56.47
C ILE A 334 19.27 37.53 -57.76
N GLU A 335 18.56 37.55 -58.89
CA GLU A 335 19.15 37.11 -60.14
C GLU A 335 20.32 38.00 -60.55
N GLU A 336 20.21 39.31 -60.34
CA GLU A 336 21.33 40.18 -60.66
C GLU A 336 22.50 39.92 -59.72
N PHE A 337 22.21 39.75 -58.44
CA PHE A 337 23.27 39.41 -57.47
C PHE A 337 24.00 38.14 -57.86
N MET A 338 23.27 37.13 -58.35
CA MET A 338 23.90 35.86 -58.69
C MET A 338 24.79 36.00 -59.94
N LYS A 339 24.30 36.67 -60.98
CA LYS A 339 25.14 36.91 -62.15
C LYS A 339 26.35 37.75 -61.80
N LYS A 340 26.14 38.84 -61.04
CA LYS A 340 27.25 39.70 -60.65
C LYS A 340 28.33 38.90 -59.93
N ASN A 341 27.93 37.92 -59.11
CA ASN A 341 28.85 37.14 -58.30
C ASN A 341 29.10 35.75 -58.88
N GLY A 342 28.58 35.46 -60.08
CA GLY A 342 28.83 34.20 -60.72
C GLY A 342 28.22 32.98 -60.05
N MET A 343 27.19 33.18 -59.24
CA MET A 343 26.53 32.08 -58.56
C MET A 343 25.47 31.45 -59.46
N LYS A 344 25.41 30.11 -59.43
CA LYS A 344 24.57 29.35 -60.34
C LYS A 344 23.33 28.77 -59.68
N SER A 345 23.29 28.70 -58.36
CA SER A 345 22.19 28.09 -57.64
C SER A 345 21.89 28.92 -56.40
N TYR A 346 20.68 28.75 -55.87
CA TYR A 346 20.28 29.50 -54.69
C TYR A 346 21.02 29.05 -53.43
N ALA A 347 21.53 27.81 -53.41
CA ALA A 347 22.36 27.40 -52.29
C ALA A 347 23.63 28.25 -52.21
N ASP A 348 24.17 28.66 -53.36
CA ASP A 348 25.29 29.59 -53.35
C ASP A 348 24.93 30.90 -52.68
N VAL A 349 23.68 31.36 -52.88
CA VAL A 349 23.23 32.59 -52.23
C VAL A 349 23.23 32.42 -50.72
N GLN A 350 22.68 31.31 -50.23
CA GLN A 350 22.66 31.10 -48.79
C GLN A 350 24.07 30.92 -48.25
N MET A 351 24.92 30.20 -48.97
CA MET A 351 26.30 30.01 -48.51
C MET A 351 27.04 31.34 -48.41
N HIS A 352 26.89 32.21 -49.41
CA HIS A 352 27.49 33.54 -49.29
C HIS A 352 27.00 34.21 -48.01
N PHE A 353 25.70 34.12 -47.74
CA PHE A 353 25.13 34.68 -46.52
C PHE A 353 25.70 34.00 -45.29
N THR A 354 25.73 32.66 -45.28
CA THR A 354 26.16 31.94 -44.09
C THR A 354 27.62 32.19 -43.76
N ASN A 355 28.50 32.19 -44.78
CA ASN A 355 29.90 32.47 -44.55
C ASN A 355 30.12 33.90 -44.05
N ARG A 356 29.36 34.85 -44.59
CA ARG A 356 29.56 36.23 -44.15
C ARG A 356 29.10 36.42 -42.71
N MET A 357 28.00 35.75 -42.33
CA MET A 357 27.59 35.77 -40.92
C MET A 357 28.60 35.05 -40.04
N SER A 358 29.29 34.03 -40.58
CA SER A 358 30.25 33.29 -39.77
C SER A 358 31.44 34.16 -39.40
N GLY A 359 31.81 35.10 -40.27
CA GLY A 359 32.88 36.03 -39.95
C GLY A 359 32.42 37.09 -38.99
N ILE A 360 31.21 37.61 -39.22
CA ILE A 360 30.62 38.58 -38.30
C ILE A 360 30.59 38.03 -36.88
N ILE A 361 30.20 36.76 -36.73
CA ILE A 361 30.09 36.18 -35.41
C ILE A 361 31.47 35.95 -34.81
N ALA A 362 32.45 35.60 -35.65
CA ALA A 362 33.81 35.40 -35.17
C ALA A 362 34.40 36.70 -34.64
N GLN A 363 34.13 37.82 -35.32
CA GLN A 363 34.67 39.10 -34.86
C GLN A 363 34.09 39.55 -33.53
N LYS A 364 33.04 38.90 -33.05
CA LYS A 364 32.50 39.18 -31.73
C LYS A 364 32.97 38.16 -30.69
N GLY A 365 33.98 37.37 -31.03
CA GLY A 365 34.51 36.39 -30.10
C GLY A 365 33.56 35.22 -29.89
N ARG A 366 32.86 34.79 -30.94
CA ARG A 366 31.89 33.72 -30.85
C ARG A 366 32.06 32.75 -32.01
N ARG A 367 31.36 31.63 -31.91
CA ARG A 367 31.40 30.57 -32.91
C ARG A 367 30.01 30.32 -33.47
N MET A 368 29.91 30.23 -34.79
CA MET A 368 28.63 29.99 -35.44
C MET A 368 28.23 28.52 -35.39
N MET A 369 26.92 28.30 -35.25
CA MET A 369 26.30 26.98 -35.33
C MET A 369 25.02 27.10 -36.16
N GLY A 370 24.69 26.03 -36.88
CA GLY A 370 23.47 26.05 -37.68
C GLY A 370 23.04 24.67 -38.11
N TRP A 371 21.81 24.61 -38.61
CA TRP A 371 21.26 23.36 -39.13
C TRP A 371 22.01 22.97 -40.41
N ASN A 372 21.94 21.68 -40.75
CA ASN A 372 22.83 21.16 -41.79
C ASN A 372 22.59 21.78 -43.16
N GLU A 373 21.50 22.53 -43.36
CA GLU A 373 21.33 23.22 -44.64
C GLU A 373 22.45 24.19 -44.92
N ILE A 374 23.13 24.68 -43.87
CA ILE A 374 24.21 25.64 -44.06
C ILE A 374 25.41 25.01 -44.74
N TYR A 375 25.42 23.68 -44.86
CA TYR A 375 26.58 22.97 -45.36
C TYR A 375 26.62 22.89 -46.88
N GLY A 376 25.55 23.31 -47.57
CA GLY A 376 25.63 23.47 -49.01
C GLY A 376 24.59 22.75 -49.85
N HIS A 377 24.09 21.63 -49.36
CA HIS A 377 23.26 20.73 -50.16
C HIS A 377 21.79 20.98 -49.90
N ASP A 378 20.98 20.86 -50.96
CA ASP A 378 19.54 21.05 -50.85
C ASP A 378 18.93 19.79 -50.26
N VAL A 379 18.50 19.87 -49.00
CA VAL A 379 17.89 18.76 -48.29
C VAL A 379 16.39 18.93 -48.13
N ASN A 380 15.83 20.06 -48.59
CA ASN A 380 14.41 20.35 -48.39
C ASN A 380 13.59 20.29 -49.67
N GLY A 381 14.22 20.23 -50.84
CA GLY A 381 13.49 20.14 -52.09
C GLY A 381 12.86 21.44 -52.54
N ASP A 382 13.56 22.57 -52.35
CA ASP A 382 13.04 23.88 -52.72
C ASP A 382 13.72 24.46 -53.95
N GLY A 383 14.51 23.67 -54.66
CA GLY A 383 15.14 24.14 -55.89
C GLY A 383 16.37 24.99 -55.68
N GLY A 384 17.16 24.69 -54.65
CA GLY A 384 18.34 25.48 -54.36
C GLY A 384 19.63 24.87 -54.87
N GLY A 385 19.61 23.57 -55.18
CA GLY A 385 20.77 22.94 -55.75
C GLY A 385 21.89 22.74 -54.74
N LYS A 386 23.11 22.65 -55.27
CA LYS A 386 24.32 22.42 -54.48
C LYS A 386 25.17 23.68 -54.49
N ALA A 387 25.81 23.96 -53.36
CA ALA A 387 26.66 25.15 -53.24
C ALA A 387 28.06 24.83 -53.72
N GLY A 388 28.61 25.72 -54.55
CA GLY A 388 29.97 25.56 -55.03
C GLY A 388 30.98 25.98 -53.98
N ALA A 389 30.71 27.09 -53.30
CA ALA A 389 31.55 27.53 -52.20
C ALA A 389 31.48 26.54 -51.05
N LYS A 390 32.45 26.64 -50.15
CA LYS A 390 32.50 25.77 -48.97
C LYS A 390 32.23 26.55 -47.69
N LEU A 391 31.55 25.87 -46.77
CA LEU A 391 31.24 26.43 -45.47
C LEU A 391 32.50 26.60 -44.63
N ASP A 392 32.58 27.71 -43.90
CA ASP A 392 33.68 27.90 -42.96
C ASP A 392 33.79 26.67 -42.07
N THR A 393 35.00 26.08 -42.02
CA THR A 393 35.18 24.79 -41.36
C THR A 393 34.98 24.88 -39.85
N ASN A 394 35.05 26.08 -39.26
CA ASN A 394 34.85 26.18 -37.82
C ASN A 394 33.39 26.27 -37.44
N ALA A 395 32.48 26.36 -38.41
CA ALA A 395 31.06 26.39 -38.08
C ALA A 395 30.63 25.05 -37.54
N VAL A 396 29.73 25.06 -36.57
CA VAL A 396 29.19 23.83 -36.01
C VAL A 396 27.90 23.52 -36.73
N ILE A 397 27.68 22.24 -37.02
CA ILE A 397 26.54 21.78 -37.79
C ILE A 397 25.69 20.86 -36.93
N GLN A 398 24.40 21.18 -36.84
CA GLN A 398 23.43 20.33 -36.18
C GLN A 398 22.64 19.65 -37.30
N PHE A 399 22.69 18.32 -37.35
CA PHE A 399 22.10 17.56 -38.45
C PHE A 399 20.73 17.08 -38.01
N TRP A 400 19.68 17.65 -38.61
CA TRP A 400 18.33 17.14 -38.39
C TRP A 400 17.76 16.35 -39.55
N LYS A 401 17.94 16.82 -40.79
CA LYS A 401 17.28 16.24 -41.95
C LYS A 401 18.27 15.77 -43.00
N GLY A 402 18.02 14.60 -43.55
CA GLY A 402 18.75 14.11 -44.72
C GLY A 402 19.42 12.77 -44.48
N ASN A 403 19.98 12.27 -45.57
CA ASN A 403 20.81 11.06 -45.54
C ASN A 403 22.03 11.32 -44.66
N THR A 404 22.31 10.38 -43.76
CA THR A 404 23.39 10.60 -42.79
C THR A 404 24.74 10.66 -43.48
N SER A 405 24.85 10.13 -44.70
CA SER A 405 26.11 10.25 -45.43
C SER A 405 26.49 11.71 -45.63
N LEU A 406 25.49 12.60 -45.76
CA LEU A 406 25.79 14.02 -45.86
C LEU A 406 26.43 14.54 -44.58
N ALA A 407 25.98 14.05 -43.42
CA ALA A 407 26.56 14.48 -42.15
C ALA A 407 27.99 13.95 -42.00
N LYS A 408 28.21 12.69 -42.38
CA LYS A 408 29.56 12.14 -42.37
C LYS A 408 30.48 12.92 -43.28
N ASN A 409 29.98 13.38 -44.43
CA ASN A 409 30.80 14.20 -45.32
C ASN A 409 31.21 15.49 -44.63
N ALA A 410 30.28 16.15 -43.94
CA ALA A 410 30.61 17.37 -43.22
C ALA A 410 31.64 17.12 -42.13
N ILE A 411 31.53 15.97 -41.44
CA ILE A 411 32.50 15.63 -40.41
C ILE A 411 33.88 15.47 -41.02
N ARG A 412 33.97 14.77 -42.15
CA ARG A 412 35.26 14.55 -42.80
C ARG A 412 35.85 15.84 -43.35
N ASP A 413 35.04 16.87 -43.59
CA ASP A 413 35.53 18.16 -44.05
C ASP A 413 36.01 19.05 -42.91
N GLY A 414 35.94 18.59 -41.67
CA GLY A 414 36.49 19.29 -40.53
C GLY A 414 35.48 19.94 -39.59
N HIS A 415 34.19 19.66 -39.74
CA HIS A 415 33.18 20.30 -38.91
C HIS A 415 32.86 19.44 -37.70
N ASP A 416 32.68 20.10 -36.55
CA ASP A 416 32.05 19.45 -35.40
C ASP A 416 30.55 19.35 -35.66
N VAL A 417 29.97 18.21 -35.31
CA VAL A 417 28.56 17.96 -35.59
C VAL A 417 27.84 17.53 -34.32
N ILE A 418 26.56 17.88 -34.26
CA ILE A 418 25.64 17.44 -33.23
C ILE A 418 24.50 16.73 -33.96
N ASN A 419 24.15 15.54 -33.49
CA ASN A 419 23.16 14.72 -34.16
C ASN A 419 21.78 14.98 -33.58
N SER A 420 20.88 15.48 -34.41
CA SER A 420 19.49 15.72 -34.05
C SER A 420 18.58 15.18 -35.13
N LEU A 421 18.95 14.03 -35.68
CA LEU A 421 18.15 13.39 -36.72
C LEU A 421 16.69 13.42 -36.33
N HIS A 422 15.87 14.11 -37.13
CA HIS A 422 14.53 14.46 -36.67
C HIS A 422 13.61 13.26 -36.56
N THR A 423 13.89 12.19 -37.29
CA THR A 423 13.08 10.98 -37.13
C THR A 423 13.31 10.30 -35.78
N SER A 424 14.30 10.77 -35.00
CA SER A 424 14.55 10.23 -33.66
C SER A 424 14.44 11.25 -32.55
N THR A 425 14.66 12.55 -32.82
CA THR A 425 14.83 13.53 -31.74
C THR A 425 13.81 14.65 -31.71
N TYR A 426 12.80 14.63 -32.57
CA TYR A 426 11.77 15.69 -32.57
C TYR A 426 10.68 15.32 -31.58
N LEU A 427 10.76 15.89 -30.38
CA LEU A 427 9.86 15.57 -29.30
C LEU A 427 8.47 16.17 -29.48
N ASP A 428 8.27 17.02 -30.50
CA ASP A 428 6.93 17.47 -30.84
C ASP A 428 6.13 16.40 -31.57
N TYR A 429 6.79 15.39 -32.11
CA TYR A 429 6.11 14.26 -32.73
C TYR A 429 5.44 13.40 -31.67
N SER A 430 4.53 12.54 -32.12
CA SER A 430 3.77 11.68 -31.23
C SER A 430 4.62 10.49 -30.77
N TYR A 431 4.11 9.79 -29.76
CA TYR A 431 4.77 8.58 -29.27
C TYR A 431 4.66 7.43 -30.27
N GLY A 432 3.75 7.52 -31.23
CA GLY A 432 3.71 6.59 -32.33
C GLY A 432 4.82 6.85 -33.33
N SER A 433 5.09 8.13 -33.60
CA SER A 433 6.14 8.47 -34.54
C SER A 433 7.52 8.24 -33.95
N ILE A 434 7.72 8.61 -32.68
CA ILE A 434 8.98 8.35 -32.00
C ILE A 434 8.66 7.73 -30.65
N PRO A 435 8.52 6.42 -30.56
CA PRO A 435 8.27 5.79 -29.25
C PRO A 435 9.43 6.01 -28.29
N LEU A 436 9.15 5.83 -27.00
CA LEU A 436 10.20 5.94 -26.00
C LEU A 436 11.39 5.06 -26.37
N GLN A 437 11.11 3.87 -26.88
CA GLN A 437 12.19 2.93 -27.20
C GLN A 437 13.05 3.44 -28.35
N LYS A 438 12.47 4.15 -29.30
CA LYS A 438 13.28 4.69 -30.39
C LYS A 438 14.19 5.81 -29.87
N ALA A 439 13.69 6.60 -28.92
CA ALA A 439 14.52 7.65 -28.33
C ALA A 439 15.70 7.07 -27.57
N TYR A 440 15.45 6.05 -26.75
CA TYR A 440 16.53 5.45 -25.97
C TYR A 440 17.54 4.74 -26.86
N GLY A 441 17.10 4.20 -27.99
CA GLY A 441 17.99 3.51 -28.90
C GLY A 441 18.78 4.39 -29.82
N PHE A 442 18.55 5.70 -29.79
CA PHE A 442 19.25 6.64 -30.66
C PHE A 442 20.75 6.57 -30.41
N GLU A 443 21.52 6.54 -31.50
CA GLU A 443 22.98 6.51 -31.42
C GLU A 443 23.54 7.76 -32.09
N PRO A 444 24.07 8.72 -31.33
CA PRO A 444 24.54 9.96 -31.98
C PRO A 444 25.66 9.76 -32.99
N VAL A 445 26.54 8.78 -32.80
CA VAL A 445 27.66 8.56 -33.71
C VAL A 445 27.13 7.84 -34.96
N PHE A 446 27.20 8.52 -36.09
CA PHE A 446 26.59 8.01 -37.31
C PHE A 446 27.19 6.66 -37.69
N PRO A 447 26.36 5.64 -37.94
CA PRO A 447 26.90 4.34 -38.35
C PRO A 447 27.65 4.44 -39.65
N GLY A 448 28.81 3.78 -39.71
CA GLY A 448 29.66 3.80 -40.88
C GLY A 448 30.70 4.91 -40.89
N LEU A 449 30.74 5.74 -39.85
CA LEU A 449 31.78 6.75 -39.73
C LEU A 449 33.04 6.12 -39.16
N GLU A 450 34.16 6.34 -39.83
CA GLU A 450 35.43 5.74 -39.39
C GLU A 450 35.78 6.22 -38.00
N LYS A 451 36.41 5.33 -37.23
CA LYS A 451 36.72 5.59 -35.82
C LYS A 451 37.47 6.91 -35.63
N GLN A 452 38.36 7.26 -36.55
CA GLN A 452 39.16 8.46 -36.40
C GLN A 452 38.30 9.72 -36.30
N TYR A 453 37.10 9.69 -36.88
CA TYR A 453 36.22 10.86 -36.93
C TYR A 453 35.21 10.92 -35.80
N HIS A 454 35.17 9.92 -34.92
CA HIS A 454 34.13 9.89 -33.90
C HIS A 454 34.18 11.12 -33.00
N SER A 455 35.37 11.66 -32.77
CA SER A 455 35.51 12.80 -31.85
C SER A 455 34.80 14.04 -32.36
N ARG A 456 34.46 14.09 -33.65
CA ARG A 456 33.75 15.25 -34.19
C ARG A 456 32.27 15.23 -33.89
N VAL A 457 31.72 14.10 -33.44
CA VAL A 457 30.34 14.02 -32.99
C VAL A 457 30.32 14.40 -31.52
N LYS A 458 29.96 15.65 -31.24
CA LYS A 458 30.06 16.17 -29.88
C LYS A 458 28.86 15.81 -29.01
N GLY A 459 27.78 15.31 -29.60
CA GLY A 459 26.64 14.89 -28.81
C GLY A 459 25.36 14.98 -29.63
N LEU A 460 24.27 15.30 -28.92
CA LEU A 460 22.94 15.24 -29.49
C LEU A 460 22.10 16.41 -28.98
N GLY A 461 20.99 16.64 -29.68
CA GLY A 461 19.99 17.59 -29.22
C GLY A 461 18.60 17.07 -29.48
N ALA A 462 17.72 17.18 -28.48
CA ALA A 462 16.31 16.84 -28.62
C ALA A 462 15.51 18.14 -28.71
N GLN A 463 14.57 18.19 -29.63
CA GLN A 463 13.90 19.42 -30.01
C GLN A 463 12.43 19.37 -29.61
N VAL A 464 11.97 20.41 -28.91
CA VAL A 464 10.56 20.55 -28.59
C VAL A 464 9.99 21.73 -29.38
N TRP A 465 9.54 21.48 -30.59
CA TRP A 465 8.86 22.49 -31.38
C TRP A 465 7.43 22.66 -30.88
N THR A 466 6.95 23.91 -30.88
CA THR A 466 5.72 24.26 -30.18
C THR A 466 4.65 24.84 -31.10
N GLU A 467 4.59 24.41 -32.36
CA GLU A 467 3.45 24.79 -33.19
C GLU A 467 2.13 24.40 -32.52
N TRP A 468 2.08 23.21 -31.92
CA TRP A 468 0.86 22.63 -31.38
C TRP A 468 0.97 22.42 -29.88
N ILE A 469 1.75 23.27 -29.20
CA ILE A 469 1.96 23.21 -27.77
C ILE A 469 1.78 24.62 -27.23
N SER A 470 0.68 24.86 -26.50
CA SER A 470 0.35 26.18 -26.02
C SER A 470 0.36 26.34 -24.50
N THR A 471 0.57 25.26 -23.75
CA THR A 471 0.57 25.31 -22.30
C THR A 471 1.75 24.53 -21.75
N PRO A 472 2.18 24.83 -20.53
CA PRO A 472 3.29 24.05 -19.94
C PRO A 472 2.95 22.57 -19.77
N GLU A 473 1.68 22.26 -19.47
CA GLU A 473 1.30 20.87 -19.29
C GLU A 473 1.41 20.09 -20.60
N ARG A 474 1.02 20.71 -21.72
CA ARG A 474 1.21 20.06 -23.01
C ARG A 474 2.69 19.99 -23.39
N LEU A 475 3.47 20.99 -22.98
CA LEU A 475 4.91 20.93 -23.20
C LEU A 475 5.51 19.74 -22.46
N HIS A 476 5.09 19.53 -21.21
CA HIS A 476 5.57 18.38 -20.44
C HIS A 476 5.18 17.07 -21.11
N TYR A 477 3.94 16.98 -21.60
CA TYR A 477 3.47 15.75 -22.20
C TYR A 477 4.36 15.35 -23.38
N GLN A 478 4.75 16.32 -24.20
CA GLN A 478 5.57 16.00 -25.38
C GLN A 478 7.02 15.73 -25.01
N ALA A 479 7.57 16.47 -24.05
CA ALA A 479 9.00 16.41 -23.78
C ALA A 479 9.39 15.27 -22.85
N PHE A 480 8.49 14.85 -21.96
CA PHE A 480 8.83 13.82 -20.98
C PHE A 480 7.82 12.68 -21.11
N PRO A 481 8.26 11.41 -20.97
CA PRO A 481 9.59 11.00 -20.51
C PRO A 481 10.68 10.78 -21.57
N ARG A 482 10.43 11.15 -22.83
CA ARG A 482 11.45 10.89 -23.85
C ARG A 482 12.72 11.69 -23.62
N ALA A 483 12.61 12.89 -23.05
CA ALA A 483 13.81 13.65 -22.72
C ALA A 483 14.68 12.89 -21.73
N CYS A 484 14.07 12.12 -20.82
CA CYS A 484 14.85 11.31 -19.89
C CYS A 484 15.73 10.31 -20.64
N ALA A 485 15.21 9.73 -21.72
CA ALA A 485 15.99 8.79 -22.50
C ALA A 485 17.17 9.47 -23.17
N PHE A 486 16.95 10.65 -23.76
CA PHE A 486 18.04 11.34 -24.43
C PHE A 486 19.11 11.78 -23.44
N ALA A 487 18.71 12.15 -22.23
CA ALA A 487 19.71 12.45 -21.20
C ALA A 487 20.64 11.27 -21.00
N GLU A 488 20.09 10.05 -20.99
CA GLU A 488 20.92 8.87 -20.77
C GLU A 488 21.75 8.53 -22.00
N VAL A 489 21.20 8.73 -23.19
CA VAL A 489 21.98 8.54 -24.41
C VAL A 489 23.21 9.45 -24.41
N GLY A 490 23.04 10.68 -23.93
CA GLY A 490 24.13 11.64 -23.96
C GLY A 490 25.20 11.37 -22.93
N TRP A 491 24.83 10.77 -21.80
CA TRP A 491 25.74 10.61 -20.66
C TRP A 491 26.27 9.18 -20.51
N THR A 492 25.39 8.18 -20.54
CA THR A 492 25.79 6.83 -20.14
C THR A 492 26.63 6.19 -21.25
N PRO A 493 27.66 5.43 -20.89
CA PRO A 493 28.43 4.73 -21.93
C PRO A 493 27.52 3.79 -22.72
N ALA A 494 27.85 3.64 -24.00
CA ALA A 494 27.01 2.82 -24.88
C ALA A 494 26.90 1.39 -24.38
N GLY A 495 27.98 0.87 -23.80
CA GLY A 495 27.97 -0.51 -23.32
C GLY A 495 27.12 -0.73 -22.10
N LYS A 496 26.84 0.32 -21.34
CA LYS A 496 26.05 0.22 -20.12
C LYS A 496 24.56 0.45 -20.36
N LYS A 497 24.16 0.78 -21.58
CA LYS A 497 22.75 1.06 -21.86
C LYS A 497 21.92 -0.21 -21.81
N ASP A 498 20.69 -0.07 -21.33
CA ASP A 498 19.83 -1.23 -21.04
C ASP A 498 18.40 -0.70 -20.91
N PHE A 499 17.60 -0.90 -21.96
CA PHE A 499 16.29 -0.26 -22.02
C PHE A 499 15.34 -0.86 -20.99
N PRO A 500 15.29 -2.19 -20.84
CA PRO A 500 14.44 -2.73 -19.75
C PRO A 500 14.79 -2.16 -18.39
N ASP A 501 16.09 -2.04 -18.08
CA ASP A 501 16.49 -1.45 -16.81
C ASP A 501 16.14 0.04 -16.76
N PHE A 502 16.34 0.74 -17.87
CA PHE A 502 15.97 2.14 -17.94
C PHE A 502 14.49 2.33 -17.63
N LYS A 503 13.64 1.45 -18.18
CA LYS A 503 12.21 1.58 -17.95
C LYS A 503 11.87 1.42 -16.47
N LYS A 504 12.60 0.55 -15.77
CA LYS A 504 12.39 0.41 -14.33
C LYS A 504 12.80 1.68 -13.59
N ARG A 505 13.99 2.20 -13.90
CA ARG A 505 14.45 3.42 -13.25
C ARG A 505 13.55 4.60 -13.58
N LEU A 506 12.97 4.62 -14.78
CA LEU A 506 12.08 5.70 -15.16
C LEU A 506 10.80 5.69 -14.33
N LYS A 507 10.33 4.50 -13.94
CA LYS A 507 9.15 4.43 -13.08
C LYS A 507 9.42 5.08 -11.74
N ALA A 508 10.61 4.88 -11.18
CA ALA A 508 10.99 5.57 -9.95
C ALA A 508 11.16 7.06 -10.18
N TYR A 509 11.88 7.44 -11.25
CA TYR A 509 12.09 8.85 -11.54
C TYR A 509 10.78 9.58 -11.73
N SER A 510 9.74 8.90 -12.23
CA SER A 510 8.47 9.57 -12.46
C SER A 510 7.84 10.05 -11.16
N GLU A 511 8.14 9.39 -10.04
CA GLU A 511 7.69 9.89 -8.74
C GLU A 511 8.20 11.31 -8.53
N ARG A 512 9.45 11.58 -8.92
CA ARG A 512 9.99 12.92 -8.78
C ARG A 512 9.30 13.90 -9.72
N MET A 513 9.08 13.49 -10.98
CA MET A 513 8.43 14.39 -11.93
C MET A 513 7.05 14.82 -11.44
N ASP A 514 6.31 13.91 -10.80
CA ASP A 514 5.03 14.28 -10.22
C ASP A 514 5.19 15.40 -9.20
N LEU A 515 6.06 15.18 -8.21
CA LEU A 515 6.20 16.15 -7.13
C LEU A 515 6.71 17.49 -7.64
N MET A 516 7.43 17.49 -8.75
CA MET A 516 7.97 18.72 -9.34
C MET A 516 7.01 19.38 -10.33
N GLY A 517 5.84 18.78 -10.54
CA GLY A 517 4.81 19.39 -11.37
C GLY A 517 4.91 19.11 -12.85
N ILE A 518 5.65 18.08 -13.26
CA ILE A 518 5.83 17.76 -14.67
C ILE A 518 4.74 16.80 -15.10
N LYS A 519 3.90 17.25 -16.04
CA LYS A 519 2.79 16.45 -16.55
C LYS A 519 3.26 15.59 -17.72
N PHE A 520 4.17 14.67 -17.41
CA PHE A 520 4.67 13.74 -18.41
C PHE A 520 3.56 12.81 -18.88
N ALA A 521 3.79 12.17 -20.02
CA ALA A 521 2.84 11.21 -20.58
C ALA A 521 2.82 9.95 -19.72
N ARG A 522 1.65 9.64 -19.14
CA ARG A 522 1.58 8.60 -18.12
C ARG A 522 1.59 7.18 -18.69
N ASN A 523 1.04 6.96 -19.87
CA ASN A 523 0.87 5.60 -20.36
C ASN A 523 2.14 5.02 -20.97
N VAL A 524 3.22 5.81 -21.06
CA VAL A 524 4.41 5.39 -21.78
C VAL A 524 5.48 4.69 -20.94
N ILE A 525 5.50 4.90 -19.62
CA ILE A 525 6.66 4.46 -18.83
C ILE A 525 6.71 2.94 -18.70
N SER A 526 5.60 2.32 -18.26
CA SER A 526 5.60 0.90 -17.90
C SER A 526 5.07 0.08 -19.06
N GLN A 527 5.95 -0.20 -20.00
CA GLN A 527 5.64 -0.92 -21.23
C GLN A 527 6.50 -2.17 -21.34
N ILE A 528 5.91 -3.26 -21.82
CA ILE A 528 6.65 -4.47 -22.17
C ILE A 528 6.81 -4.51 -23.68
N ASP A 529 8.04 -4.68 -24.14
CA ASP A 529 8.38 -4.69 -25.55
C ASP A 529 9.10 -5.97 -25.91
N LYS A 530 8.91 -6.41 -27.15
CA LYS A 530 9.52 -7.65 -27.62
C LYS A 530 11.03 -7.64 -27.42
N SER A 531 11.66 -6.49 -27.57
CA SER A 531 13.12 -6.40 -27.45
C SER A 531 13.60 -6.65 -26.02
N ASP A 532 12.71 -6.51 -25.04
CA ASP A 532 13.11 -6.79 -23.66
C ASP A 532 13.67 -8.20 -23.52
N PHE A 533 13.22 -9.13 -24.35
CA PHE A 533 13.55 -10.54 -24.20
C PHE A 533 14.46 -11.04 -25.33
N PHE A 534 15.16 -10.13 -26.01
CA PHE A 534 16.02 -10.54 -27.11
C PHE A 534 17.12 -11.47 -26.64
N ASN A 535 17.63 -11.27 -25.43
CA ASN A 535 18.69 -12.08 -24.86
C ASN A 535 18.18 -13.06 -23.82
N THR A 536 16.86 -13.21 -23.70
CA THR A 536 16.29 -14.11 -22.71
C THR A 536 16.06 -15.49 -23.31
N PRO A 537 16.30 -16.56 -22.55
CA PRO A 537 16.09 -17.91 -23.10
C PRO A 537 14.65 -18.11 -23.55
N ARG A 538 14.52 -18.77 -24.69
CA ARG A 538 13.24 -19.20 -25.23
C ARG A 538 13.05 -20.64 -24.80
N ILE A 539 11.99 -20.92 -24.05
CA ILE A 539 11.71 -22.29 -23.60
C ILE A 539 10.58 -22.93 -24.38
N GLY A 540 9.94 -22.20 -25.28
CA GLY A 540 8.87 -22.78 -26.06
C GLY A 540 8.14 -21.71 -26.86
N THR A 541 7.13 -22.18 -27.57
CA THR A 541 6.24 -21.32 -28.34
C THR A 541 4.86 -21.94 -28.29
N TRP A 542 3.88 -21.23 -28.83
CA TRP A 542 2.56 -21.79 -29.06
C TRP A 542 2.13 -21.46 -30.48
N THR A 543 1.34 -22.38 -31.04
CA THR A 543 0.86 -22.28 -32.41
C THR A 543 -0.61 -22.68 -32.41
N PRO A 544 -1.33 -22.47 -33.51
CA PRO A 544 -2.69 -23.02 -33.58
C PRO A 544 -2.73 -24.52 -33.34
N ALA A 545 -1.65 -25.23 -33.68
CA ALA A 545 -1.60 -26.67 -33.43
C ALA A 545 -1.53 -26.96 -31.93
N THR A 546 -0.59 -26.32 -31.21
CA THR A 546 -0.47 -26.61 -29.79
C THR A 546 -1.66 -26.10 -28.99
N LEU A 547 -2.45 -25.19 -29.56
CA LEU A 547 -3.63 -24.69 -28.86
C LEU A 547 -4.80 -25.67 -28.91
N THR A 548 -4.62 -26.84 -29.53
CA THR A 548 -5.59 -27.91 -29.40
C THR A 548 -5.55 -28.52 -28.01
N ARG A 549 -4.53 -28.17 -27.23
CA ARG A 549 -4.41 -28.52 -25.83
C ARG A 549 -4.35 -27.24 -25.01
N GLU A 550 -4.84 -27.32 -23.77
CA GLU A 550 -4.74 -26.21 -22.84
C GLU A 550 -3.69 -26.49 -21.78
N GLU A 551 -3.01 -27.62 -21.86
CA GLU A 551 -1.91 -28.01 -20.98
C GLU A 551 -0.63 -28.08 -21.81
N HIS A 552 0.37 -27.29 -21.44
CA HIS A 552 1.61 -27.20 -22.19
C HIS A 552 2.80 -27.32 -21.26
N SER A 553 3.78 -28.13 -21.66
CA SER A 553 4.97 -28.40 -20.87
C SER A 553 6.21 -27.88 -21.59
N PHE A 554 7.09 -27.25 -20.83
CA PHE A 554 8.35 -26.73 -21.36
C PHE A 554 9.47 -27.11 -20.41
N ASP A 555 10.49 -27.79 -20.94
CA ASP A 555 11.62 -28.19 -20.13
C ASP A 555 12.50 -26.99 -19.80
N VAL A 556 12.93 -26.91 -18.54
CA VAL A 556 13.83 -25.85 -18.10
C VAL A 556 14.92 -26.44 -17.20
N THR A 557 15.17 -27.75 -17.35
CA THR A 557 16.17 -28.41 -16.51
C THR A 557 17.52 -27.72 -16.62
N LYS A 558 17.97 -27.41 -17.83
CA LYS A 558 19.26 -26.77 -18.01
C LYS A 558 19.30 -25.34 -17.49
N LEU A 559 18.16 -24.75 -17.12
CA LEU A 559 18.12 -23.35 -16.74
C LEU A 559 17.89 -23.12 -15.25
N VAL A 560 17.41 -24.13 -14.52
CA VAL A 560 17.18 -23.99 -13.08
C VAL A 560 18.47 -24.38 -12.37
N LYS A 561 19.24 -23.37 -11.96
CA LYS A 561 20.53 -23.58 -11.33
C LYS A 561 20.59 -23.09 -9.89
N ALA A 562 19.58 -22.36 -9.43
CA ALA A 562 19.61 -21.78 -8.09
C ALA A 562 18.18 -21.50 -7.65
N SER A 563 17.98 -21.47 -6.34
CA SER A 563 16.69 -21.08 -5.79
C SER A 563 16.40 -19.63 -6.14
N GLY A 564 15.12 -19.28 -6.11
CA GLY A 564 14.71 -17.89 -6.24
C GLY A 564 13.62 -17.72 -7.27
N LYS A 565 13.33 -16.46 -7.56
CA LYS A 565 12.22 -16.08 -8.41
C LYS A 565 12.62 -16.25 -9.87
N HIS A 566 11.90 -17.10 -10.59
CA HIS A 566 12.06 -17.25 -12.04
C HIS A 566 10.80 -16.73 -12.71
N THR A 567 10.99 -15.93 -13.75
CA THR A 567 9.89 -15.26 -14.42
C THR A 567 9.62 -15.93 -15.77
N VAL A 568 8.37 -16.33 -15.98
CA VAL A 568 7.90 -16.87 -17.25
C VAL A 568 7.07 -15.79 -17.93
N THR A 569 7.43 -15.45 -19.17
CA THR A 569 6.69 -14.47 -19.95
C THR A 569 6.11 -15.15 -21.17
N LEU A 570 4.79 -15.05 -21.33
CA LEU A 570 4.09 -15.58 -22.49
C LEU A 570 3.77 -14.40 -23.40
N LEU A 571 4.55 -14.26 -24.47
CA LEU A 571 4.53 -13.06 -25.31
C LEU A 571 3.94 -13.39 -26.67
N TYR A 572 2.80 -12.77 -26.97
CA TYR A 572 2.15 -12.92 -28.25
C TYR A 572 3.02 -12.35 -29.37
N ASP A 573 3.08 -13.06 -30.50
CA ASP A 573 3.82 -12.60 -31.66
C ASP A 573 2.89 -12.16 -32.79
N LYS A 574 1.99 -13.02 -33.23
CA LYS A 574 1.10 -12.71 -34.34
C LYS A 574 -0.13 -13.60 -34.26
N GLY A 575 -1.09 -13.31 -35.13
CA GLY A 575 -2.29 -14.12 -35.21
C GLY A 575 -3.55 -13.33 -34.94
N ALA A 576 -4.70 -13.89 -35.31
CA ALA A 576 -5.96 -13.18 -35.13
C ALA A 576 -6.40 -13.14 -33.67
N HIS A 577 -5.97 -14.10 -32.85
CA HIS A 577 -6.50 -14.25 -31.52
C HIS A 577 -5.39 -14.18 -30.48
N ALA A 578 -5.76 -13.73 -29.29
CA ALA A 578 -4.89 -13.77 -28.12
C ALA A 578 -5.05 -15.12 -27.43
N ILE A 579 -4.27 -15.33 -26.38
CA ILE A 579 -4.43 -16.50 -25.51
C ILE A 579 -4.88 -16.01 -24.14
N GLU A 580 -5.74 -16.79 -23.51
CA GLU A 580 -6.13 -16.56 -22.12
C GLU A 580 -5.31 -17.50 -21.25
N ILE A 581 -4.64 -16.94 -20.25
CA ILE A 581 -3.71 -17.68 -19.41
C ILE A 581 -4.33 -17.85 -18.04
N GLU A 582 -4.40 -19.09 -17.57
CA GLU A 582 -4.97 -19.38 -16.26
C GLU A 582 -3.91 -19.46 -15.18
N SER A 583 -2.81 -20.17 -15.44
CA SER A 583 -1.75 -20.32 -14.45
C SER A 583 -0.50 -20.87 -15.12
N VAL A 584 0.63 -20.66 -14.46
CA VAL A 584 1.92 -21.23 -14.85
C VAL A 584 2.55 -21.83 -13.60
N ALA A 585 3.18 -22.98 -13.74
CA ALA A 585 3.67 -23.72 -12.60
C ALA A 585 5.05 -24.31 -12.91
N LEU A 586 5.79 -24.60 -11.85
CA LEU A 586 7.10 -25.24 -11.94
C LEU A 586 7.00 -26.63 -11.32
N TYR A 587 7.54 -27.63 -12.02
CA TYR A 587 7.53 -29.01 -11.55
C TYR A 587 8.96 -29.47 -11.31
N GLU A 588 9.17 -30.12 -10.18
CA GLU A 588 10.42 -30.81 -9.87
C GLU A 588 10.16 -32.30 -10.11
N ASN A 589 10.82 -32.85 -11.11
CA ASN A 589 10.47 -34.17 -11.66
C ASN A 589 9.00 -34.10 -12.06
N SER A 590 8.11 -34.87 -11.45
CA SER A 590 6.70 -34.90 -11.84
C SER A 590 5.78 -34.33 -10.78
N ARG A 591 6.31 -33.50 -9.88
CA ARG A 591 5.53 -32.97 -8.77
C ARG A 591 5.67 -31.46 -8.71
N GLU A 592 4.55 -30.79 -8.44
CA GLU A 592 4.50 -29.33 -8.43
C GLU A 592 5.23 -28.76 -7.22
N VAL A 593 6.05 -27.76 -7.46
CA VAL A 593 6.75 -27.05 -6.38
C VAL A 593 6.41 -25.57 -6.34
N SER A 594 5.72 -25.04 -7.35
CA SER A 594 5.34 -23.63 -7.36
C SER A 594 4.31 -23.40 -8.45
N ARG A 595 3.39 -22.48 -8.19
CA ARG A 595 2.36 -22.14 -9.16
C ARG A 595 1.94 -20.70 -8.98
N ASP A 596 1.85 -19.97 -10.09
CA ASP A 596 1.36 -18.59 -10.11
C ASP A 596 0.05 -18.63 -10.90
N ALA A 597 -1.06 -18.59 -10.20
CA ALA A 597 -2.38 -18.66 -10.79
C ALA A 597 -3.01 -17.28 -10.75
N HIS A 598 -2.97 -16.59 -11.88
CA HIS A 598 -3.68 -15.33 -12.05
C HIS A 598 -4.08 -15.22 -13.51
N ALA A 599 -5.20 -14.54 -13.76
CA ALA A 599 -5.70 -14.44 -15.11
C ALA A 599 -4.79 -13.55 -15.94
N GLY A 600 -4.44 -14.02 -17.14
CA GLY A 600 -3.63 -13.24 -18.04
C GLY A 600 -4.17 -13.31 -19.45
N ARG A 601 -3.84 -12.29 -20.23
CA ARG A 601 -4.25 -12.22 -21.63
C ARG A 601 -3.08 -11.66 -22.44
N SER A 602 -2.55 -12.48 -23.34
CA SER A 602 -1.42 -12.10 -24.19
C SER A 602 -1.89 -12.02 -25.63
N GLY A 603 -2.01 -10.81 -26.15
CA GLY A 603 -2.39 -10.59 -27.53
C GLY A 603 -1.79 -9.29 -28.02
N ALA A 604 -2.53 -8.61 -28.88
CA ALA A 604 -2.14 -7.25 -29.29
C ALA A 604 -1.82 -6.41 -28.06
N HIS A 605 -2.69 -6.46 -27.06
CA HIS A 605 -2.42 -5.89 -25.76
C HIS A 605 -1.94 -6.98 -24.82
N LYS A 606 -1.11 -6.59 -23.86
CA LYS A 606 -0.50 -7.53 -22.92
C LYS A 606 -0.95 -7.11 -21.53
N GLU A 607 -1.67 -8.00 -20.85
CA GLU A 607 -2.12 -7.77 -19.48
C GLU A 607 -1.77 -8.99 -18.63
N ASN A 608 -0.87 -8.79 -17.68
CA ASN A 608 -0.51 -9.81 -16.70
C ASN A 608 0.02 -11.07 -17.38
N ILE A 609 0.99 -10.87 -18.29
CA ILE A 609 1.55 -11.99 -19.04
C ILE A 609 2.81 -12.55 -18.41
N GLN A 610 3.20 -12.04 -17.24
CA GLN A 610 4.41 -12.48 -16.56
C GLN A 610 4.03 -13.22 -15.28
N TYR A 611 4.58 -14.42 -15.12
CA TYR A 611 4.22 -15.31 -14.02
C TYR A 611 5.48 -15.63 -13.23
N ILE A 612 5.38 -15.53 -11.91
CA ILE A 612 6.52 -15.64 -11.02
C ILE A 612 6.48 -16.99 -10.34
N LEU A 613 7.56 -17.77 -10.49
CA LEU A 613 7.68 -19.10 -9.93
C LEU A 613 8.80 -19.12 -8.90
N ASN A 614 8.54 -19.76 -7.76
CA ASN A 614 9.53 -19.89 -6.70
C ASN A 614 10.23 -21.23 -6.87
N ALA A 615 11.43 -21.20 -7.44
CA ALA A 615 12.20 -22.42 -7.56
C ALA A 615 12.88 -22.75 -6.24
N PRO A 616 12.90 -24.01 -5.84
CA PRO A 616 13.74 -24.41 -4.70
C PRO A 616 15.19 -24.53 -5.16
N ALA A 617 16.08 -24.66 -4.19
CA ALA A 617 17.46 -25.03 -4.52
C ALA A 617 17.42 -26.31 -5.35
N PRO A 618 18.06 -26.35 -6.51
CA PRO A 618 17.84 -27.48 -7.42
C PRO A 618 18.27 -28.80 -6.79
N ARG A 619 17.50 -29.85 -7.09
CA ARG A 619 17.86 -31.21 -6.70
C ARG A 619 18.72 -31.81 -7.80
N GLN A 620 19.92 -32.23 -7.44
CA GLN A 620 20.84 -32.82 -8.41
C GLN A 620 20.19 -33.99 -9.14
N GLY A 621 20.33 -33.99 -10.46
CA GLY A 621 19.82 -35.06 -11.28
C GLY A 621 18.35 -34.99 -11.61
N ALA A 622 17.62 -34.04 -11.02
CA ALA A 622 16.20 -33.93 -11.27
C ALA A 622 15.93 -33.11 -12.54
N THR A 623 14.73 -33.30 -13.09
CA THR A 623 14.25 -32.50 -14.19
C THR A 623 13.36 -31.38 -13.66
N TYR A 624 13.31 -30.28 -14.40
CA TYR A 624 12.44 -29.15 -14.06
C TYR A 624 11.64 -28.77 -15.29
N THR A 625 10.34 -28.58 -15.09
CA THR A 625 9.40 -28.36 -16.19
C THR A 625 8.49 -27.20 -15.83
N VAL A 626 8.32 -26.27 -16.77
CA VAL A 626 7.29 -25.24 -16.65
C VAL A 626 6.05 -25.76 -17.35
N LYS A 627 4.93 -25.74 -16.63
CA LYS A 627 3.64 -26.15 -17.17
C LYS A 627 2.74 -24.93 -17.16
N ALA A 628 2.24 -24.54 -18.33
CA ALA A 628 1.43 -23.35 -18.50
C ALA A 628 0.05 -23.77 -18.97
N ASN A 629 -0.97 -23.25 -18.31
CA ASN A 629 -2.36 -23.56 -18.62
C ASN A 629 -2.92 -22.37 -19.38
N PHE A 630 -3.11 -22.52 -20.69
CA PHE A 630 -3.64 -21.41 -21.49
C PHE A 630 -4.37 -21.94 -22.71
N LYS A 631 -5.31 -21.13 -23.19
CA LYS A 631 -6.12 -21.47 -24.36
C LYS A 631 -6.26 -20.25 -25.26
N GLY A 632 -6.66 -20.50 -26.50
CA GLY A 632 -6.94 -19.41 -27.42
C GLY A 632 -8.19 -18.65 -27.00
N ALA A 633 -8.15 -17.33 -27.20
CA ALA A 633 -9.24 -16.44 -26.83
C ALA A 633 -10.14 -16.22 -28.05
N GLY A 634 -11.26 -16.93 -28.09
CA GLY A 634 -12.18 -16.84 -29.21
C GLY A 634 -11.68 -17.44 -30.50
N GLY A 635 -10.55 -18.13 -30.48
CA GLY A 635 -10.01 -18.75 -31.67
C GLY A 635 -8.63 -19.30 -31.39
N ARG A 636 -8.06 -19.94 -32.40
CA ARG A 636 -6.80 -20.65 -32.26
C ARG A 636 -5.72 -20.13 -33.20
N ASP A 637 -6.00 -19.10 -34.00
CA ASP A 637 -4.99 -18.50 -34.85
C ASP A 637 -4.16 -17.56 -33.98
N SER A 638 -3.17 -18.14 -33.30
CA SER A 638 -2.34 -17.40 -32.37
C SER A 638 -0.95 -17.99 -32.36
N HIS A 639 0.06 -17.12 -32.32
CA HIS A 639 1.46 -17.51 -32.23
C HIS A 639 2.13 -16.68 -31.15
N GLY A 640 3.02 -17.31 -30.39
CA GLY A 640 3.72 -16.59 -29.34
C GLY A 640 4.92 -17.38 -28.84
N THR A 641 5.70 -16.70 -28.00
CA THR A 641 6.94 -17.24 -27.46
C THR A 641 6.89 -17.21 -25.95
N VAL A 642 7.48 -18.22 -25.32
CA VAL A 642 7.56 -18.33 -23.86
C VAL A 642 9.01 -18.11 -23.45
N TYR A 643 9.24 -17.14 -22.58
CA TYR A 643 10.57 -16.78 -22.10
C TYR A 643 10.72 -17.17 -20.63
N PHE A 644 11.98 -17.30 -20.21
CA PHE A 644 12.30 -17.79 -18.87
C PHE A 644 13.50 -17.03 -18.34
N GLU A 645 13.28 -16.19 -17.32
CA GLU A 645 14.31 -15.35 -16.74
C GLU A 645 14.68 -15.87 -15.35
N THR A 646 15.99 -16.05 -15.12
CA THR A 646 16.48 -16.49 -13.82
C THR A 646 16.69 -15.29 -12.91
N PRO A 647 16.84 -15.51 -11.59
CA PRO A 647 16.97 -14.37 -10.66
C PRO A 647 18.30 -13.63 -10.78
N GLN B 2 -1.90 -9.22 18.61
CA GLN B 2 -1.30 -10.34 17.91
C GLN B 2 -0.52 -11.24 18.86
N GLU B 3 -0.94 -12.49 18.96
CA GLU B 3 -0.22 -13.54 19.65
C GLU B 3 0.21 -14.52 18.56
N GLN B 4 1.50 -14.47 18.18
CA GLN B 4 1.95 -15.18 17.00
C GLN B 4 3.15 -16.08 17.26
N ILE B 5 3.45 -16.41 18.50
CA ILE B 5 4.67 -17.16 18.80
C ILE B 5 4.53 -18.58 18.28
N ILE B 6 5.61 -19.12 17.72
CA ILE B 6 5.72 -20.54 17.42
C ILE B 6 6.88 -21.08 18.25
N PRO B 7 6.67 -22.13 19.06
CA PRO B 7 5.42 -22.86 19.30
C PRO B 7 4.45 -22.07 20.17
N LYS B 8 3.15 -22.29 19.97
CA LYS B 8 2.13 -21.61 20.76
C LYS B 8 2.36 -21.85 22.26
N PRO B 9 2.40 -20.80 23.08
CA PRO B 9 2.62 -21.00 24.51
C PRO B 9 1.49 -21.81 25.16
N ALA B 10 1.80 -22.33 26.35
CA ALA B 10 0.83 -23.17 27.06
C ALA B 10 -0.31 -22.34 27.64
N GLU B 11 0.02 -21.19 28.23
CA GLU B 11 -0.96 -20.33 28.87
C GLU B 11 -0.63 -18.88 28.56
N ILE B 12 -1.64 -18.11 28.18
CA ILE B 12 -1.47 -16.69 27.92
C ILE B 12 -2.73 -15.96 28.37
N THR B 13 -2.53 -14.78 28.95
CA THR B 13 -3.63 -13.90 29.34
C THR B 13 -3.30 -12.50 28.86
N LEU B 14 -4.21 -11.91 28.09
CA LEU B 14 -4.02 -10.59 27.52
C LEU B 14 -4.75 -9.55 28.35
N PHE B 15 -4.19 -8.34 28.39
CA PHE B 15 -4.77 -7.22 29.10
C PHE B 15 -4.92 -6.05 28.13
N THR B 16 -5.79 -5.11 28.50
CA THR B 16 -5.96 -3.90 27.71
C THR B 16 -4.89 -2.89 28.06
N GLY B 17 -4.55 -2.04 27.10
CA GLY B 17 -3.64 -0.94 27.31
C GLY B 17 -2.43 -1.01 26.38
N SER B 18 -1.44 -0.15 26.67
CA SER B 18 -0.25 -0.02 25.86
C SER B 18 0.78 -1.09 26.24
N PRO B 19 1.56 -1.57 25.28
CA PRO B 19 2.56 -2.61 25.57
C PRO B 19 3.84 -2.02 26.16
N ALA B 20 4.64 -2.92 26.72
CA ALA B 20 6.00 -2.56 27.13
C ALA B 20 6.83 -2.21 25.89
N ARG B 21 7.72 -1.25 26.06
CA ARG B 21 8.59 -0.82 24.97
C ARG B 21 10.00 -0.63 25.48
N LEU B 22 10.97 -1.20 24.77
CA LEU B 22 12.38 -1.02 25.07
C LEU B 22 12.90 0.23 24.39
N THR B 23 13.68 1.02 25.13
CA THR B 23 14.26 2.26 24.65
C THR B 23 15.74 2.28 24.96
N PRO B 24 16.46 3.29 24.48
CA PRO B 24 17.90 3.36 24.77
C PRO B 24 18.23 3.47 26.26
N ASP B 25 17.26 3.79 27.12
CA ASP B 25 17.49 3.86 28.55
C ASP B 25 17.10 2.57 29.27
N SER B 26 16.63 1.56 28.55
CA SER B 26 16.22 0.32 29.20
C SER B 26 17.44 -0.45 29.70
N LEU B 27 17.29 -1.10 30.86
CA LEU B 27 18.34 -1.88 31.48
C LEU B 27 17.89 -3.31 31.66
N ILE B 28 18.86 -4.21 31.87
CA ILE B 28 18.58 -5.59 32.20
C ILE B 28 19.05 -5.82 33.64
N ILE B 29 18.08 -6.04 34.54
CA ILE B 29 18.33 -6.22 35.96
C ILE B 29 18.19 -7.70 36.31
N THR B 30 19.15 -8.23 37.06
CA THR B 30 19.13 -9.60 37.53
C THR B 30 18.91 -9.60 39.03
N GLU B 31 17.76 -10.11 39.47
CA GLU B 31 17.42 -10.19 40.89
C GLU B 31 17.78 -11.55 41.48
N THR B 32 18.95 -12.07 41.13
CA THR B 32 19.49 -13.28 41.74
C THR B 32 20.99 -13.29 41.53
N GLN B 33 21.70 -13.96 42.43
CA GLN B 33 23.13 -14.15 42.32
C GLN B 33 23.51 -15.55 41.86
N ASP B 34 22.53 -16.38 41.52
CA ASP B 34 22.81 -17.68 40.92
C ASP B 34 23.68 -17.47 39.69
N LYS B 35 24.88 -18.06 39.72
CA LYS B 35 25.85 -17.80 38.65
C LYS B 35 25.32 -18.26 37.30
N ALA B 36 24.43 -19.25 37.29
CA ALA B 36 23.86 -19.73 36.04
C ALA B 36 22.89 -18.73 35.44
N PHE B 37 22.11 -18.04 36.29
CA PHE B 37 21.23 -17.00 35.78
C PHE B 37 22.03 -15.79 35.30
N LEU B 38 23.08 -15.42 36.04
CA LEU B 38 23.92 -14.31 35.63
C LEU B 38 24.59 -14.58 34.29
N ASP B 39 24.97 -15.84 34.04
CA ASP B 39 25.52 -16.18 32.73
C ASP B 39 24.44 -16.06 31.66
N GLN B 40 23.23 -16.53 31.96
CA GLN B 40 22.13 -16.43 31.01
C GLN B 40 21.79 -14.98 30.72
N ALA B 41 21.85 -14.12 31.74
CA ALA B 41 21.55 -12.70 31.54
C ALA B 41 22.60 -12.04 30.65
N GLY B 42 23.86 -12.47 30.77
CA GLY B 42 24.89 -11.93 29.90
C GLY B 42 24.63 -12.27 28.44
N GLN B 43 24.14 -13.49 28.19
CA GLN B 43 23.81 -13.87 26.83
C GLN B 43 22.56 -13.16 26.33
N LEU B 44 21.58 -12.95 27.22
CA LEU B 44 20.39 -12.19 26.85
C LEU B 44 20.76 -10.77 26.47
N GLN B 45 21.67 -10.15 27.21
CA GLN B 45 22.07 -8.78 26.90
C GLN B 45 22.71 -8.68 25.53
N GLN B 46 23.69 -9.54 25.24
CA GLN B 46 24.36 -9.48 23.94
C GLN B 46 23.37 -9.74 22.80
N MET B 47 22.50 -10.73 22.96
CA MET B 47 21.58 -11.09 21.89
C MET B 47 20.55 -9.99 21.64
N LEU B 48 19.97 -9.45 22.72
CA LEU B 48 18.97 -8.39 22.56
C LEU B 48 19.61 -7.07 22.13
N SER B 49 20.83 -6.79 22.62
CA SER B 49 21.49 -5.54 22.25
C SER B 49 21.78 -5.50 20.76
N ALA B 50 22.32 -6.59 20.21
CA ALA B 50 22.68 -6.61 18.80
C ALA B 50 21.44 -6.52 17.91
N GLY B 51 20.36 -7.20 18.28
CA GLY B 51 19.19 -7.27 17.44
C GLY B 51 18.38 -5.98 17.44
N THR B 52 18.31 -5.32 18.58
CA THR B 52 17.53 -4.08 18.69
C THR B 52 18.37 -2.83 18.42
N GLY B 53 19.70 -2.93 18.52
CA GLY B 53 20.54 -1.77 18.46
C GLY B 53 20.55 -0.92 19.71
N LEU B 54 19.84 -1.35 20.76
CA LEU B 54 19.76 -0.63 22.03
C LEU B 54 20.90 -1.06 22.94
N PRO B 55 21.45 -0.15 23.75
CA PRO B 55 22.53 -0.56 24.66
C PRO B 55 22.11 -1.66 25.62
N LEU B 56 21.01 -1.48 26.36
CA LEU B 56 20.48 -2.48 27.27
C LEU B 56 21.58 -3.05 28.15
N PRO B 57 22.18 -2.24 29.02
CA PRO B 57 23.28 -2.73 29.86
C PRO B 57 22.81 -3.52 31.07
N LEU B 58 23.67 -4.43 31.52
CA LEU B 58 23.47 -5.14 32.77
C LEU B 58 23.82 -4.22 33.93
N LYS B 59 22.88 -4.04 34.86
CA LYS B 59 23.02 -3.15 36.00
C LYS B 59 22.56 -3.82 37.27
N PRO B 60 23.00 -3.33 38.43
CA PRO B 60 22.54 -3.91 39.70
C PRO B 60 21.10 -3.49 39.97
N ALA B 61 20.44 -4.26 40.84
CA ALA B 61 19.02 -4.02 41.10
C ALA B 61 18.74 -2.57 41.50
N GLY B 62 19.58 -1.97 42.34
CA GLY B 62 19.32 -0.62 42.79
C GLY B 62 19.42 0.44 41.71
N GLN B 63 20.08 0.12 40.59
CA GLN B 63 20.22 1.04 39.47
C GLN B 63 18.89 1.24 38.73
N ALA B 64 17.92 0.37 38.96
CA ALA B 64 16.63 0.37 38.28
C ALA B 64 15.92 1.72 38.33
N SER B 65 15.74 2.32 37.15
CA SER B 65 15.04 3.59 37.00
C SER B 65 13.70 3.37 36.28
N LYS B 66 12.68 4.09 36.72
CA LYS B 66 11.37 4.05 36.06
C LYS B 66 11.34 4.86 34.77
N LYS B 67 12.45 5.50 34.41
CA LYS B 67 12.53 6.24 33.16
C LYS B 67 12.09 5.41 31.97
N ALA B 68 12.55 4.16 31.90
CA ALA B 68 12.24 3.28 30.79
C ALA B 68 11.82 1.91 31.31
N ALA B 69 11.15 1.15 30.45
CA ALA B 69 10.82 -0.23 30.79
C ALA B 69 12.09 -1.06 30.79
N CYS B 70 12.24 -1.90 31.79
CA CYS B 70 13.43 -2.72 31.94
C CYS B 70 13.07 -4.20 31.99
N ILE B 71 14.02 -5.03 31.60
CA ILE B 71 13.88 -6.48 31.69
C ILE B 71 14.50 -6.91 33.02
N VAL B 72 13.71 -7.57 33.86
CA VAL B 72 14.16 -8.03 35.16
C VAL B 72 14.11 -9.56 35.17
N ILE B 73 15.22 -10.18 35.54
CA ILE B 73 15.36 -11.63 35.48
C ILE B 73 15.24 -12.15 36.91
N LYS B 74 14.22 -12.99 37.14
CA LYS B 74 13.94 -13.54 38.46
C LYS B 74 14.19 -15.05 38.45
N LYS B 75 14.60 -15.56 39.62
CA LYS B 75 14.66 -17.00 39.85
C LYS B 75 13.48 -17.34 40.74
N ASP B 76 12.49 -18.02 40.15
CA ASP B 76 11.22 -18.30 40.83
C ASP B 76 10.93 -19.80 40.80
N PRO B 77 10.86 -20.46 41.96
CA PRO B 77 10.61 -21.92 41.97
C PRO B 77 9.16 -22.33 41.74
N ALA B 78 8.24 -21.39 41.54
CA ALA B 78 6.83 -21.75 41.43
C ALA B 78 6.56 -22.72 40.28
N LEU B 79 7.28 -22.57 39.16
CA LEU B 79 7.04 -23.42 38.00
C LEU B 79 7.90 -24.69 37.99
N ALA B 80 8.63 -24.96 39.08
CA ALA B 80 9.53 -26.11 39.08
C ALA B 80 8.79 -27.41 38.73
N ALA B 81 7.51 -27.50 39.09
CA ALA B 81 6.74 -28.69 38.77
C ALA B 81 6.64 -28.93 37.27
N ARG B 82 6.84 -27.88 36.46
CA ARG B 82 6.71 -27.99 35.01
C ARG B 82 8.03 -28.32 34.31
N GLY B 83 9.11 -28.49 35.05
CA GLY B 83 10.38 -28.86 34.47
C GLY B 83 11.33 -27.68 34.37
N GLU B 84 12.58 -28.00 34.03
CA GLU B 84 13.61 -26.97 33.94
C GLU B 84 13.42 -26.02 32.77
N GLU B 85 12.53 -26.34 31.84
CA GLU B 85 12.31 -25.52 30.65
C GLU B 85 11.14 -24.55 30.79
N ALA B 86 10.40 -24.61 31.90
CA ALA B 86 9.25 -23.73 32.09
C ALA B 86 9.71 -22.32 32.44
N TYR B 87 8.88 -21.34 32.06
CA TYR B 87 9.18 -19.95 32.34
C TYR B 87 7.87 -19.17 32.34
N SER B 88 7.95 -17.91 32.79
CA SER B 88 6.83 -17.00 32.77
C SER B 88 7.31 -15.64 32.30
N ILE B 89 6.43 -14.92 31.60
CA ILE B 89 6.70 -13.56 31.15
C ILE B 89 5.55 -12.67 31.62
N GLN B 90 5.89 -11.59 32.31
CA GLN B 90 4.94 -10.56 32.69
C GLN B 90 5.43 -9.25 32.07
N SER B 91 4.64 -8.71 31.15
CA SER B 91 5.05 -7.55 30.36
C SER B 91 4.01 -6.46 30.47
N SER B 92 4.46 -5.27 30.85
CA SER B 92 3.63 -4.07 30.85
C SER B 92 4.56 -2.87 30.77
N PRO B 93 4.02 -1.68 30.53
CA PRO B 93 4.88 -0.49 30.49
C PRO B 93 5.74 -0.33 31.73
N SER B 94 5.32 -0.95 32.84
CA SER B 94 6.09 -0.85 34.08
C SER B 94 7.41 -1.59 33.96
N GLY B 95 7.40 -2.80 33.39
CA GLY B 95 8.61 -3.58 33.27
C GLY B 95 8.32 -4.90 32.60
N ILE B 96 9.39 -5.57 32.19
CA ILE B 96 9.33 -6.90 31.58
C ILE B 96 10.00 -7.86 32.54
N ILE B 97 9.22 -8.82 33.06
CA ILE B 97 9.69 -9.75 34.08
C ILE B 97 9.83 -11.13 33.46
N LEU B 98 11.04 -11.67 33.50
CA LEU B 98 11.34 -13.03 33.05
C LEU B 98 11.67 -13.86 34.28
N SER B 99 10.85 -14.87 34.58
CA SER B 99 11.04 -15.71 35.73
C SER B 99 11.18 -17.17 35.31
N ALA B 100 11.98 -17.92 36.05
CA ALA B 100 12.15 -19.35 35.79
C ALA B 100 12.77 -20.01 37.00
N ALA B 101 12.43 -21.28 37.20
CA ALA B 101 13.05 -22.06 38.27
C ALA B 101 14.48 -22.45 37.92
N ASP B 102 14.76 -22.63 36.63
CA ASP B 102 16.08 -22.99 36.14
C ASP B 102 16.49 -22.02 35.04
N ALA B 103 17.80 -21.81 34.91
CA ALA B 103 18.30 -20.83 33.95
C ALA B 103 17.84 -21.17 32.53
N ARG B 104 17.63 -22.45 32.23
CA ARG B 104 17.14 -22.83 30.91
C ARG B 104 15.85 -22.11 30.57
N GLY B 105 14.95 -21.98 31.55
CA GLY B 105 13.69 -21.30 31.30
C GLY B 105 13.89 -19.86 30.86
N ILE B 106 14.91 -19.20 31.42
CA ILE B 106 15.15 -17.80 31.06
C ILE B 106 15.47 -17.67 29.58
N PHE B 107 16.27 -18.59 29.05
CA PHE B 107 16.63 -18.53 27.64
C PHE B 107 15.41 -18.60 26.74
N TYR B 108 14.50 -19.54 27.03
CA TYR B 108 13.29 -19.67 26.22
C TYR B 108 12.39 -18.44 26.39
N ALA B 109 12.36 -17.84 27.57
CA ALA B 109 11.65 -16.58 27.73
C ALA B 109 12.23 -15.51 26.80
N GLY B 110 13.55 -15.53 26.60
CA GLY B 110 14.16 -14.59 25.68
C GLY B 110 13.81 -14.88 24.23
N GLN B 111 13.66 -16.16 23.88
CA GLN B 111 13.27 -16.50 22.51
C GLN B 111 11.83 -16.07 22.23
N SER B 112 10.93 -16.26 23.19
CA SER B 112 9.57 -15.75 23.04
C SER B 112 9.56 -14.24 22.90
N LEU B 113 10.38 -13.56 23.72
CA LEU B 113 10.49 -12.11 23.64
C LEU B 113 10.83 -11.65 22.23
N VAL B 114 11.80 -12.32 21.60
CA VAL B 114 12.20 -11.96 20.24
C VAL B 114 11.02 -12.12 19.28
N GLN B 115 10.29 -13.23 19.39
CA GLN B 115 9.20 -13.48 18.47
C GLN B 115 8.03 -12.51 18.67
N MET B 116 8.04 -11.73 19.74
CA MET B 116 7.03 -10.71 19.97
C MET B 116 7.49 -9.31 19.59
N MET B 117 8.68 -9.19 19.02
CA MET B 117 9.23 -7.90 18.59
C MET B 117 9.31 -7.85 17.06
N PRO B 118 9.48 -6.65 16.50
CA PRO B 118 9.57 -6.53 15.04
C PRO B 118 10.65 -7.42 14.44
N SER B 119 10.36 -7.95 13.25
CA SER B 119 11.23 -8.92 12.61
C SER B 119 12.58 -8.35 12.20
N VAL B 120 12.69 -7.03 12.04
CA VAL B 120 13.97 -6.42 11.70
C VAL B 120 15.03 -6.72 12.76
N PHE B 121 14.62 -7.22 13.93
CA PHE B 121 15.57 -7.73 14.91
C PHE B 121 16.60 -8.65 14.27
N HIS B 122 16.16 -9.48 13.31
CA HIS B 122 17.03 -10.48 12.69
C HIS B 122 17.85 -9.95 11.53
N ASP B 123 17.55 -8.74 11.03
CA ASP B 123 18.33 -8.18 9.94
C ASP B 123 19.64 -7.62 10.52
N ARG B 124 20.77 -8.20 10.11
CA ARG B 124 22.07 -7.79 10.63
C ARG B 124 22.47 -6.42 10.09
N THR B 125 21.91 -6.02 8.97
CA THR B 125 22.04 -4.68 8.42
C THR B 125 20.66 -4.06 8.64
N GLY B 126 20.35 -3.00 7.92
CA GLY B 126 19.04 -2.42 8.02
C GLY B 126 18.92 -1.44 9.16
N ASP B 127 17.87 -0.63 9.09
CA ASP B 127 17.68 0.50 10.00
C ASP B 127 16.93 0.03 11.25
N LYS B 128 17.68 -0.24 12.31
CA LYS B 128 17.08 -0.65 13.57
C LYS B 128 16.70 0.55 14.44
N SER B 129 17.18 1.74 14.07
CA SER B 129 16.88 2.97 14.79
C SER B 129 15.48 3.51 14.48
N ALA B 130 14.86 3.04 13.40
CA ALA B 130 13.53 3.51 13.02
C ALA B 130 12.40 2.72 13.65
N VAL B 131 12.71 1.68 14.40
CA VAL B 131 11.71 0.77 14.95
C VAL B 131 11.40 1.13 16.40
N ARG B 132 10.11 1.09 16.76
CA ARG B 132 9.68 1.15 18.15
C ARG B 132 9.56 -0.29 18.65
N TRP B 133 10.39 -0.63 19.63
CA TRP B 133 10.56 -2.02 20.05
C TRP B 133 9.51 -2.42 21.08
N ASN B 134 8.26 -2.43 20.62
CA ASN B 134 7.16 -2.85 21.47
C ASN B 134 7.17 -4.36 21.64
N ILE B 135 6.89 -4.81 22.86
CA ILE B 135 6.76 -6.23 23.16
C ILE B 135 5.29 -6.59 22.95
N SER B 136 4.96 -7.14 21.77
CA SER B 136 3.59 -7.43 21.40
C SER B 136 2.79 -6.14 21.33
N GLU B 137 1.46 -6.24 21.46
CA GLU B 137 0.58 -5.08 21.31
C GLU B 137 -0.04 -4.62 22.62
N THR B 138 0.01 -5.43 23.67
CA THR B 138 -0.61 -5.07 24.94
C THR B 138 0.23 -5.66 26.06
N PRO B 139 -0.06 -5.30 27.31
CA PRO B 139 0.48 -6.07 28.43
C PRO B 139 -0.14 -7.45 28.46
N PHE B 140 0.58 -8.41 29.04
CA PHE B 140 0.13 -9.79 29.02
C PHE B 140 0.88 -10.58 30.09
N ARG B 141 0.36 -11.77 30.37
CA ARG B 141 1.00 -12.74 31.25
C ARG B 141 1.11 -14.06 30.51
N ILE B 142 2.33 -14.60 30.44
CA ILE B 142 2.59 -15.89 29.80
C ILE B 142 3.15 -16.84 30.83
N THR B 143 2.59 -18.04 30.90
CA THR B 143 3.15 -19.15 31.65
C THR B 143 3.30 -20.31 30.66
N ASP B 144 4.54 -20.73 30.43
CA ASP B 144 4.84 -21.60 29.30
C ASP B 144 5.71 -22.76 29.75
N TYR B 145 5.54 -23.89 29.07
CA TYR B 145 6.26 -25.12 29.40
C TYR B 145 6.00 -26.16 28.31
N PRO B 146 6.93 -27.09 28.09
CA PRO B 146 6.78 -28.04 26.99
C PRO B 146 5.89 -29.22 27.33
N ARG B 147 5.17 -29.70 26.31
CA ARG B 147 4.38 -30.92 26.48
C ARG B 147 5.30 -32.14 26.52
N PHE B 148 6.30 -32.20 25.65
CA PHE B 148 7.27 -33.27 25.61
C PHE B 148 8.65 -32.72 25.96
N SER B 149 9.46 -33.55 26.61
CA SER B 149 10.80 -33.16 27.00
C SER B 149 11.84 -33.45 25.92
N TRP B 150 11.51 -34.31 24.96
CA TRP B 150 12.41 -34.68 23.87
C TRP B 150 11.83 -34.13 22.57
N ARG B 151 12.40 -33.03 22.08
CA ARG B 151 11.93 -32.35 20.87
C ARG B 151 13.13 -32.24 19.93
N ALA B 152 13.34 -33.26 19.10
CA ALA B 152 14.61 -33.48 18.44
C ALA B 152 14.54 -33.20 16.94
N LEU B 153 15.67 -32.76 16.40
CA LEU B 153 15.89 -32.64 14.97
C LEU B 153 17.18 -33.37 14.65
N MET B 154 17.14 -34.30 13.69
CA MET B 154 18.32 -35.03 13.28
C MET B 154 18.83 -34.46 11.96
N ILE B 155 20.13 -34.17 11.91
CA ILE B 155 20.81 -33.75 10.69
C ILE B 155 21.82 -34.83 10.30
N ASP B 156 21.71 -35.31 9.07
CA ASP B 156 22.59 -36.34 8.51
C ASP B 156 23.74 -35.65 7.80
N GLU B 157 24.92 -35.64 8.43
CA GLU B 157 26.11 -35.08 7.80
C GLU B 157 27.04 -36.15 7.25
N ALA B 158 26.66 -37.43 7.35
CA ALA B 158 27.49 -38.49 6.76
C ALA B 158 27.24 -38.59 5.26
N ARG B 159 25.97 -38.58 4.84
CA ARG B 159 25.67 -38.66 3.41
C ARG B 159 26.24 -37.46 2.68
N HIS B 160 26.02 -36.26 3.21
CA HIS B 160 26.66 -35.06 2.71
C HIS B 160 27.11 -34.24 3.91
N PHE B 161 28.35 -33.77 3.87
CA PHE B 161 28.90 -32.93 4.92
C PHE B 161 28.55 -31.48 4.65
N PHE B 162 28.12 -30.77 5.69
CA PHE B 162 27.74 -29.36 5.57
C PHE B 162 28.65 -28.42 6.33
N GLY B 163 29.04 -28.77 7.56
CA GLY B 163 30.07 -28.04 8.27
C GLY B 163 29.54 -27.13 9.35
N GLU B 164 30.50 -26.47 10.01
CA GLU B 164 30.22 -25.73 11.24
C GLU B 164 29.23 -24.59 10.99
N LYS B 165 29.46 -23.80 9.93
CA LYS B 165 28.60 -22.64 9.70
C LYS B 165 27.16 -23.06 9.46
N THR B 166 26.95 -24.10 8.66
CA THR B 166 25.58 -24.53 8.37
C THR B 166 24.91 -25.12 9.62
N ILE B 167 25.64 -25.91 10.39
CA ILE B 167 25.01 -26.59 11.53
C ILE B 167 24.67 -25.57 12.61
N LYS B 168 25.48 -24.53 12.77
CA LYS B 168 25.14 -23.49 13.74
C LYS B 168 23.90 -22.72 13.30
N GLN B 169 23.75 -22.51 12.00
CA GLN B 169 22.54 -21.88 11.47
C GLN B 169 21.32 -22.74 11.74
N ILE B 170 21.48 -24.07 11.66
CA ILE B 170 20.38 -24.95 12.00
C ILE B 170 20.09 -24.88 13.50
N ILE B 171 21.15 -24.81 14.31
CA ILE B 171 20.99 -24.68 15.75
C ILE B 171 20.25 -23.40 16.10
N ASP B 172 20.49 -22.33 15.35
CA ASP B 172 19.80 -21.07 15.61
C ASP B 172 18.30 -21.21 15.38
N GLN B 173 17.90 -21.92 14.32
CA GLN B 173 16.48 -22.14 14.07
C GLN B 173 15.85 -23.00 15.16
N MET B 174 16.54 -24.07 15.56
CA MET B 174 16.02 -24.94 16.61
C MET B 174 15.74 -24.14 17.88
N ALA B 175 16.68 -23.27 18.26
CA ALA B 175 16.53 -22.52 19.51
C ALA B 175 15.36 -21.55 19.43
N LEU B 176 15.19 -20.88 18.28
CA LEU B 176 14.07 -19.95 18.14
C LEU B 176 12.74 -20.69 18.20
N LEU B 177 12.73 -21.96 17.81
CA LEU B 177 11.54 -22.80 17.85
C LEU B 177 11.46 -23.66 19.10
N LYS B 178 12.43 -23.54 20.00
CA LYS B 178 12.46 -24.25 21.27
C LYS B 178 12.61 -25.76 21.13
N MET B 179 13.18 -26.23 20.01
CA MET B 179 13.62 -27.61 19.92
C MET B 179 14.95 -27.75 20.64
N ASN B 180 15.11 -28.83 21.41
CA ASN B 180 16.19 -28.93 22.38
C ASN B 180 17.12 -30.13 22.18
N ILE B 181 16.97 -30.91 21.11
CA ILE B 181 17.82 -32.06 20.87
C ILE B 181 18.29 -32.02 19.42
N LEU B 182 19.61 -31.93 19.23
CA LEU B 182 20.21 -32.11 17.90
C LEU B 182 20.74 -33.53 17.83
N HIS B 183 20.06 -34.37 17.07
CA HIS B 183 20.47 -35.75 16.82
C HIS B 183 21.45 -35.73 15.64
N TRP B 184 22.72 -35.98 15.92
CA TRP B 184 23.79 -35.74 14.95
C TRP B 184 24.21 -37.07 14.36
N HIS B 185 23.75 -37.34 13.13
CA HIS B 185 24.05 -38.58 12.41
C HIS B 185 25.34 -38.37 11.64
N LEU B 186 26.46 -38.85 12.20
CA LEU B 186 27.79 -38.48 11.74
C LEU B 186 28.56 -39.59 11.03
N THR B 187 28.04 -40.82 11.00
CA THR B 187 28.74 -41.91 10.32
C THR B 187 27.73 -42.77 9.56
N ASP B 188 28.15 -43.27 8.42
CA ASP B 188 27.33 -44.13 7.59
C ASP B 188 28.24 -44.78 6.55
N ASP B 189 27.64 -45.40 5.54
CA ASP B 189 28.43 -46.08 4.52
C ASP B 189 29.27 -45.10 3.72
N THR B 190 28.73 -43.92 3.45
CA THR B 190 29.31 -42.97 2.51
C THR B 190 30.10 -41.86 3.19
N GLY B 191 30.31 -41.94 4.50
CA GLY B 191 31.08 -40.91 5.18
C GLY B 191 31.27 -41.14 6.66
N TRP B 192 32.44 -40.74 7.17
CA TRP B 192 32.73 -40.71 8.60
C TRP B 192 33.22 -39.31 8.91
N ARG B 193 32.53 -38.61 9.82
CA ARG B 193 32.69 -37.17 9.95
C ARG B 193 33.25 -36.70 11.28
N ILE B 194 33.64 -37.59 12.19
CA ILE B 194 34.17 -37.19 13.48
C ILE B 194 35.60 -37.73 13.60
N GLU B 195 36.54 -36.81 13.82
CA GLU B 195 37.93 -37.19 14.06
C GLU B 195 38.04 -38.08 15.30
N ILE B 196 38.66 -39.23 15.15
CA ILE B 196 38.98 -40.13 16.25
C ILE B 196 40.50 -40.26 16.27
N LYS B 197 41.13 -39.76 17.35
CA LYS B 197 42.59 -39.65 17.37
C LYS B 197 43.27 -41.02 17.32
N LYS B 198 42.69 -42.03 17.97
CA LYS B 198 43.37 -43.32 18.01
C LYS B 198 43.35 -44.02 16.65
N TYR B 199 42.32 -43.77 15.84
CA TYR B 199 42.14 -44.42 14.54
C TYR B 199 42.04 -43.33 13.47
N PRO B 200 43.17 -42.74 13.08
CA PRO B 200 43.12 -41.57 12.18
C PRO B 200 42.63 -41.87 10.77
N ARG B 201 42.63 -43.13 10.35
CA ARG B 201 42.13 -43.45 9.01
C ARG B 201 40.61 -43.31 8.90
N LEU B 202 39.89 -43.26 10.03
CA LEU B 202 38.46 -43.06 9.96
C LEU B 202 38.10 -41.79 9.20
N THR B 203 38.90 -40.73 9.37
CA THR B 203 38.70 -39.49 8.64
C THR B 203 39.61 -39.36 7.42
N SER B 204 40.88 -39.79 7.52
CA SER B 204 41.79 -39.64 6.39
C SER B 204 41.33 -40.45 5.19
N ILE B 205 40.62 -41.55 5.42
CA ILE B 205 40.05 -42.35 4.35
C ILE B 205 38.53 -42.22 4.31
N GLY B 206 37.88 -42.40 5.47
CA GLY B 206 36.44 -42.49 5.52
C GLY B 206 35.70 -41.19 5.26
N SER B 207 36.38 -40.05 5.30
CA SER B 207 35.73 -38.77 5.10
C SER B 207 35.81 -38.30 3.65
N LYS B 208 36.35 -39.12 2.75
CA LYS B 208 36.51 -38.77 1.35
C LYS B 208 35.85 -39.83 0.48
N ARG B 209 35.21 -39.40 -0.60
CA ARG B 209 34.74 -40.32 -1.62
C ARG B 209 34.86 -39.65 -2.99
N ARG B 210 34.96 -40.48 -4.03
CA ARG B 210 35.29 -39.98 -5.36
C ARG B 210 34.13 -39.20 -5.97
N GLU B 211 32.91 -39.64 -5.73
CA GLU B 211 31.74 -39.02 -6.35
C GLU B 211 30.50 -39.45 -5.57
N SER B 212 29.36 -38.94 -5.99
CA SER B 212 28.10 -39.18 -5.30
C SER B 212 27.01 -39.50 -6.31
N GLU B 213 26.24 -40.54 -6.03
CA GLU B 213 25.02 -40.80 -6.77
C GLU B 213 24.05 -39.63 -6.56
N ILE B 214 23.28 -39.31 -7.60
CA ILE B 214 22.37 -38.18 -7.57
C ILE B 214 21.01 -38.61 -8.11
N GLY B 215 20.00 -37.77 -7.82
CA GLY B 215 18.66 -38.01 -8.30
C GLY B 215 17.84 -38.82 -7.33
N THR B 216 18.13 -40.12 -7.25
CA THR B 216 17.46 -41.02 -6.32
C THR B 216 18.24 -42.32 -6.31
N TRP B 217 17.77 -43.27 -5.49
CA TRP B 217 18.41 -44.58 -5.41
C TRP B 217 18.34 -45.28 -6.75
N ASN B 218 19.46 -45.87 -7.17
CA ASN B 218 19.54 -46.63 -8.42
C ASN B 218 19.28 -45.75 -9.65
N SER B 219 19.67 -44.47 -9.57
CA SER B 219 19.43 -43.57 -10.70
C SER B 219 20.30 -43.90 -11.90
N GLY B 220 21.46 -44.51 -11.67
CA GLY B 220 22.46 -44.58 -12.70
C GLY B 220 23.19 -43.28 -12.95
N LYS B 221 22.83 -42.22 -12.24
CA LYS B 221 23.45 -40.91 -12.40
C LYS B 221 24.47 -40.67 -11.31
N SER B 222 25.47 -39.84 -11.63
CA SER B 222 26.54 -39.50 -10.71
C SER B 222 27.03 -38.10 -11.06
N ASP B 223 27.54 -37.39 -10.05
CA ASP B 223 28.01 -36.03 -10.27
C ASP B 223 29.49 -35.94 -10.59
N GLY B 224 30.22 -37.06 -10.53
CA GLY B 224 31.64 -37.07 -10.85
C GLY B 224 32.45 -36.08 -10.05
N THR B 225 31.95 -35.71 -8.87
CA THR B 225 32.55 -34.67 -8.05
C THR B 225 33.00 -35.24 -6.72
N PRO B 226 34.29 -35.22 -6.40
CA PRO B 226 34.72 -35.68 -5.07
C PRO B 226 34.02 -34.89 -3.97
N HIS B 227 33.80 -35.58 -2.85
CA HIS B 227 33.13 -34.99 -1.68
C HIS B 227 33.90 -35.39 -0.44
N GLU B 228 34.21 -34.42 0.42
CA GLU B 228 34.96 -34.70 1.63
C GLU B 228 34.62 -33.67 2.69
N GLY B 229 34.98 -33.98 3.92
CA GLY B 229 34.77 -33.11 5.05
C GLY B 229 34.61 -33.90 6.32
N PHE B 230 34.97 -33.28 7.43
CA PHE B 230 34.78 -33.88 8.75
C PHE B 230 35.03 -32.82 9.81
N TYR B 231 34.55 -33.11 11.02
CA TYR B 231 34.73 -32.22 12.16
C TYR B 231 35.93 -32.66 12.98
N THR B 232 36.79 -31.72 13.32
CA THR B 232 37.82 -31.98 14.33
C THR B 232 37.19 -32.00 15.71
N GLN B 233 37.93 -32.53 16.69
CA GLN B 233 37.36 -32.60 18.03
C GLN B 233 37.20 -31.21 18.65
N GLU B 234 38.08 -30.27 18.35
CA GLU B 234 37.88 -28.89 18.80
C GLU B 234 36.63 -28.29 18.16
N GLN B 235 36.41 -28.58 16.87
CA GLN B 235 35.20 -28.05 16.24
C GLN B 235 33.97 -28.57 16.95
N ILE B 236 34.01 -29.82 17.40
CA ILE B 236 32.87 -30.41 18.08
C ILE B 236 32.69 -29.78 19.46
N ARG B 237 33.79 -29.59 20.19
CA ARG B 237 33.68 -28.91 21.47
C ARG B 237 33.06 -27.52 21.30
N ASP B 238 33.48 -26.80 20.26
CA ASP B 238 32.91 -25.49 19.99
C ASP B 238 31.42 -25.57 19.69
N ILE B 239 31.02 -26.54 18.86
CA ILE B 239 29.62 -26.66 18.48
C ILE B 239 28.78 -27.16 19.65
N VAL B 240 29.33 -28.07 20.46
CA VAL B 240 28.63 -28.53 21.65
C VAL B 240 28.30 -27.34 22.56
N GLN B 241 29.30 -26.48 22.80
CA GLN B 241 29.08 -25.31 23.63
C GLN B 241 28.09 -24.35 22.98
N TYR B 242 28.22 -24.12 21.68
CA TYR B 242 27.30 -23.23 20.97
C TYR B 242 25.86 -23.70 21.12
N ALA B 243 25.63 -25.01 21.06
CA ALA B 243 24.27 -25.54 21.17
C ALA B 243 23.79 -25.53 22.62
N ALA B 244 24.67 -25.87 23.56
CA ALA B 244 24.27 -25.92 24.97
C ALA B 244 23.82 -24.56 25.47
N ARG B 245 24.45 -23.48 25.00
CA ARG B 245 24.04 -22.15 25.40
C ARG B 245 22.63 -21.82 24.91
N ARG B 246 22.16 -22.52 23.88
CA ARG B 246 20.83 -22.31 23.31
C ARG B 246 19.88 -23.44 23.70
N ASN B 247 20.12 -24.06 24.85
CA ASN B 247 19.23 -25.05 25.44
C ASN B 247 19.14 -26.33 24.62
N ILE B 248 20.19 -26.66 23.87
CA ILE B 248 20.19 -27.79 22.97
C ILE B 248 21.26 -28.78 23.42
N THR B 249 20.86 -30.03 23.63
CA THR B 249 21.77 -31.13 23.90
C THR B 249 22.00 -31.87 22.59
N ILE B 250 23.26 -32.24 22.34
CA ILE B 250 23.63 -32.95 21.12
C ILE B 250 23.70 -34.43 21.44
N VAL B 251 22.97 -35.23 20.66
CA VAL B 251 23.02 -36.69 20.77
C VAL B 251 23.79 -37.21 19.56
N PRO B 252 25.06 -37.60 19.72
CA PRO B 252 25.80 -38.13 18.57
C PRO B 252 25.35 -39.54 18.25
N GLU B 253 25.47 -39.89 16.97
CA GLU B 253 25.14 -41.22 16.49
C GLU B 253 26.35 -41.82 15.78
N ILE B 254 26.77 -43.00 16.24
CA ILE B 254 27.74 -43.83 15.52
C ILE B 254 26.98 -45.06 15.05
N GLU B 255 26.68 -45.12 13.75
CA GLU B 255 25.87 -46.21 13.20
C GLU B 255 26.56 -47.56 13.38
N MET B 256 25.78 -48.54 13.81
CA MET B 256 26.22 -49.92 13.99
C MET B 256 25.01 -50.79 14.28
N PRO B 257 25.03 -52.08 13.92
CA PRO B 257 26.13 -52.77 13.22
C PRO B 257 26.13 -52.50 11.72
N GLY B 258 25.06 -51.87 11.22
CA GLY B 258 24.97 -51.53 9.81
C GLY B 258 25.59 -50.19 9.49
N HIS B 259 25.49 -49.83 8.21
CA HIS B 259 25.96 -48.53 7.71
C HIS B 259 27.42 -48.29 8.09
N ALA B 260 28.27 -49.26 7.77
CA ALA B 260 29.65 -49.27 8.26
C ALA B 260 30.69 -49.22 7.16
N SER B 261 30.31 -48.95 5.91
CA SER B 261 31.28 -49.02 4.82
C SER B 261 32.47 -48.09 5.06
N ALA B 262 32.21 -46.85 5.48
CA ALA B 262 33.30 -45.89 5.62
C ALA B 262 34.31 -46.36 6.66
N ALA B 263 33.84 -46.80 7.83
CA ALA B 263 34.75 -47.31 8.85
C ALA B 263 35.50 -48.54 8.35
N ALA B 264 34.82 -49.42 7.60
CA ALA B 264 35.44 -50.67 7.17
C ALA B 264 36.54 -50.43 6.14
N VAL B 265 36.30 -49.54 5.17
CA VAL B 265 37.34 -49.24 4.19
C VAL B 265 38.58 -48.71 4.88
N ALA B 266 38.42 -48.00 6.00
CA ALA B 266 39.58 -47.50 6.73
C ALA B 266 40.29 -48.62 7.49
N TYR B 267 39.53 -49.56 8.05
CA TYR B 267 40.09 -50.68 8.81
C TYR B 267 39.36 -51.94 8.40
N PRO B 268 39.82 -52.62 7.35
CA PRO B 268 39.01 -53.69 6.74
C PRO B 268 38.71 -54.86 7.65
N PHE B 269 39.42 -55.04 8.76
CA PHE B 269 39.07 -56.12 9.66
C PHE B 269 37.73 -55.89 10.34
N LEU B 270 37.15 -54.70 10.26
CA LEU B 270 35.89 -54.41 10.92
C LEU B 270 34.69 -55.06 10.24
N SER B 271 34.84 -55.55 9.01
CA SER B 271 33.72 -56.13 8.29
C SER B 271 34.16 -57.40 7.57
N LEU B 272 33.22 -58.33 7.44
CA LEU B 272 33.46 -59.55 6.68
C LEU B 272 33.39 -59.32 5.18
N LYS B 273 32.82 -58.20 4.74
CA LYS B 273 32.71 -57.86 3.32
C LYS B 273 33.05 -56.40 3.11
N THR B 274 34.29 -56.04 3.41
CA THR B 274 34.72 -54.65 3.32
C THR B 274 34.82 -54.22 1.86
N PRO B 275 34.22 -53.09 1.47
CA PRO B 275 34.33 -52.65 0.08
C PRO B 275 35.75 -52.16 -0.25
N GLY B 276 36.03 -52.12 -1.54
CA GLY B 276 37.34 -51.70 -2.01
C GLY B 276 37.60 -50.21 -1.86
N GLU B 277 36.54 -49.40 -1.83
CA GLU B 277 36.65 -47.97 -1.60
C GLU B 277 35.36 -47.51 -0.94
N VAL B 278 35.40 -46.33 -0.35
CA VAL B 278 34.22 -45.71 0.24
C VAL B 278 33.15 -45.69 -0.84
N PRO B 279 31.97 -46.28 -0.61
CA PRO B 279 30.95 -46.33 -1.67
C PRO B 279 30.66 -44.95 -2.24
N THR B 280 30.39 -44.92 -3.55
CA THR B 280 29.99 -43.71 -4.25
C THR B 280 28.52 -43.74 -4.64
N THR B 281 27.78 -44.73 -4.15
CA THR B 281 26.34 -44.79 -4.27
C THR B 281 25.74 -44.97 -2.88
N PHE B 282 24.44 -44.73 -2.77
CA PHE B 282 23.74 -44.74 -1.49
C PHE B 282 22.96 -46.02 -1.26
N ILE B 283 23.18 -47.04 -2.09
CA ILE B 283 22.52 -48.35 -1.92
C ILE B 283 23.42 -49.40 -1.27
N VAL B 284 24.71 -49.12 -1.10
CA VAL B 284 25.61 -50.06 -0.45
C VAL B 284 25.52 -49.90 1.07
N ASN B 285 25.23 -50.99 1.77
CA ASN B 285 25.09 -50.98 3.24
C ASN B 285 25.94 -52.11 3.80
N THR B 286 27.13 -51.77 4.28
CA THR B 286 28.06 -52.73 4.85
C THR B 286 27.81 -52.88 6.35
N ALA B 287 28.00 -54.10 6.85
CA ALA B 287 27.78 -54.43 8.26
C ALA B 287 29.09 -54.75 8.95
N PHE B 288 29.18 -54.35 10.22
CA PHE B 288 30.30 -54.75 11.06
C PHE B 288 30.30 -56.26 11.29
N ASP B 289 31.45 -56.78 11.70
CA ASP B 289 31.59 -58.21 12.01
C ASP B 289 31.20 -58.42 13.46
N PRO B 290 30.04 -59.03 13.75
CA PRO B 290 29.64 -59.20 15.15
C PRO B 290 30.30 -60.38 15.85
N THR B 291 31.10 -61.19 15.16
CA THR B 291 31.69 -62.38 15.75
C THR B 291 33.12 -62.18 16.23
N SER B 292 33.73 -61.04 15.93
CA SER B 292 35.13 -60.78 16.25
C SER B 292 35.24 -59.81 17.41
N GLU B 293 36.18 -60.10 18.33
CA GLU B 293 36.38 -59.21 19.47
C GLU B 293 36.99 -57.88 19.07
N LYS B 294 37.77 -57.84 17.99
CA LYS B 294 38.37 -56.57 17.57
C LYS B 294 37.29 -55.54 17.22
N THR B 295 36.13 -56.00 16.73
CA THR B 295 35.06 -55.07 16.40
C THR B 295 34.57 -54.34 17.64
N TYR B 296 34.28 -55.09 18.70
CA TYR B 296 33.79 -54.48 19.93
C TYR B 296 34.85 -53.62 20.59
N ALA B 297 36.11 -54.08 20.57
CA ALA B 297 37.20 -53.28 21.14
C ALA B 297 37.37 -51.97 20.38
N PHE B 298 37.36 -52.04 19.05
CA PHE B 298 37.47 -50.85 18.23
C PHE B 298 36.33 -49.88 18.49
N LEU B 299 35.10 -50.40 18.53
CA LEU B 299 33.94 -49.53 18.76
C LEU B 299 33.94 -48.97 20.18
N SER B 300 34.42 -49.75 21.16
CA SER B 300 34.51 -49.22 22.51
C SER B 300 35.49 -48.05 22.57
N ASP B 301 36.61 -48.15 21.85
CA ASP B 301 37.57 -47.05 21.82
C ASP B 301 36.96 -45.81 21.17
N VAL B 302 36.29 -45.99 20.04
CA VAL B 302 35.65 -44.86 19.38
C VAL B 302 34.69 -44.17 20.34
N LEU B 303 33.89 -44.96 21.07
CA LEU B 303 32.93 -44.38 22.00
C LEU B 303 33.62 -43.73 23.20
N ASP B 304 34.83 -44.16 23.54
CA ASP B 304 35.57 -43.49 24.61
C ASP B 304 35.87 -42.04 24.23
N GLU B 305 36.33 -41.82 23.00
CA GLU B 305 36.60 -40.46 22.55
C GLU B 305 35.30 -39.68 22.36
N VAL B 306 34.22 -40.35 21.99
CA VAL B 306 32.93 -39.68 21.87
C VAL B 306 32.49 -39.13 23.22
N THR B 307 32.57 -39.96 24.27
CA THR B 307 32.16 -39.51 25.59
C THR B 307 33.05 -38.39 26.12
N ALA B 308 34.29 -38.28 25.62
CA ALA B 308 35.17 -37.22 26.10
C ALA B 308 34.76 -35.87 25.54
N ILE B 309 34.20 -35.83 24.34
CA ILE B 309 33.87 -34.57 23.69
C ILE B 309 32.37 -34.28 23.65
N PHE B 310 31.51 -35.29 23.85
CA PHE B 310 30.07 -35.06 23.91
C PHE B 310 29.59 -35.27 25.34
N PRO B 311 29.22 -34.21 26.07
CA PRO B 311 28.80 -34.39 27.46
C PRO B 311 27.43 -35.00 27.63
N GLY B 312 26.65 -35.08 26.56
CA GLY B 312 25.29 -35.57 26.70
C GLY B 312 25.24 -36.97 27.27
N ARG B 313 24.18 -37.24 28.02
CA ARG B 313 24.04 -38.52 28.69
C ARG B 313 23.80 -39.66 27.70
N ILE B 314 23.24 -39.35 26.53
CA ILE B 314 22.74 -40.36 25.60
C ILE B 314 23.61 -40.43 24.36
N ILE B 315 23.86 -41.65 23.90
CA ILE B 315 24.62 -41.91 22.68
C ILE B 315 23.79 -42.81 21.77
N HIS B 316 23.60 -42.38 20.53
CA HIS B 316 22.83 -43.11 19.53
C HIS B 316 23.74 -44.03 18.74
N ILE B 317 23.27 -45.24 18.44
CA ILE B 317 24.03 -46.18 17.63
C ILE B 317 23.32 -46.56 16.34
N GLY B 318 22.17 -45.96 16.05
CA GLY B 318 21.38 -46.40 14.92
C GLY B 318 20.70 -47.70 15.25
N GLY B 319 21.33 -48.82 14.91
CA GLY B 319 20.80 -50.12 15.24
C GLY B 319 19.78 -50.69 14.29
N ASP B 320 19.54 -50.03 13.16
CA ASP B 320 18.53 -50.51 12.24
C ASP B 320 19.00 -51.77 11.50
N GLU B 321 18.02 -52.54 11.03
CA GLU B 321 18.26 -53.84 10.39
C GLU B 321 19.38 -53.81 9.37
N VAL B 322 20.32 -54.75 9.55
CA VAL B 322 21.37 -55.06 8.58
C VAL B 322 20.82 -55.81 7.37
N ARG B 323 21.39 -55.52 6.19
CA ARG B 323 21.06 -56.26 4.97
C ARG B 323 21.63 -57.67 5.13
N TYR B 324 20.87 -58.51 5.84
CA TYR B 324 21.39 -59.82 6.24
C TYR B 324 21.83 -60.66 5.03
N ASP B 325 21.01 -60.69 3.98
CA ASP B 325 21.29 -61.62 2.88
C ASP B 325 22.51 -61.21 2.09
N LYS B 326 22.80 -59.91 2.00
CA LYS B 326 24.00 -59.47 1.29
C LYS B 326 25.26 -59.52 2.15
N GLN B 327 25.13 -59.49 3.48
CA GLN B 327 26.27 -59.28 4.35
C GLN B 327 26.65 -60.48 5.19
N TRP B 328 25.69 -61.25 5.70
CA TRP B 328 25.95 -62.27 6.68
C TRP B 328 25.54 -63.67 6.27
N LYS B 329 24.49 -63.83 5.48
CA LYS B 329 24.05 -65.16 5.07
C LYS B 329 25.15 -65.87 4.31
N GLY B 330 25.39 -67.13 4.66
CA GLY B 330 26.38 -67.93 3.98
C GLY B 330 27.82 -67.62 4.35
N VAL B 331 28.06 -66.66 5.24
CA VAL B 331 29.41 -66.37 5.70
C VAL B 331 29.76 -67.37 6.79
N PRO B 332 30.84 -68.15 6.64
CA PRO B 332 31.11 -69.20 7.64
C PRO B 332 31.20 -68.68 9.06
N GLU B 333 31.85 -67.54 9.28
CA GLU B 333 31.96 -66.98 10.63
C GLU B 333 30.59 -66.68 11.21
N ILE B 334 29.66 -66.17 10.39
CA ILE B 334 28.32 -65.89 10.89
C ILE B 334 27.58 -67.18 11.21
N GLU B 335 27.58 -68.12 10.27
CA GLU B 335 26.80 -69.34 10.44
C GLU B 335 27.30 -70.15 11.63
N GLU B 336 28.62 -70.25 11.81
CA GLU B 336 29.16 -70.96 12.96
C GLU B 336 28.85 -70.22 14.26
N PHE B 337 28.98 -68.89 14.25
CA PHE B 337 28.60 -68.10 15.41
C PHE B 337 27.17 -68.37 15.83
N MET B 338 26.26 -68.48 14.84
CA MET B 338 24.86 -68.73 15.15
C MET B 338 24.67 -70.12 15.74
N LYS B 339 25.32 -71.13 15.16
CA LYS B 339 25.24 -72.48 15.70
C LYS B 339 25.83 -72.54 17.11
N LYS B 340 27.01 -71.95 17.29
CA LYS B 340 27.68 -71.98 18.58
C LYS B 340 26.80 -71.41 19.68
N ASN B 341 26.04 -70.37 19.37
CA ASN B 341 25.29 -69.62 20.38
C ASN B 341 23.79 -69.93 20.33
N GLY B 342 23.37 -70.92 19.55
CA GLY B 342 21.97 -71.30 19.53
C GLY B 342 21.05 -70.28 18.90
N MET B 343 21.58 -69.38 18.08
CA MET B 343 20.75 -68.38 17.42
C MET B 343 20.14 -68.96 16.15
N LYS B 344 18.87 -68.62 15.92
CA LYS B 344 18.11 -69.22 14.83
C LYS B 344 17.92 -68.28 13.64
N SER B 345 18.19 -66.99 13.81
CA SER B 345 17.98 -66.02 12.74
C SER B 345 19.12 -65.01 12.73
N TYR B 346 19.28 -64.33 11.59
CA TYR B 346 20.32 -63.32 11.50
C TYR B 346 19.98 -62.10 12.34
N ALA B 347 18.69 -61.85 12.57
CA ALA B 347 18.30 -60.78 13.50
C ALA B 347 18.75 -61.09 14.91
N ASP B 348 18.75 -62.36 15.31
CA ASP B 348 19.27 -62.72 16.63
C ASP B 348 20.73 -62.33 16.77
N VAL B 349 21.51 -62.47 15.69
CA VAL B 349 22.90 -62.04 15.73
C VAL B 349 22.99 -60.54 15.96
N GLN B 350 22.14 -59.78 15.27
CA GLN B 350 22.16 -58.33 15.45
C GLN B 350 21.73 -57.95 16.86
N MET B 351 20.70 -58.63 17.41
CA MET B 351 20.26 -58.32 18.75
C MET B 351 21.39 -58.53 19.77
N HIS B 352 22.13 -59.64 19.62
CA HIS B 352 23.28 -59.87 20.47
C HIS B 352 24.27 -58.71 20.38
N PHE B 353 24.55 -58.26 19.16
CA PHE B 353 25.52 -57.17 18.98
C PHE B 353 25.07 -55.90 19.68
N THR B 354 23.84 -55.45 19.42
CA THR B 354 23.37 -54.21 20.04
C THR B 354 23.18 -54.38 21.54
N ASN B 355 22.75 -55.56 22.00
CA ASN B 355 22.67 -55.77 23.44
C ASN B 355 24.03 -55.60 24.10
N ARG B 356 25.08 -56.10 23.44
CA ARG B 356 26.42 -55.99 24.01
C ARG B 356 26.92 -54.54 23.96
N MET B 357 26.59 -53.82 22.88
CA MET B 357 26.97 -52.41 22.83
C MET B 357 26.27 -51.59 23.90
N SER B 358 25.07 -52.01 24.31
CA SER B 358 24.34 -51.26 25.33
C SER B 358 25.04 -51.36 26.69
N GLY B 359 25.70 -52.48 26.96
CA GLY B 359 26.45 -52.63 28.20
C GLY B 359 27.76 -51.89 28.17
N ILE B 360 28.47 -52.00 27.04
CA ILE B 360 29.70 -51.24 26.84
C ILE B 360 29.46 -49.75 27.05
N ILE B 361 28.34 -49.25 26.53
CA ILE B 361 28.03 -47.84 26.65
C ILE B 361 27.62 -47.49 28.08
N ALA B 362 26.87 -48.37 28.74
CA ALA B 362 26.46 -48.10 30.11
C ALA B 362 27.66 -48.04 31.04
N GLN B 363 28.65 -48.89 30.82
CA GLN B 363 29.85 -48.91 31.64
C GLN B 363 30.69 -47.65 31.49
N LYS B 364 30.38 -46.78 30.53
CA LYS B 364 31.03 -45.49 30.40
C LYS B 364 30.19 -44.36 30.98
N GLY B 365 29.15 -44.68 31.75
CA GLY B 365 28.29 -43.65 32.30
C GLY B 365 27.41 -43.00 31.25
N ARG B 366 26.91 -43.79 30.31
CA ARG B 366 26.07 -43.28 29.24
C ARG B 366 24.89 -44.22 29.03
N ARG B 367 23.93 -43.77 28.22
CA ARG B 367 22.76 -44.55 27.85
C ARG B 367 22.74 -44.74 26.36
N MET B 368 22.54 -45.98 25.90
CA MET B 368 22.46 -46.23 24.48
C MET B 368 21.06 -45.88 23.98
N MET B 369 21.01 -45.40 22.74
CA MET B 369 19.76 -45.12 22.04
C MET B 369 19.84 -45.74 20.66
N GLY B 370 18.72 -46.24 20.17
CA GLY B 370 18.69 -46.86 18.85
C GLY B 370 17.27 -47.03 18.37
N TRP B 371 17.15 -47.33 17.08
CA TRP B 371 15.85 -47.58 16.48
C TRP B 371 15.25 -48.87 17.03
N ASN B 372 13.94 -49.02 16.82
CA ASN B 372 13.18 -50.07 17.50
C ASN B 372 13.70 -51.47 17.23
N GLU B 373 14.59 -51.65 16.25
CA GLU B 373 15.18 -52.98 16.06
C GLU B 373 15.99 -53.43 17.27
N ILE B 374 16.51 -52.49 18.08
CA ILE B 374 17.33 -52.91 19.21
C ILE B 374 16.49 -53.53 20.31
N TYR B 375 15.18 -53.31 20.32
CA TYR B 375 14.32 -53.81 21.37
C TYR B 375 13.69 -55.14 20.95
N GLY B 376 13.73 -56.11 21.86
CA GLY B 376 13.03 -57.37 21.66
C GLY B 376 12.40 -57.90 22.94
N ALA B 389 23.74 -60.36 24.92
CA ALA B 389 23.30 -60.57 26.30
C ALA B 389 21.88 -60.03 26.48
N LYS B 390 21.70 -59.12 27.44
CA LYS B 390 20.43 -58.45 27.66
C LYS B 390 20.58 -56.96 27.38
N LEU B 391 19.53 -56.34 26.84
CA LEU B 391 19.57 -54.91 26.60
C LEU B 391 19.55 -54.15 27.92
N ASP B 392 20.44 -53.17 28.06
CA ASP B 392 20.40 -52.30 29.23
C ASP B 392 19.02 -51.66 29.36
N THR B 393 18.41 -51.81 30.54
CA THR B 393 17.04 -51.34 30.72
C THR B 393 16.95 -49.82 30.64
N ASN B 394 18.07 -49.11 30.78
CA ASN B 394 18.11 -47.66 30.69
C ASN B 394 18.24 -47.15 29.26
N ALA B 395 18.32 -48.05 28.28
CA ALA B 395 18.43 -47.65 26.88
C ALA B 395 17.14 -47.01 26.38
N VAL B 396 17.30 -46.03 25.48
CA VAL B 396 16.19 -45.32 24.85
C VAL B 396 15.88 -45.95 23.51
N ILE B 397 14.58 -46.04 23.17
CA ILE B 397 14.13 -46.68 21.95
C ILE B 397 13.44 -45.63 21.10
N GLN B 398 13.93 -45.43 19.88
CA GLN B 398 13.34 -44.51 18.92
C GLN B 398 12.61 -45.29 17.83
N PHE B 399 11.32 -44.99 17.65
CA PHE B 399 10.46 -45.73 16.75
C PHE B 399 10.32 -45.02 15.41
N TRP B 400 10.82 -45.66 14.35
CA TRP B 400 10.48 -45.29 12.99
C TRP B 400 9.25 -46.04 12.51
N LYS B 401 8.89 -47.13 13.21
CA LYS B 401 7.83 -48.03 12.81
C LYS B 401 6.63 -47.79 13.69
N GLY B 402 5.45 -47.72 13.08
CA GLY B 402 4.22 -47.57 13.83
C GLY B 402 3.70 -48.87 14.42
N ASN B 403 4.51 -49.53 15.24
CA ASN B 403 4.07 -50.71 15.97
C ASN B 403 3.81 -50.29 17.41
N THR B 404 2.53 -50.18 17.77
CA THR B 404 2.18 -49.68 19.10
C THR B 404 2.33 -50.74 20.18
N SER B 405 2.12 -52.03 19.85
CA SER B 405 2.31 -53.08 20.85
C SER B 405 3.77 -53.22 21.22
N LEU B 406 4.68 -53.04 20.24
CA LEU B 406 6.10 -53.09 20.54
C LEU B 406 6.50 -51.94 21.47
N ALA B 407 5.90 -50.77 21.27
CA ALA B 407 6.19 -49.63 22.15
C ALA B 407 5.62 -49.86 23.54
N LYS B 408 4.42 -50.44 23.63
CA LYS B 408 3.87 -50.75 24.94
C LYS B 408 4.78 -51.70 25.71
N ASN B 409 5.28 -52.73 25.03
CA ASN B 409 6.18 -53.67 25.69
C ASN B 409 7.50 -53.02 26.08
N ALA B 410 8.07 -52.20 25.21
CA ALA B 410 9.31 -51.51 25.57
C ALA B 410 9.10 -50.63 26.78
N ILE B 411 7.94 -49.97 26.87
CA ILE B 411 7.63 -49.14 28.02
C ILE B 411 7.47 -49.99 29.28
N ARG B 412 6.77 -51.12 29.18
CA ARG B 412 6.56 -51.97 30.34
C ARG B 412 7.85 -52.59 30.84
N ASP B 413 8.87 -52.72 29.99
CA ASP B 413 10.17 -53.22 30.39
C ASP B 413 11.09 -52.14 30.94
N GLY B 414 10.64 -50.88 31.01
CA GLY B 414 11.38 -49.83 31.66
C GLY B 414 12.07 -48.83 30.76
N HIS B 415 11.79 -48.84 29.45
CA HIS B 415 12.48 -47.99 28.50
C HIS B 415 11.69 -46.72 28.24
N ASP B 416 12.42 -45.60 28.12
CA ASP B 416 11.87 -44.40 27.52
C ASP B 416 11.84 -44.58 26.00
N VAL B 417 10.77 -44.08 25.37
CA VAL B 417 10.60 -44.25 23.93
C VAL B 417 10.39 -42.89 23.27
N ILE B 418 10.84 -42.80 22.02
CA ILE B 418 10.69 -41.61 21.19
C ILE B 418 9.97 -42.02 19.91
N ASN B 419 8.95 -41.26 19.53
CA ASN B 419 8.15 -41.58 18.35
C ASN B 419 8.69 -40.78 17.16
N SER B 420 9.16 -41.49 16.14
CA SER B 420 9.68 -40.91 14.91
C SER B 420 9.10 -41.62 13.70
N LEU B 421 7.79 -41.89 13.74
CA LEU B 421 7.10 -42.53 12.64
C LEU B 421 7.56 -41.96 11.31
N HIS B 422 8.18 -42.81 10.48
CA HIS B 422 8.91 -42.29 9.33
C HIS B 422 7.96 -41.78 8.25
N THR B 423 6.75 -42.32 8.18
CA THR B 423 5.77 -41.80 7.23
C THR B 423 5.26 -40.42 7.63
N SER B 424 5.63 -39.93 8.80
CA SER B 424 5.22 -38.60 9.25
C SER B 424 6.40 -37.66 9.52
N THR B 425 7.58 -38.17 9.86
CA THR B 425 8.65 -37.33 10.36
C THR B 425 9.94 -37.35 9.52
N TYR B 426 9.97 -38.05 8.40
CA TYR B 426 11.18 -38.10 7.57
C TYR B 426 11.15 -36.91 6.63
N LEU B 427 11.90 -35.86 6.98
CA LEU B 427 11.88 -34.61 6.24
C LEU B 427 12.63 -34.68 4.92
N ASP B 428 13.30 -35.79 4.61
CA ASP B 428 13.84 -35.98 3.27
C ASP B 428 12.75 -36.34 2.27
N TYR B 429 11.60 -36.79 2.74
CA TYR B 429 10.50 -37.08 1.82
C TYR B 429 9.95 -35.79 1.24
N SER B 430 9.21 -35.93 0.14
CA SER B 430 8.65 -34.78 -0.55
C SER B 430 7.45 -34.24 0.20
N TYR B 431 7.01 -33.04 -0.19
CA TYR B 431 5.82 -32.47 0.41
C TYR B 431 4.56 -33.21 -0.03
N GLY B 432 4.63 -34.00 -1.10
CA GLY B 432 3.51 -34.87 -1.43
C GLY B 432 3.41 -36.05 -0.48
N SER B 433 4.56 -36.63 -0.11
CA SER B 433 4.55 -37.76 0.81
C SER B 433 4.21 -37.33 2.22
N ILE B 434 4.73 -36.19 2.66
CA ILE B 434 4.43 -35.63 3.98
C ILE B 434 4.08 -34.15 3.85
N PRO B 435 2.82 -33.82 3.61
CA PRO B 435 2.42 -32.41 3.58
C PRO B 435 2.61 -31.73 4.93
N LEU B 436 2.64 -30.39 4.89
CA LEU B 436 2.78 -29.62 6.12
C LEU B 436 1.74 -30.03 7.17
N GLN B 437 0.49 -30.24 6.75
CA GLN B 437 -0.54 -30.56 7.74
C GLN B 437 -0.35 -31.95 8.32
N LYS B 438 0.23 -32.88 7.55
CA LYS B 438 0.50 -34.19 8.12
C LYS B 438 1.58 -34.11 9.19
N ALA B 439 2.57 -33.24 8.98
CA ALA B 439 3.58 -33.02 10.00
C ALA B 439 2.96 -32.43 11.26
N TYR B 440 2.12 -31.42 11.09
CA TYR B 440 1.49 -30.76 12.23
C TYR B 440 0.51 -31.69 12.96
N GLY B 441 -0.12 -32.61 12.25
CA GLY B 441 -1.06 -33.53 12.84
C GLY B 441 -0.43 -34.74 13.50
N PHE B 442 0.89 -34.88 13.42
CA PHE B 442 1.56 -36.01 14.04
C PHE B 442 1.31 -36.03 15.54
N GLU B 443 1.01 -37.20 16.06
CA GLU B 443 0.76 -37.40 17.49
C GLU B 443 1.79 -38.35 18.05
N PRO B 444 2.76 -37.87 18.84
CA PRO B 444 3.82 -38.78 19.32
C PRO B 444 3.30 -39.93 20.16
N VAL B 445 2.17 -39.77 20.84
CA VAL B 445 1.65 -40.86 21.66
C VAL B 445 1.06 -41.91 20.73
N PHE B 446 1.64 -43.10 20.75
CA PHE B 446 1.27 -44.14 19.79
C PHE B 446 -0.22 -44.41 19.87
N PRO B 447 -0.93 -44.46 18.74
CA PRO B 447 -2.38 -44.66 18.79
C PRO B 447 -2.72 -46.00 19.44
N GLY B 448 -3.66 -45.97 20.38
CA GLY B 448 -4.06 -47.15 21.11
C GLY B 448 -3.27 -47.44 22.36
N LEU B 449 -2.28 -46.62 22.70
CA LEU B 449 -1.49 -46.82 23.91
C LEU B 449 -2.25 -46.32 25.12
N GLU B 450 -2.37 -47.17 26.14
CA GLU B 450 -3.11 -46.81 27.35
C GLU B 450 -2.48 -45.62 28.04
N LYS B 451 -3.33 -44.78 28.66
CA LYS B 451 -2.85 -43.61 29.38
C LYS B 451 -1.76 -43.97 30.37
N GLN B 452 -1.82 -45.19 30.91
CA GLN B 452 -0.87 -45.63 31.92
C GLN B 452 0.57 -45.50 31.43
N TYR B 453 0.80 -45.64 30.13
CA TYR B 453 2.14 -45.65 29.57
C TYR B 453 2.55 -44.32 28.94
N HIS B 454 1.66 -43.34 28.90
CA HIS B 454 1.92 -42.12 28.13
C HIS B 454 3.13 -41.35 28.66
N SER B 455 3.37 -41.38 29.98
CA SER B 455 4.44 -40.59 30.55
C SER B 455 5.82 -41.06 30.08
N ARG B 456 5.91 -42.30 29.60
CA ARG B 456 7.14 -42.87 29.09
C ARG B 456 7.43 -42.49 27.64
N VAL B 457 6.46 -41.90 26.94
CA VAL B 457 6.67 -41.39 25.59
C VAL B 457 7.24 -39.99 25.74
N LYS B 458 8.57 -39.87 25.61
CA LYS B 458 9.24 -38.62 25.96
C LYS B 458 9.23 -37.58 24.85
N GLY B 459 8.83 -37.94 23.65
CA GLY B 459 8.74 -36.93 22.60
C GLY B 459 8.89 -37.55 21.22
N LEU B 460 9.48 -36.76 20.33
CA LEU B 460 9.53 -37.09 18.91
C LEU B 460 10.86 -36.63 18.33
N GLY B 461 11.16 -37.13 17.15
CA GLY B 461 12.30 -36.68 16.37
C GLY B 461 11.96 -36.56 14.91
N ALA B 462 12.38 -35.47 14.27
CA ALA B 462 12.24 -35.28 12.84
C ALA B 462 13.60 -35.50 12.18
N GLN B 463 13.61 -36.23 11.08
CA GLN B 463 14.84 -36.71 10.47
C GLN B 463 15.07 -36.05 9.12
N VAL B 464 16.27 -35.50 8.94
CA VAL B 464 16.69 -34.94 7.66
C VAL B 464 17.80 -35.81 7.10
N TRP B 465 17.42 -36.85 6.35
CA TRP B 465 18.40 -37.66 5.63
C TRP B 465 18.86 -36.89 4.40
N THR B 466 20.15 -36.98 4.09
CA THR B 466 20.78 -36.08 3.12
C THR B 466 21.41 -36.82 1.94
N GLU B 467 20.83 -37.95 1.53
CA GLU B 467 21.27 -38.57 0.28
C GLU B 467 21.16 -37.61 -0.89
N TRP B 468 20.06 -36.85 -0.96
CA TRP B 468 19.74 -36.02 -2.11
C TRP B 468 19.72 -34.55 -1.73
N ILE B 469 20.55 -34.19 -0.75
CA ILE B 469 20.67 -32.83 -0.25
C ILE B 469 22.17 -32.54 -0.18
N SER B 470 22.64 -31.69 -1.09
CA SER B 470 24.06 -31.41 -1.21
C SER B 470 24.43 -29.97 -0.88
N THR B 471 23.46 -29.12 -0.61
CA THR B 471 23.71 -27.72 -0.30
C THR B 471 22.88 -27.30 0.90
N PRO B 472 23.31 -26.27 1.63
CA PRO B 472 22.49 -25.80 2.76
C PRO B 472 21.12 -25.31 2.33
N GLU B 473 21.01 -24.70 1.14
CA GLU B 473 19.72 -24.23 0.68
C GLU B 473 18.76 -25.39 0.44
N ARG B 474 19.25 -26.49 -0.11
CA ARG B 474 18.40 -27.66 -0.27
C ARG B 474 18.04 -28.27 1.08
N LEU B 475 18.95 -28.20 2.05
CA LEU B 475 18.63 -28.64 3.41
C LEU B 475 17.49 -27.81 3.99
N HIS B 476 17.56 -26.49 3.81
CA HIS B 476 16.48 -25.63 4.28
C HIS B 476 15.16 -25.98 3.61
N TYR B 477 15.19 -26.22 2.30
CA TYR B 477 13.96 -26.54 1.58
C TYR B 477 13.29 -27.78 2.15
N GLN B 478 14.07 -28.82 2.46
CA GLN B 478 13.49 -30.06 2.94
C GLN B 478 13.10 -29.96 4.41
N ALA B 479 13.87 -29.24 5.21
CA ALA B 479 13.67 -29.25 6.65
C ALA B 479 12.61 -28.25 7.10
N PHE B 480 12.42 -27.16 6.36
CA PHE B 480 11.50 -26.11 6.75
C PHE B 480 10.50 -25.84 5.64
N PRO B 481 9.23 -25.54 5.98
CA PRO B 481 8.72 -25.24 7.33
C PRO B 481 8.18 -26.41 8.15
N ARG B 482 8.37 -27.65 7.70
CA ARG B 482 7.78 -28.76 8.44
C ARG B 482 8.41 -28.92 9.83
N ALA B 483 9.69 -28.58 9.98
CA ALA B 483 10.28 -28.60 11.31
C ALA B 483 9.56 -27.62 12.25
N CYS B 484 9.06 -26.51 11.71
CA CYS B 484 8.29 -25.59 12.53
C CYS B 484 7.06 -26.27 13.11
N ALA B 485 6.40 -27.11 12.32
CA ALA B 485 5.22 -27.82 12.82
C ALA B 485 5.63 -28.80 13.91
N PHE B 486 6.74 -29.52 13.73
CA PHE B 486 7.16 -30.47 14.75
C PHE B 486 7.58 -29.77 16.03
N ALA B 487 8.15 -28.56 15.93
CA ALA B 487 8.43 -27.78 17.13
C ALA B 487 7.16 -27.57 17.95
N GLU B 488 6.05 -27.28 17.28
CA GLU B 488 4.79 -27.04 17.97
C GLU B 488 4.18 -28.34 18.48
N VAL B 489 4.33 -29.43 17.72
CA VAL B 489 3.88 -30.73 18.21
C VAL B 489 4.59 -31.08 19.51
N GLY B 490 5.89 -30.78 19.59
CA GLY B 490 6.67 -31.15 20.76
C GLY B 490 6.40 -30.29 21.98
N TRP B 491 6.03 -29.02 21.77
CA TRP B 491 5.92 -28.05 22.85
C TRP B 491 4.47 -27.76 23.24
N THR B 492 3.61 -27.47 22.27
CA THR B 492 2.29 -26.95 22.57
C THR B 492 1.38 -28.03 23.14
N PRO B 493 0.55 -27.70 24.13
CA PRO B 493 -0.42 -28.70 24.61
C PRO B 493 -1.36 -29.14 23.49
N ALA B 494 -1.82 -30.39 23.60
CA ALA B 494 -2.64 -30.97 22.54
C ALA B 494 -3.94 -30.19 22.35
N GLY B 495 -4.51 -29.67 23.44
CA GLY B 495 -5.78 -28.97 23.34
C GLY B 495 -5.72 -27.62 22.66
N LYS B 496 -4.55 -26.98 22.68
CA LYS B 496 -4.39 -25.66 22.07
C LYS B 496 -3.91 -25.72 20.63
N LYS B 497 -3.65 -26.90 20.09
CA LYS B 497 -3.18 -27.00 18.71
C LYS B 497 -4.31 -26.60 17.76
N ASP B 498 -3.93 -25.93 16.67
CA ASP B 498 -4.91 -25.30 15.78
C ASP B 498 -4.19 -25.03 14.47
N PHE B 499 -4.47 -25.87 13.46
CA PHE B 499 -3.68 -25.81 12.24
C PHE B 499 -3.96 -24.54 11.44
N PRO B 500 -5.20 -24.11 11.24
CA PRO B 500 -5.41 -22.81 10.59
C PRO B 500 -4.68 -21.67 11.28
N ASP B 501 -4.67 -21.65 12.62
CA ASP B 501 -3.94 -20.60 13.33
C ASP B 501 -2.44 -20.75 13.14
N PHE B 502 -1.94 -21.98 13.14
CA PHE B 502 -0.52 -22.22 12.91
C PHE B 502 -0.06 -21.67 11.56
N LYS B 503 -0.85 -21.90 10.52
CA LYS B 503 -0.46 -21.44 9.19
C LYS B 503 -0.35 -19.92 9.14
N LYS B 504 -1.24 -19.23 9.84
CA LYS B 504 -1.17 -17.77 9.91
C LYS B 504 0.08 -17.33 10.65
N ARG B 505 0.36 -17.95 11.79
CA ARG B 505 1.60 -17.64 12.51
C ARG B 505 2.82 -18.02 11.69
N LEU B 506 2.71 -19.07 10.88
CA LEU B 506 3.84 -19.51 10.08
C LEU B 506 4.19 -18.49 9.00
N LYS B 507 3.20 -17.77 8.46
CA LYS B 507 3.51 -16.72 7.51
C LYS B 507 4.33 -15.61 8.17
N ALA B 508 3.98 -15.24 9.40
CA ALA B 508 4.75 -14.23 10.12
C ALA B 508 6.15 -14.76 10.45
N TYR B 509 6.23 -15.98 10.96
CA TYR B 509 7.53 -16.56 11.27
C TYR B 509 8.43 -16.65 10.04
N SER B 510 7.84 -16.83 8.86
CA SER B 510 8.64 -16.96 7.64
C SER B 510 9.41 -15.68 7.34
N GLU B 511 8.89 -14.52 7.74
CA GLU B 511 9.65 -13.29 7.62
C GLU B 511 10.98 -13.40 8.35
N ARG B 512 10.97 -14.01 9.54
CA ARG B 512 12.20 -14.19 10.28
C ARG B 512 13.14 -15.16 9.58
N MET B 513 12.61 -16.26 9.05
CA MET B 513 13.45 -17.21 8.33
C MET B 513 14.09 -16.55 7.12
N ASP B 514 13.37 -15.65 6.45
CA ASP B 514 13.95 -14.92 5.32
C ASP B 514 15.19 -14.15 5.75
N LEU B 515 15.06 -13.30 6.78
CA LEU B 515 16.17 -12.47 7.21
C LEU B 515 17.33 -13.28 7.75
N MET B 516 17.08 -14.48 8.27
CA MET B 516 18.14 -15.32 8.79
C MET B 516 18.73 -16.25 7.73
N GLY B 517 18.23 -16.20 6.50
CA GLY B 517 18.85 -16.93 5.42
C GLY B 517 18.37 -18.35 5.22
N ILE B 518 17.21 -18.71 5.77
CA ILE B 518 16.68 -20.06 5.64
C ILE B 518 15.82 -20.13 4.39
N LYS B 519 16.24 -20.95 3.42
CA LYS B 519 15.55 -21.11 2.15
C LYS B 519 14.46 -22.18 2.27
N PHE B 520 13.47 -21.88 3.11
CA PHE B 520 12.34 -22.76 3.29
C PHE B 520 11.53 -22.86 1.99
N ALA B 521 10.69 -23.88 1.91
CA ALA B 521 9.82 -24.08 0.76
C ALA B 521 8.74 -23.00 0.75
N ARG B 522 8.69 -22.21 -0.33
CA ARG B 522 7.85 -21.02 -0.35
C ARG B 522 6.38 -21.34 -0.57
N ASN B 523 6.07 -22.40 -1.33
CA ASN B 523 4.71 -22.63 -1.79
C ASN B 523 3.83 -23.35 -0.77
N VAL B 524 4.39 -23.81 0.35
CA VAL B 524 3.61 -24.62 1.29
C VAL B 524 2.93 -23.81 2.39
N ILE B 525 3.38 -22.58 2.66
CA ILE B 525 2.99 -21.91 3.90
C ILE B 525 1.53 -21.48 3.90
N SER B 526 1.12 -20.70 2.88
CA SER B 526 -0.21 -20.09 2.87
C SER B 526 -1.14 -20.92 1.98
N GLN B 527 -1.66 -21.98 2.56
CA GLN B 527 -2.51 -22.94 1.87
C GLN B 527 -3.87 -23.01 2.56
N ILE B 528 -4.92 -23.13 1.76
CA ILE B 528 -6.27 -23.34 2.25
C ILE B 528 -6.59 -24.82 2.14
N ASP B 529 -7.05 -25.42 3.23
CA ASP B 529 -7.33 -26.85 3.27
C ASP B 529 -8.77 -27.09 3.70
N LYS B 530 -9.34 -28.19 3.19
CA LYS B 530 -10.72 -28.54 3.50
C LYS B 530 -10.94 -28.63 5.02
N SER B 531 -9.94 -29.12 5.76
CA SER B 531 -10.08 -29.28 7.19
C SER B 531 -10.15 -27.96 7.92
N ASP B 532 -9.71 -26.87 7.28
CA ASP B 532 -9.83 -25.55 7.91
C ASP B 532 -11.27 -25.23 8.29
N PHE B 533 -12.23 -25.79 7.55
CA PHE B 533 -13.64 -25.44 7.71
C PHE B 533 -14.46 -26.59 8.28
N PHE B 534 -13.80 -27.54 8.95
CA PHE B 534 -14.52 -28.67 9.52
C PHE B 534 -15.54 -28.20 10.55
N ASN B 535 -15.25 -27.12 11.25
CA ASN B 535 -16.13 -26.58 12.29
C ASN B 535 -16.90 -25.34 11.82
N THR B 536 -16.81 -24.99 10.54
CA THR B 536 -17.47 -23.78 10.04
C THR B 536 -18.82 -24.11 9.42
N PRO B 537 -19.84 -23.28 9.63
CA PRO B 537 -21.15 -23.55 9.04
C PRO B 537 -21.10 -23.62 7.52
N ARG B 538 -21.82 -24.60 6.96
CA ARG B 538 -21.99 -24.74 5.52
C ARG B 538 -23.34 -24.12 5.17
N ILE B 539 -23.34 -23.13 4.26
CA ILE B 539 -24.57 -22.46 3.88
C ILE B 539 -25.08 -22.88 2.50
N GLY B 540 -24.34 -23.73 1.81
CA GLY B 540 -24.78 -24.17 0.50
C GLY B 540 -23.71 -24.96 -0.22
N THR B 541 -24.04 -25.35 -1.44
CA THR B 541 -23.13 -26.08 -2.31
C THR B 541 -23.39 -25.67 -3.75
N TRP B 542 -22.52 -26.13 -4.64
CA TRP B 542 -22.77 -26.00 -6.07
C TRP B 542 -22.54 -27.34 -6.73
N THR B 543 -23.30 -27.59 -7.79
CA THR B 543 -23.27 -28.83 -8.56
C THR B 543 -23.32 -28.47 -10.03
N PRO B 544 -23.11 -29.42 -10.94
CA PRO B 544 -23.33 -29.12 -12.36
C PRO B 544 -24.73 -28.62 -12.63
N ALA B 545 -25.71 -29.04 -11.83
CA ALA B 545 -27.08 -28.57 -12.00
C ALA B 545 -27.19 -27.08 -11.67
N THR B 546 -26.68 -26.67 -10.51
CA THR B 546 -26.80 -25.26 -10.13
C THR B 546 -25.95 -24.35 -11.01
N LEU B 547 -24.98 -24.91 -11.72
CA LEU B 547 -24.13 -24.11 -12.62
C LEU B 547 -24.80 -23.79 -13.95
N THR B 548 -26.05 -24.19 -14.15
CA THR B 548 -26.81 -23.73 -15.31
C THR B 548 -27.22 -22.27 -15.19
N ARG B 549 -27.15 -21.69 -14.00
CA ARG B 549 -27.33 -20.26 -13.76
C ARG B 549 -26.11 -19.71 -13.05
N GLU B 550 -25.85 -18.42 -13.23
CA GLU B 550 -24.71 -17.77 -12.62
C GLU B 550 -25.05 -16.94 -11.40
N GLU B 551 -26.32 -16.93 -10.97
CA GLU B 551 -26.73 -16.21 -9.76
C GLU B 551 -27.20 -17.24 -8.74
N HIS B 552 -26.59 -17.24 -7.55
CA HIS B 552 -26.88 -18.25 -6.55
C HIS B 552 -27.14 -17.60 -5.19
N SER B 553 -28.21 -18.06 -4.54
CA SER B 553 -28.67 -17.50 -3.28
C SER B 553 -28.56 -18.53 -2.15
N PHE B 554 -28.10 -18.07 -0.99
CA PHE B 554 -27.97 -18.91 0.19
C PHE B 554 -28.50 -18.14 1.40
N ASP B 555 -29.45 -18.74 2.12
CA ASP B 555 -30.01 -18.10 3.30
C ASP B 555 -29.00 -18.14 4.45
N VAL B 556 -28.86 -17.01 5.15
CA VAL B 556 -27.98 -16.93 6.31
C VAL B 556 -28.71 -16.18 7.43
N THR B 557 -30.04 -16.16 7.36
CA THR B 557 -30.82 -15.42 8.34
C THR B 557 -30.50 -15.88 9.76
N LYS B 558 -30.49 -17.19 9.98
CA LYS B 558 -30.22 -17.75 11.30
C LYS B 558 -28.79 -17.54 11.76
N LEU B 559 -27.90 -17.06 10.88
CA LEU B 559 -26.48 -16.94 11.19
C LEU B 559 -26.02 -15.51 11.40
N VAL B 560 -26.78 -14.52 10.94
CA VAL B 560 -26.43 -13.11 11.10
C VAL B 560 -27.01 -12.65 12.42
N LYS B 561 -26.15 -12.56 13.44
CA LYS B 561 -26.56 -12.17 14.77
C LYS B 561 -25.95 -10.86 15.24
N ALA B 562 -24.97 -10.32 14.52
CA ALA B 562 -24.30 -9.11 14.93
C ALA B 562 -23.66 -8.46 13.71
N SER B 563 -23.50 -7.14 13.79
CA SER B 563 -22.78 -6.43 12.75
C SER B 563 -21.33 -6.91 12.70
N GLY B 564 -20.70 -6.69 11.55
CA GLY B 564 -19.28 -6.93 11.41
C GLY B 564 -18.97 -7.78 10.21
N LYS B 565 -17.70 -8.18 10.11
CA LYS B 565 -17.19 -8.86 8.93
C LYS B 565 -17.55 -10.35 8.98
N HIS B 566 -18.25 -10.80 7.95
CA HIS B 566 -18.57 -12.20 7.74
C HIS B 566 -17.80 -12.69 6.52
N THR B 567 -17.19 -13.87 6.62
CA THR B 567 -16.36 -14.40 5.56
C THR B 567 -17.08 -15.55 4.86
N VAL B 568 -17.21 -15.44 3.54
CA VAL B 568 -17.77 -16.48 2.70
C VAL B 568 -16.64 -17.15 1.93
N THR B 569 -16.56 -18.47 2.02
CA THR B 569 -15.54 -19.25 1.31
C THR B 569 -16.23 -20.21 0.36
N LEU B 570 -15.87 -20.14 -0.91
CA LEU B 570 -16.37 -21.05 -1.94
C LEU B 570 -15.27 -22.06 -2.22
N LEU B 571 -15.42 -23.27 -1.68
CA LEU B 571 -14.36 -24.27 -1.66
C LEU B 571 -14.70 -25.42 -2.59
N TYR B 572 -13.87 -25.61 -3.61
CA TYR B 572 -14.04 -26.71 -4.56
C TYR B 572 -13.84 -28.05 -3.86
N ASP B 573 -14.70 -29.01 -4.21
CA ASP B 573 -14.63 -30.37 -3.68
C ASP B 573 -14.11 -31.36 -4.72
N LYS B 574 -14.75 -31.44 -5.89
CA LYS B 574 -14.33 -32.38 -6.91
C LYS B 574 -14.88 -31.90 -8.25
N GLY B 575 -14.46 -32.59 -9.31
CA GLY B 575 -14.94 -32.29 -10.65
C GLY B 575 -13.83 -31.93 -11.61
N ALA B 576 -14.13 -31.96 -12.91
CA ALA B 576 -13.13 -31.65 -13.92
C ALA B 576 -12.85 -30.16 -14.03
N HIS B 577 -13.80 -29.31 -13.64
CA HIS B 577 -13.70 -27.88 -13.85
C HIS B 577 -13.81 -27.13 -12.53
N ALA B 578 -13.16 -25.97 -12.50
CA ALA B 578 -13.28 -25.03 -11.41
C ALA B 578 -14.47 -24.12 -11.66
N ILE B 579 -14.74 -23.21 -10.72
CA ILE B 579 -15.72 -22.16 -10.93
C ILE B 579 -14.99 -20.82 -10.94
N GLU B 580 -15.46 -19.91 -11.78
CA GLU B 580 -15.00 -18.53 -11.80
C GLU B 580 -15.99 -17.68 -11.02
N ILE B 581 -15.50 -16.95 -10.04
CA ILE B 581 -16.35 -16.19 -9.11
C ILE B 581 -16.19 -14.71 -9.43
N GLU B 582 -17.32 -14.05 -9.66
CA GLU B 582 -17.33 -12.63 -10.03
C GLU B 582 -17.51 -11.72 -8.82
N SER B 583 -18.45 -12.06 -7.94
CA SER B 583 -18.71 -11.24 -6.76
C SER B 583 -19.58 -12.05 -5.81
N VAL B 584 -19.56 -11.64 -4.53
CA VAL B 584 -20.42 -12.21 -3.50
C VAL B 584 -21.02 -11.03 -2.73
N ALA B 585 -22.30 -11.16 -2.37
CA ALA B 585 -23.02 -10.05 -1.75
C ALA B 585 -23.90 -10.55 -0.62
N LEU B 586 -24.21 -9.63 0.29
CA LEU B 586 -25.16 -9.86 1.37
C LEU B 586 -26.38 -8.98 1.16
N TYR B 587 -27.55 -9.57 1.30
CA TYR B 587 -28.81 -8.86 1.11
C TYR B 587 -29.58 -8.86 2.42
N GLU B 588 -30.12 -7.69 2.78
CA GLU B 588 -31.07 -7.57 3.88
C GLU B 588 -32.45 -7.49 3.26
N ASN B 589 -33.24 -8.54 3.44
CA ASN B 589 -34.47 -8.70 2.65
C ASN B 589 -34.11 -8.63 1.18
N SER B 590 -34.59 -7.60 0.47
CA SER B 590 -34.38 -7.48 -0.96
C SER B 590 -33.43 -6.34 -1.32
N ARG B 591 -32.59 -5.91 -0.39
CA ARG B 591 -31.69 -4.78 -0.61
C ARG B 591 -30.26 -5.19 -0.30
N GLU B 592 -29.36 -4.78 -1.19
CA GLU B 592 -27.94 -5.10 -1.02
C GLU B 592 -27.36 -4.24 0.09
N VAL B 593 -26.62 -4.87 1.01
CA VAL B 593 -25.97 -4.16 2.10
C VAL B 593 -24.47 -4.32 2.10
N SER B 594 -23.93 -5.22 1.28
CA SER B 594 -22.49 -5.39 1.14
C SER B 594 -22.22 -6.26 -0.07
N ARG B 595 -21.12 -5.98 -0.77
CA ARG B 595 -20.74 -6.76 -1.94
C ARG B 595 -19.23 -6.71 -2.07
N ASP B 596 -18.63 -7.88 -2.28
CA ASP B 596 -17.19 -8.02 -2.49
C ASP B 596 -17.03 -8.51 -3.93
N ALA B 597 -16.66 -7.60 -4.82
CA ALA B 597 -16.51 -7.90 -6.23
C ALA B 597 -15.02 -7.97 -6.53
N HIS B 598 -14.50 -9.20 -6.57
CA HIS B 598 -13.14 -9.45 -6.98
C HIS B 598 -13.12 -10.82 -7.64
N ALA B 599 -12.21 -11.01 -8.59
CA ALA B 599 -12.17 -12.24 -9.33
C ALA B 599 -11.65 -13.37 -8.44
N GLY B 600 -12.33 -14.50 -8.48
CA GLY B 600 -11.90 -15.67 -7.76
C GLY B 600 -12.04 -16.90 -8.62
N ARG B 601 -11.22 -17.90 -8.32
CA ARG B 601 -11.25 -19.17 -9.04
C ARG B 601 -11.07 -20.28 -8.02
N SER B 602 -12.09 -21.11 -7.85
CA SER B 602 -12.07 -22.20 -6.90
C SER B 602 -12.10 -23.51 -7.67
N GLY B 603 -10.97 -24.21 -7.69
CA GLY B 603 -10.86 -25.49 -8.36
C GLY B 603 -9.85 -26.35 -7.63
N ALA B 604 -9.12 -27.17 -8.41
CA ALA B 604 -8.02 -27.93 -7.84
C ALA B 604 -7.09 -27.04 -7.04
N HIS B 605 -6.66 -25.93 -7.63
CA HIS B 605 -5.97 -24.86 -6.91
C HIS B 605 -6.92 -23.69 -6.67
N LYS B 606 -6.67 -22.96 -5.59
CA LYS B 606 -7.57 -21.93 -5.09
C LYS B 606 -6.90 -20.58 -5.08
N GLU B 607 -7.53 -19.59 -5.73
CA GLU B 607 -7.02 -18.23 -5.75
C GLU B 607 -8.15 -17.29 -5.33
N ASN B 608 -8.01 -16.64 -4.17
CA ASN B 608 -8.92 -15.59 -3.72
C ASN B 608 -10.36 -16.10 -3.66
N ILE B 609 -10.56 -17.24 -2.99
CA ILE B 609 -11.87 -17.85 -2.94
C ILE B 609 -12.65 -17.39 -1.70
N GLN B 610 -12.10 -16.42 -0.98
CA GLN B 610 -12.71 -15.91 0.24
C GLN B 610 -13.19 -14.48 0.03
N TYR B 611 -14.43 -14.21 0.40
CA TYR B 611 -15.09 -12.93 0.17
C TYR B 611 -15.57 -12.36 1.49
N ILE B 612 -15.32 -11.06 1.69
CA ILE B 612 -15.59 -10.39 2.96
C ILE B 612 -16.85 -9.55 2.82
N LEU B 613 -17.83 -9.82 3.68
CA LEU B 613 -19.09 -9.09 3.68
C LEU B 613 -19.27 -8.37 5.01
N ASN B 614 -19.69 -7.11 4.96
CA ASN B 614 -19.94 -6.30 6.15
C ASN B 614 -21.43 -6.38 6.46
N ALA B 615 -21.78 -7.18 7.46
CA ALA B 615 -23.18 -7.26 7.88
C ALA B 615 -23.52 -6.05 8.74
N PRO B 616 -24.71 -5.48 8.58
CA PRO B 616 -25.17 -4.48 9.53
C PRO B 616 -25.67 -5.15 10.80
N ALA B 617 -25.90 -4.34 11.82
CA ALA B 617 -26.61 -4.83 12.99
C ALA B 617 -27.94 -5.42 12.51
N PRO B 618 -28.25 -6.68 12.85
CA PRO B 618 -29.41 -7.31 12.21
C PRO B 618 -30.69 -6.57 12.54
N ARG B 619 -31.57 -6.49 11.56
CA ARG B 619 -32.89 -5.91 11.75
C ARG B 619 -33.84 -7.03 12.16
N GLN B 620 -34.49 -6.86 13.31
CA GLN B 620 -35.40 -7.89 13.81
C GLN B 620 -36.42 -8.27 12.75
N GLY B 621 -36.57 -9.58 12.55
CA GLY B 621 -37.54 -10.09 11.61
C GLY B 621 -37.12 -10.09 10.16
N ALA B 622 -35.99 -9.47 9.84
CA ALA B 622 -35.56 -9.37 8.45
C ALA B 622 -34.87 -10.66 8.00
N THR B 623 -34.82 -10.84 6.69
CA THR B 623 -34.10 -11.94 6.07
C THR B 623 -32.72 -11.48 5.63
N TYR B 624 -31.76 -12.40 5.66
CA TYR B 624 -30.41 -12.13 5.20
C TYR B 624 -30.00 -13.23 4.24
N THR B 625 -29.47 -12.83 3.09
CA THR B 625 -29.19 -13.75 2.00
C THR B 625 -27.82 -13.45 1.42
N VAL B 626 -27.02 -14.49 1.22
CA VAL B 626 -25.79 -14.38 0.47
C VAL B 626 -26.08 -14.73 -0.99
N LYS B 627 -25.72 -13.82 -1.89
CA LYS B 627 -25.86 -14.05 -3.33
C LYS B 627 -24.47 -14.05 -3.94
N ALA B 628 -24.11 -15.15 -4.59
CA ALA B 628 -22.80 -15.30 -5.19
C ALA B 628 -22.96 -15.45 -6.69
N ASN B 629 -22.18 -14.68 -7.44
CA ASN B 629 -22.17 -14.73 -8.90
C ASN B 629 -20.95 -15.51 -9.35
N PHE B 630 -21.16 -16.74 -9.83
CA PHE B 630 -20.07 -17.58 -10.28
C PHE B 630 -20.57 -18.54 -11.35
N LYS B 631 -19.66 -18.97 -12.21
CA LYS B 631 -19.96 -19.86 -13.32
C LYS B 631 -18.88 -20.91 -13.43
N GLY B 632 -19.18 -21.98 -14.15
CA GLY B 632 -18.18 -22.99 -14.42
C GLY B 632 -17.10 -22.46 -15.33
N ALA B 633 -15.86 -22.86 -15.05
CA ALA B 633 -14.69 -22.39 -15.80
C ALA B 633 -14.41 -23.40 -16.91
N GLY B 634 -14.85 -23.10 -18.12
CA GLY B 634 -14.65 -24.01 -19.23
C GLY B 634 -15.49 -25.27 -19.17
N GLY B 635 -16.43 -25.36 -18.24
CA GLY B 635 -17.26 -26.54 -18.12
C GLY B 635 -18.14 -26.44 -16.89
N ARG B 636 -18.96 -27.47 -16.73
CA ARG B 636 -19.98 -27.51 -15.69
C ARG B 636 -19.81 -28.67 -14.72
N ASP B 637 -18.81 -29.51 -14.91
CA ASP B 637 -18.53 -30.61 -13.99
C ASP B 637 -17.76 -30.07 -12.79
N SER B 638 -18.52 -29.54 -11.82
CA SER B 638 -17.90 -28.93 -10.65
C SER B 638 -18.81 -29.13 -9.44
N HIS B 639 -18.19 -29.44 -8.29
CA HIS B 639 -18.88 -29.58 -7.02
C HIS B 639 -18.12 -28.78 -5.98
N GLY B 640 -18.84 -28.15 -5.07
CA GLY B 640 -18.17 -27.38 -4.04
C GLY B 640 -19.11 -27.01 -2.90
N THR B 641 -18.52 -26.45 -1.86
CA THR B 641 -19.21 -26.09 -0.63
C THR B 641 -18.99 -24.62 -0.33
N VAL B 642 -20.01 -23.96 0.20
CA VAL B 642 -19.96 -22.55 0.57
C VAL B 642 -20.00 -22.47 2.09
N TYR B 643 -18.98 -21.83 2.68
CA TYR B 643 -18.85 -21.68 4.11
C TYR B 643 -19.10 -20.24 4.53
N PHE B 644 -19.46 -20.07 5.80
CA PHE B 644 -19.87 -18.77 6.34
C PHE B 644 -19.34 -18.64 7.76
N GLU B 645 -18.37 -17.75 7.96
CA GLU B 645 -17.73 -17.53 9.26
C GLU B 645 -18.16 -16.18 9.81
N THR B 646 -18.65 -16.18 11.06
CA THR B 646 -19.03 -14.96 11.75
C THR B 646 -17.82 -14.33 12.46
N PRO B 647 -17.91 -13.05 12.85
CA PRO B 647 -16.78 -12.41 13.52
C PRO B 647 -16.56 -12.89 14.95
N GLN C 4 -9.43 15.55 5.91
CA GLN C 4 -10.10 16.81 5.63
C GLN C 4 -11.41 16.90 6.42
N ILE C 5 -11.73 18.13 6.85
CA ILE C 5 -12.78 18.35 7.84
C ILE C 5 -14.17 18.12 7.26
N ILE C 6 -15.05 17.53 8.08
CA ILE C 6 -16.49 17.54 7.88
C ILE C 6 -17.08 18.26 9.08
N PRO C 7 -17.88 19.33 8.90
CA PRO C 7 -18.29 19.98 7.65
C PRO C 7 -17.16 20.77 7.01
N LYS C 8 -17.17 20.84 5.67
CA LYS C 8 -16.18 21.63 4.97
C LYS C 8 -16.23 23.08 5.47
N PRO C 9 -15.11 23.66 5.88
CA PRO C 9 -15.15 25.06 6.36
C PRO C 9 -15.59 26.00 5.26
N ALA C 10 -15.99 27.21 5.68
CA ALA C 10 -16.48 28.20 4.73
C ALA C 10 -15.33 28.79 3.92
N GLU C 11 -14.19 29.06 4.55
CA GLU C 11 -13.05 29.70 3.91
C GLU C 11 -11.78 29.02 4.36
N ILE C 12 -10.91 28.68 3.42
CA ILE C 12 -9.63 28.07 3.73
C ILE C 12 -8.59 28.57 2.74
N THR C 13 -7.37 28.79 3.22
CA THR C 13 -6.25 29.17 2.39
C THR C 13 -5.05 28.30 2.75
N LEU C 14 -4.49 27.64 1.75
CA LEU C 14 -3.36 26.75 1.94
C LEU C 14 -2.06 27.43 1.51
N PHE C 15 -0.97 27.05 2.18
CA PHE C 15 0.36 27.51 1.84
C PHE C 15 1.27 26.30 1.67
N THR C 16 2.41 26.51 1.00
CA THR C 16 3.39 25.45 0.90
C THR C 16 4.25 25.41 2.15
N GLY C 17 4.81 24.25 2.43
CA GLY C 17 5.73 24.07 3.53
C GLY C 17 5.24 23.03 4.51
N SER C 18 5.89 23.00 5.67
CA SER C 18 5.58 22.03 6.70
C SER C 18 4.40 22.47 7.55
N PRO C 19 3.63 21.54 8.08
CA PRO C 19 2.51 21.90 8.96
C PRO C 19 3.01 22.16 10.37
N ALA C 20 2.15 22.78 11.16
CA ALA C 20 2.40 22.87 12.59
C ALA C 20 2.37 21.48 13.20
N ARG C 21 3.21 21.28 14.21
CA ARG C 21 3.25 19.98 14.89
C ARG C 21 3.30 20.21 16.39
N LEU C 22 2.43 19.54 17.11
CA LEU C 22 2.43 19.58 18.56
C LEU C 22 3.42 18.56 19.09
N THR C 23 4.19 18.96 20.08
CA THR C 23 5.22 18.11 20.66
C THR C 23 5.08 18.11 22.18
N PRO C 24 5.87 17.32 22.90
CA PRO C 24 5.79 17.35 24.36
C PRO C 24 6.14 18.71 24.96
N ASP C 25 6.77 19.60 24.19
CA ASP C 25 7.12 20.92 24.67
C ASP C 25 6.10 21.98 24.28
N SER C 26 5.03 21.61 23.58
CA SER C 26 4.04 22.58 23.16
C SER C 26 3.22 23.08 24.35
N LEU C 27 2.85 24.35 24.30
CA LEU C 27 2.06 24.99 25.33
C LEU C 27 0.75 25.51 24.74
N ILE C 28 -0.22 25.75 25.60
CA ILE C 28 -1.46 26.43 25.24
C ILE C 28 -1.46 27.77 25.96
N ILE C 29 -1.31 28.84 25.19
CA ILE C 29 -1.22 30.20 25.72
C ILE C 29 -2.55 30.89 25.45
N THR C 30 -3.08 31.58 26.46
CA THR C 30 -4.33 32.33 26.33
C THR C 30 -4.01 33.81 26.36
N GLU C 31 -4.19 34.48 25.22
CA GLU C 31 -3.96 35.92 25.10
C GLU C 31 -5.27 36.69 25.21
N THR C 32 -6.06 36.33 26.22
CA THR C 32 -7.25 37.08 26.58
C THR C 32 -7.52 36.81 28.05
N GLN C 33 -8.14 37.78 28.71
CA GLN C 33 -8.49 37.65 30.12
C GLN C 33 -9.97 37.34 30.32
N ASP C 34 -10.73 37.23 29.24
CA ASP C 34 -12.13 36.82 29.32
C ASP C 34 -12.22 35.46 29.98
N LYS C 35 -12.87 35.39 31.15
CA LYS C 35 -12.90 34.12 31.88
C LYS C 35 -13.63 33.04 31.09
N ALA C 36 -14.52 33.44 30.19
CA ALA C 36 -15.23 32.44 29.38
C ALA C 36 -14.28 31.78 28.40
N PHE C 37 -13.32 32.53 27.85
CA PHE C 37 -12.30 31.93 27.00
C PHE C 37 -11.34 31.08 27.83
N LEU C 38 -10.98 31.56 29.02
CA LEU C 38 -10.08 30.79 29.87
C LEU C 38 -10.69 29.44 30.24
N ASP C 39 -12.01 29.40 30.42
CA ASP C 39 -12.68 28.13 30.69
C ASP C 39 -12.65 27.23 29.45
N GLN C 40 -12.94 27.77 28.27
CA GLN C 40 -12.87 26.96 27.06
C GLN C 40 -11.45 26.43 26.83
N ALA C 41 -10.44 27.24 27.16
CA ALA C 41 -9.06 26.79 26.99
C ALA C 41 -8.75 25.64 27.94
N GLY C 42 -9.28 25.69 29.16
CA GLY C 42 -9.07 24.60 30.10
C GLY C 42 -9.71 23.32 29.63
N GLN C 43 -10.90 23.41 29.05
CA GLN C 43 -11.57 22.22 28.52
C GLN C 43 -10.90 21.73 27.26
N LEU C 44 -10.42 22.65 26.42
CA LEU C 44 -9.62 22.27 25.27
C LEU C 44 -8.34 21.58 25.69
N GLN C 45 -7.71 22.07 26.75
CA GLN C 45 -6.47 21.47 27.24
C GLN C 45 -6.68 20.03 27.66
N GLN C 46 -7.74 19.78 28.44
CA GLN C 46 -8.02 18.42 28.90
C GLN C 46 -8.28 17.50 27.71
N MET C 47 -9.08 17.98 26.75
CA MET C 47 -9.48 17.14 25.62
C MET C 47 -8.30 16.82 24.71
N LEU C 48 -7.49 17.83 24.38
CA LEU C 48 -6.37 17.60 23.47
C LEU C 48 -5.28 16.76 24.15
N SER C 49 -5.05 17.00 25.45
CA SER C 49 -4.02 16.24 26.15
C SER C 49 -4.39 14.76 26.21
N ALA C 50 -5.65 14.45 26.50
CA ALA C 50 -6.06 13.05 26.59
C ALA C 50 -5.92 12.34 25.26
N GLY C 51 -6.26 13.02 24.17
CA GLY C 51 -6.23 12.40 22.86
C GLY C 51 -4.84 12.26 22.26
N THR C 52 -3.97 13.24 22.50
CA THR C 52 -2.63 13.21 21.93
C THR C 52 -1.60 12.55 22.85
N GLY C 53 -1.89 12.45 24.14
CA GLY C 53 -0.91 12.01 25.10
C GLY C 53 0.13 13.06 25.43
N LEU C 54 0.02 14.26 24.87
CA LEU C 54 0.97 15.34 25.16
C LEU C 54 0.53 16.12 26.39
N PRO C 55 1.48 16.59 27.21
CA PRO C 55 1.07 17.37 28.40
C PRO C 55 0.26 18.61 28.05
N LEU C 56 0.75 19.43 27.11
CA LEU C 56 0.06 20.62 26.65
C LEU C 56 -0.45 21.48 27.81
N PRO C 57 0.46 22.06 28.60
CA PRO C 57 0.02 22.85 29.75
C PRO C 57 -0.44 24.25 29.37
N LEU C 58 -1.38 24.76 30.15
CA LEU C 58 -1.81 26.15 30.04
C LEU C 58 -0.78 27.07 30.69
N LYS C 59 -0.35 28.09 29.96
CA LYS C 59 0.62 29.04 30.47
C LYS C 59 0.08 30.44 30.17
N PRO C 60 0.49 31.44 30.94
CA PRO C 60 -0.15 32.76 30.85
C PRO C 60 0.28 33.58 29.65
N ALA C 61 -0.57 34.53 29.31
CA ALA C 61 -0.27 35.48 28.23
C ALA C 61 1.08 36.13 28.53
N GLY C 62 1.95 36.15 27.53
CA GLY C 62 3.29 36.64 27.73
C GLY C 62 4.34 35.55 27.70
N GLN C 63 3.92 34.29 27.71
CA GLN C 63 4.85 33.17 27.74
C GLN C 63 5.72 33.18 26.49
N ALA C 64 7.04 33.00 26.70
CA ALA C 64 8.03 33.01 25.61
C ALA C 64 8.88 31.75 25.71
N SER C 65 8.32 30.64 25.24
CA SER C 65 9.02 29.36 25.18
C SER C 65 9.26 29.02 23.71
N LYS C 66 10.36 29.51 23.16
CA LYS C 66 10.74 29.13 21.80
C LYS C 66 11.29 27.72 21.79
N LYS C 67 10.41 26.73 21.64
CA LYS C 67 10.86 25.37 21.51
C LYS C 67 10.04 24.62 20.46
N ALA C 68 8.72 24.70 20.60
CA ALA C 68 7.79 24.00 19.72
C ALA C 68 6.62 24.92 19.40
N ALA C 69 5.84 24.50 18.40
CA ALA C 69 4.63 25.24 18.08
C ALA C 69 3.64 25.15 19.22
N CYS C 70 3.01 26.28 19.54
CA CYS C 70 2.09 26.37 20.66
C CYS C 70 0.71 26.81 20.17
N ILE C 71 -0.31 26.44 20.94
CA ILE C 71 -1.68 26.82 20.64
C ILE C 71 -1.98 28.13 21.38
N VAL C 72 -2.38 29.15 20.64
CA VAL C 72 -2.68 30.46 21.19
C VAL C 72 -4.16 30.76 21.00
N ILE C 73 -4.84 31.10 22.08
CA ILE C 73 -6.27 31.32 22.09
C ILE C 73 -6.52 32.82 22.22
N LYS C 74 -7.08 33.41 21.16
CA LYS C 74 -7.34 34.84 21.09
C LYS C 74 -8.82 35.11 20.99
N LYS C 75 -9.23 36.28 21.50
CA LYS C 75 -10.58 36.80 21.34
C LYS C 75 -10.53 37.89 20.25
N ASP C 76 -11.20 37.64 19.14
CA ASP C 76 -11.17 38.54 17.99
C ASP C 76 -12.59 38.99 17.68
N PRO C 77 -12.93 40.27 17.84
CA PRO C 77 -14.31 40.71 17.57
C PRO C 77 -14.63 40.86 16.09
N ALA C 78 -13.65 40.73 15.21
CA ALA C 78 -13.90 40.86 13.78
C ALA C 78 -14.89 39.80 13.31
N LEU C 79 -14.89 38.64 13.97
CA LEU C 79 -15.70 37.51 13.55
C LEU C 79 -17.13 37.58 14.06
N ALA C 80 -17.47 38.62 14.82
CA ALA C 80 -18.80 38.71 15.41
C ALA C 80 -19.89 38.75 14.36
N ALA C 81 -19.61 39.37 13.21
CA ALA C 81 -20.63 39.49 12.18
C ALA C 81 -21.13 38.14 11.69
N ARG C 82 -20.33 37.08 11.87
CA ARG C 82 -20.70 35.75 11.41
C ARG C 82 -21.38 34.90 12.48
N GLY C 83 -21.60 35.45 13.67
CA GLY C 83 -22.30 34.74 14.72
C GLY C 83 -21.37 34.22 15.82
N GLU C 84 -22.00 33.76 16.90
CA GLU C 84 -21.27 33.28 18.07
C GLU C 84 -20.56 31.96 17.84
N GLU C 85 -20.87 31.25 16.75
CA GLU C 85 -20.25 29.97 16.44
C GLU C 85 -19.06 30.10 15.51
N ALA C 86 -18.76 31.32 15.06
CA ALA C 86 -17.66 31.54 14.12
C ALA C 86 -16.31 31.42 14.83
N TYR C 87 -15.30 31.04 14.07
CA TYR C 87 -13.94 30.92 14.59
C TYR C 87 -12.97 31.03 13.43
N SER C 88 -11.69 31.17 13.77
CA SER C 88 -10.62 31.16 12.78
C SER C 88 -9.45 30.35 13.33
N ILE C 89 -8.73 29.70 12.43
CA ILE C 89 -7.54 28.94 12.78
C ILE C 89 -6.40 29.40 11.87
N GLN C 90 -5.27 29.75 12.47
CA GLN C 90 -4.03 30.05 11.76
C GLN C 90 -2.97 29.08 12.22
N SER C 91 -2.46 28.26 11.30
CA SER C 91 -1.53 27.19 11.63
C SER C 91 -0.28 27.29 10.80
N SER C 92 0.86 27.32 11.47
CA SER C 92 2.16 27.25 10.83
C SER C 92 3.15 26.70 11.84
N PRO C 93 4.35 26.31 11.42
CA PRO C 93 5.34 25.81 12.37
C PRO C 93 5.61 26.77 13.52
N SER C 94 5.39 28.07 13.33
CA SER C 94 5.62 29.03 14.40
C SER C 94 4.56 28.91 15.50
N GLY C 95 3.30 28.72 15.13
CA GLY C 95 2.26 28.59 16.14
C GLY C 95 0.91 28.34 15.51
N ILE C 96 -0.01 27.89 16.37
CA ILE C 96 -1.40 27.62 16.02
C ILE C 96 -2.27 28.62 16.77
N ILE C 97 -3.00 29.46 16.05
CA ILE C 97 -3.79 30.52 16.65
C ILE C 97 -5.27 30.18 16.47
N LEU C 98 -5.98 30.08 17.59
CA LEU C 98 -7.42 29.86 17.59
C LEU C 98 -8.09 31.15 18.05
N SER C 99 -8.88 31.76 17.18
CA SER C 99 -9.56 33.02 17.48
C SER C 99 -11.06 32.84 17.35
N ALA C 100 -11.81 33.61 18.15
CA ALA C 100 -13.26 33.58 18.08
C ALA C 100 -13.80 34.83 18.75
N ALA C 101 -14.98 35.26 18.27
CA ALA C 101 -15.66 36.38 18.92
C ALA C 101 -16.31 35.95 20.22
N ASP C 102 -16.80 34.70 20.29
CA ASP C 102 -17.43 34.15 21.47
C ASP C 102 -16.75 32.83 21.79
N ALA C 103 -16.76 32.47 23.07
CA ALA C 103 -16.03 31.28 23.51
C ALA C 103 -16.54 30.02 22.80
N ARG C 104 -17.80 30.00 22.40
CA ARG C 104 -18.32 28.84 21.66
C ARG C 104 -17.47 28.56 20.43
N GLY C 105 -17.01 29.61 19.74
CA GLY C 105 -16.19 29.40 18.57
C GLY C 105 -14.92 28.63 18.86
N ILE C 106 -14.35 28.83 20.06
CA ILE C 106 -13.12 28.13 20.41
C ILE C 106 -13.36 26.63 20.45
N PHE C 107 -14.50 26.20 20.99
CA PHE C 107 -14.80 24.77 21.03
C PHE C 107 -14.81 24.18 19.62
N TYR C 108 -15.49 24.86 18.69
CA TYR C 108 -15.54 24.35 17.32
C TYR C 108 -14.18 24.42 16.65
N ALA C 109 -13.38 25.44 16.98
CA ALA C 109 -12.00 25.47 16.50
C ALA C 109 -11.25 24.24 16.96
N GLY C 110 -11.52 23.77 18.18
CA GLY C 110 -10.87 22.56 18.67
C GLY C 110 -11.35 21.32 17.95
N GLN C 111 -12.63 21.27 17.58
CA GLN C 111 -13.14 20.10 16.86
C GLN C 111 -12.54 20.00 15.47
N SER C 112 -12.40 21.14 14.78
CA SER C 112 -11.70 21.13 13.49
C SER C 112 -10.25 20.72 13.67
N LEU C 113 -9.60 21.25 14.72
CA LEU C 113 -8.23 20.87 15.03
C LEU C 113 -8.09 19.36 15.18
N VAL C 114 -9.03 18.73 15.90
CA VAL C 114 -8.99 17.29 16.09
C VAL C 114 -9.09 16.57 14.75
N GLN C 115 -10.00 17.02 13.88
CA GLN C 115 -10.19 16.37 12.58
C GLN C 115 -9.02 16.60 11.63
N MET C 116 -8.08 17.47 11.96
CA MET C 116 -6.89 17.67 11.15
C MET C 116 -5.68 16.92 11.72
N MET C 117 -5.86 16.13 12.77
CA MET C 117 -4.82 15.34 13.38
C MET C 117 -5.06 13.85 13.16
N PRO C 118 -4.03 13.02 13.39
CA PRO C 118 -4.20 11.57 13.17
C PRO C 118 -5.39 11.00 13.94
N SER C 119 -6.05 10.03 13.31
CA SER C 119 -7.27 9.46 13.88
C SER C 119 -7.02 8.68 15.17
N VAL C 120 -5.78 8.25 15.41
CA VAL C 120 -5.45 7.56 16.65
C VAL C 120 -5.71 8.44 17.86
N PHE C 121 -5.92 9.74 17.65
CA PHE C 121 -6.39 10.62 18.72
C PHE C 121 -7.57 10.00 19.46
N HIS C 122 -8.48 9.35 18.73
CA HIS C 122 -9.67 8.78 19.33
C HIS C 122 -9.44 7.38 19.90
N ASP C 123 -8.29 6.77 19.62
CA ASP C 123 -7.98 5.44 20.14
C ASP C 123 -7.60 5.58 21.61
N ARG C 124 -8.38 4.94 22.48
CA ARG C 124 -8.20 5.15 23.91
C ARG C 124 -6.94 4.46 24.43
N THR C 125 -6.53 3.36 23.80
CA THR C 125 -5.34 2.61 24.18
C THR C 125 -4.28 2.58 23.09
N GLY C 126 -4.41 3.40 22.05
CA GLY C 126 -3.42 3.42 20.99
C GLY C 126 -2.06 3.92 21.45
N ASP C 127 -1.06 3.67 20.59
CA ASP C 127 0.30 4.10 20.86
C ASP C 127 0.36 5.55 20.41
N LYS C 128 0.16 6.47 21.34
CA LYS C 128 0.14 7.88 21.02
C LYS C 128 1.52 8.52 21.06
N SER C 129 2.51 7.85 21.65
CA SER C 129 3.86 8.37 21.69
C SER C 129 4.58 8.16 20.36
N ALA C 130 4.06 7.29 19.51
CA ALA C 130 4.64 6.99 18.21
C ALA C 130 4.13 7.90 17.10
N VAL C 131 3.19 8.79 17.41
CA VAL C 131 2.48 9.58 16.43
C VAL C 131 3.14 10.95 16.29
N ARG C 132 3.24 11.44 15.05
CA ARG C 132 3.61 12.83 14.80
C ARG C 132 2.32 13.64 14.75
N TRP C 133 2.12 14.53 15.71
CA TRP C 133 0.85 15.24 15.85
C TRP C 133 0.85 16.50 14.99
N ASN C 134 0.93 16.27 13.69
CA ASN C 134 0.88 17.34 12.71
C ASN C 134 -0.56 17.83 12.54
N ILE C 135 -0.70 19.15 12.43
CA ILE C 135 -2.00 19.76 12.15
C ILE C 135 -2.10 19.87 10.63
N SER C 136 -2.77 18.89 10.01
CA SER C 136 -2.88 18.82 8.56
C SER C 136 -1.51 18.62 7.93
N GLU C 137 -1.37 18.96 6.66
CA GLU C 137 -0.13 18.72 5.93
C GLU C 137 0.61 20.01 5.58
N THR C 138 -0.01 21.17 5.73
CA THR C 138 0.62 22.41 5.35
C THR C 138 0.25 23.53 6.32
N PRO C 139 0.89 24.69 6.24
CA PRO C 139 0.35 25.87 6.91
C PRO C 139 -0.94 26.29 6.23
N PHE C 140 -1.82 26.92 7.00
CA PHE C 140 -3.12 27.28 6.44
C PHE C 140 -3.78 28.32 7.32
N ARG C 141 -4.80 28.96 6.76
CA ARG C 141 -5.68 29.86 7.49
C ARG C 141 -7.11 29.47 7.19
N ILE C 142 -7.90 29.26 8.24
CA ILE C 142 -9.31 28.89 8.12
C ILE C 142 -10.15 29.98 8.78
N THR C 143 -11.19 30.42 8.09
CA THR C 143 -12.23 31.27 8.66
C THR C 143 -13.56 30.55 8.42
N ASP C 144 -14.24 30.20 9.50
CA ASP C 144 -15.36 29.27 9.45
C ASP C 144 -16.54 29.80 10.24
N TYR C 145 -17.74 29.42 9.80
CA TYR C 145 -19.00 29.83 10.41
C TYR C 145 -20.13 29.04 9.78
N PRO C 146 -21.23 28.80 10.50
CA PRO C 146 -22.30 27.97 9.96
C PRO C 146 -23.23 28.74 9.03
N ARG C 147 -23.75 28.01 8.04
CA ARG C 147 -24.76 28.59 7.16
C ARG C 147 -26.10 28.72 7.88
N PHE C 148 -26.50 27.70 8.63
CA PHE C 148 -27.74 27.70 9.39
C PHE C 148 -27.43 27.63 10.88
N SER C 149 -28.30 28.26 11.67
CA SER C 149 -28.15 28.27 13.12
C SER C 149 -28.81 27.08 13.81
N TRP C 150 -29.72 26.39 13.13
CA TRP C 150 -30.43 25.23 13.67
C TRP C 150 -29.97 24.01 12.87
N ARG C 151 -29.09 23.20 13.47
CA ARG C 151 -28.50 22.03 12.82
C ARG C 151 -28.77 20.83 13.73
N ALA C 152 -29.94 20.21 13.57
CA ALA C 152 -30.50 19.34 14.58
C ALA C 152 -30.51 17.87 14.17
N LEU C 153 -30.39 17.00 15.17
CA LEU C 153 -30.57 15.56 15.02
C LEU C 153 -31.56 15.09 16.08
N MET C 154 -32.61 14.39 15.66
CA MET C 154 -33.61 13.88 16.59
C MET C 154 -33.38 12.40 16.86
N ILE C 155 -33.37 12.02 18.14
CA ILE C 155 -33.30 10.63 18.56
C ILE C 155 -34.61 10.26 19.24
N ASP C 156 -35.24 9.20 18.74
CA ASP C 156 -36.50 8.68 19.27
C ASP C 156 -36.18 7.58 20.28
N GLU C 157 -36.31 7.88 21.56
CA GLU C 157 -36.12 6.89 22.62
C GLU C 157 -37.45 6.39 23.19
N ALA C 158 -38.58 6.84 22.66
CA ALA C 158 -39.86 6.35 23.14
C ALA C 158 -40.19 4.98 22.55
N ARG C 159 -39.99 4.81 21.24
CA ARG C 159 -40.25 3.53 20.61
C ARG C 159 -39.32 2.45 21.17
N HIS C 160 -38.03 2.76 21.25
CA HIS C 160 -37.06 1.91 21.92
C HIS C 160 -36.16 2.79 22.78
N PHE C 161 -35.95 2.39 24.03
CA PHE C 161 -35.05 3.09 24.93
C PHE C 161 -33.63 2.57 24.75
N PHE C 162 -32.67 3.50 24.69
CA PHE C 162 -31.26 3.15 24.53
C PHE C 162 -30.43 3.51 25.74
N GLY C 163 -30.64 4.69 26.32
CA GLY C 163 -30.05 5.02 27.61
C GLY C 163 -28.87 5.96 27.49
N GLU C 164 -28.33 6.28 28.67
CA GLU C 164 -27.33 7.35 28.79
C GLU C 164 -26.08 7.03 27.98
N LYS C 165 -25.60 5.79 28.03
CA LYS C 165 -24.38 5.45 27.33
C LYS C 165 -24.51 5.71 25.83
N THR C 166 -25.64 5.31 25.23
CA THR C 166 -25.81 5.49 23.80
C THR C 166 -25.99 6.97 23.44
N ILE C 167 -26.78 7.71 24.23
CA ILE C 167 -27.09 9.09 23.86
C ILE C 167 -25.87 9.99 23.97
N LYS C 168 -24.98 9.73 24.94
CA LYS C 168 -23.73 10.47 25.00
C LYS C 168 -22.85 10.14 23.80
N GLN C 169 -22.90 8.89 23.34
CA GLN C 169 -22.13 8.49 22.17
C GLN C 169 -22.59 9.23 20.92
N ILE C 170 -23.90 9.44 20.79
CA ILE C 170 -24.41 10.22 19.67
C ILE C 170 -24.06 11.69 19.83
N ILE C 171 -24.12 12.20 21.07
CA ILE C 171 -23.75 13.59 21.29
C ILE C 171 -22.30 13.82 20.91
N ASP C 172 -21.44 12.82 21.12
CA ASP C 172 -20.04 12.95 20.72
C ASP C 172 -19.91 13.10 19.21
N GLN C 173 -20.70 12.33 18.45
CA GLN C 173 -20.67 12.49 17.00
C GLN C 173 -21.20 13.85 16.59
N MET C 174 -22.32 14.28 17.18
CA MET C 174 -22.88 15.59 16.84
C MET C 174 -21.85 16.68 17.09
N ALA C 175 -21.15 16.61 18.21
CA ALA C 175 -20.18 17.65 18.54
C ALA C 175 -19.01 17.65 17.58
N LEU C 176 -18.52 16.46 17.21
CA LEU C 176 -17.43 16.39 16.25
C LEU C 176 -17.86 16.90 14.88
N LEU C 177 -19.15 16.79 14.56
CA LEU C 177 -19.71 17.26 13.31
C LEU C 177 -20.33 18.65 13.41
N LYS C 178 -20.25 19.29 14.58
CA LYS C 178 -20.72 20.66 14.82
C LYS C 178 -22.24 20.80 14.70
N MET C 179 -22.99 19.72 14.89
CA MET C 179 -24.43 19.84 15.05
C MET C 179 -24.73 20.29 16.48
N ASN C 180 -25.70 21.19 16.63
CA ASN C 180 -25.89 21.91 17.88
C ASN C 180 -27.26 21.75 18.51
N ILE C 181 -28.15 20.93 17.96
CA ILE C 181 -29.48 20.73 18.52
C ILE C 181 -29.76 19.24 18.60
N LEU C 182 -29.95 18.73 19.81
CA LEU C 182 -30.42 17.37 20.02
C LEU C 182 -31.92 17.44 20.32
N HIS C 183 -32.73 17.03 19.35
CA HIS C 183 -34.18 16.95 19.50
C HIS C 183 -34.52 15.59 20.11
N TRP C 184 -34.94 15.60 21.37
CA TRP C 184 -35.07 14.37 22.17
C TRP C 184 -36.54 13.98 22.23
N HIS C 185 -36.89 12.98 21.44
CA HIS C 185 -38.28 12.49 21.36
C HIS C 185 -38.45 11.42 22.42
N LEU C 186 -39.03 11.82 23.56
CA LEU C 186 -39.01 11.00 24.77
C LEU C 186 -40.36 10.42 25.16
N THR C 187 -41.45 10.77 24.46
CA THR C 187 -42.75 10.21 24.77
C THR C 187 -43.48 9.87 23.48
N ASP C 188 -44.24 8.78 23.51
CA ASP C 188 -45.04 8.34 22.38
C ASP C 188 -46.00 7.28 22.90
N ASP C 189 -46.66 6.57 21.98
CA ASP C 189 -47.64 5.57 22.39
C ASP C 189 -46.98 4.41 23.12
N THR C 190 -45.77 4.03 22.71
CA THR C 190 -45.15 2.80 23.18
C THR C 190 -44.13 3.04 24.28
N GLY C 191 -44.03 4.26 24.80
CA GLY C 191 -43.11 4.53 25.88
C GLY C 191 -43.12 5.95 26.40
N TRP C 192 -42.92 6.09 27.71
CA TRP C 192 -42.73 7.39 28.35
C TRP C 192 -41.44 7.31 29.14
N ARG C 193 -40.49 8.20 28.82
CA ARG C 193 -39.10 8.02 29.26
C ARG C 193 -38.61 9.10 30.21
N ILE C 194 -39.48 9.99 30.69
CA ILE C 194 -39.08 11.07 31.58
C ILE C 194 -39.74 10.84 32.94
N GLU C 195 -38.93 10.69 33.98
CA GLU C 195 -39.47 10.64 35.33
C GLU C 195 -40.18 11.94 35.65
N ILE C 196 -41.44 11.83 36.06
CA ILE C 196 -42.23 12.97 36.54
C ILE C 196 -42.62 12.67 37.97
N LYS C 197 -42.12 13.48 38.90
CA LYS C 197 -42.27 13.15 40.32
C LYS C 197 -43.73 13.18 40.73
N LYS C 198 -44.50 14.14 40.20
CA LYS C 198 -45.89 14.28 40.62
C LYS C 198 -46.77 13.16 40.09
N TYR C 199 -46.43 12.59 38.94
CA TYR C 199 -47.21 11.53 38.30
C TYR C 199 -46.29 10.32 38.10
N PRO C 200 -46.02 9.58 39.16
CA PRO C 200 -45.01 8.51 39.07
C PRO C 200 -45.41 7.35 38.18
N ARG C 201 -46.70 7.18 37.89
CA ARG C 201 -47.09 6.07 37.01
C ARG C 201 -46.68 6.31 35.56
N LEU C 202 -46.33 7.55 35.20
CA LEU C 202 -45.87 7.81 33.84
C LEU C 202 -44.67 6.94 33.49
N THR C 203 -43.78 6.71 34.46
CA THR C 203 -42.63 5.83 34.25
C THR C 203 -42.87 4.44 34.84
N SER C 204 -43.50 4.35 36.02
CA SER C 204 -43.71 3.03 36.61
C SER C 204 -44.61 2.17 35.74
N ILE C 205 -45.49 2.79 34.96
CA ILE C 205 -46.35 2.09 34.00
C ILE C 205 -45.93 2.39 32.57
N GLY C 206 -45.80 3.67 32.24
CA GLY C 206 -45.60 4.08 30.85
C GLY C 206 -44.26 3.73 30.26
N SER C 207 -43.28 3.36 31.08
CA SER C 207 -41.94 3.05 30.60
C SER C 207 -41.73 1.55 30.37
N LYS C 208 -42.77 0.74 30.53
CA LYS C 208 -42.67 -0.70 30.37
C LYS C 208 -43.69 -1.17 29.34
N ARG C 209 -43.31 -2.14 28.52
CA ARG C 209 -44.27 -2.81 27.64
C ARG C 209 -43.90 -4.27 27.52
N ARG C 210 -44.92 -5.07 27.16
CA ARG C 210 -44.81 -6.52 27.20
C ARG C 210 -43.91 -7.06 26.10
N GLU C 211 -43.98 -6.50 24.89
CA GLU C 211 -43.23 -7.00 23.75
C GLU C 211 -43.30 -5.93 22.66
N SER C 212 -42.67 -6.22 21.52
CA SER C 212 -42.61 -5.27 20.42
C SER C 212 -42.86 -6.01 19.10
N GLU C 213 -43.76 -5.46 18.28
CA GLU C 213 -43.89 -5.93 16.91
C GLU C 213 -42.61 -5.62 16.12
N ILE C 214 -42.32 -6.45 15.14
CA ILE C 214 -41.09 -6.34 14.36
C ILE C 214 -41.41 -6.42 12.88
N GLY C 215 -40.43 -6.04 12.06
CA GLY C 215 -40.56 -6.09 10.61
C GLY C 215 -41.11 -4.81 10.02
N THR C 216 -42.41 -4.58 10.20
CA THR C 216 -43.05 -3.37 9.72
C THR C 216 -44.43 -3.30 10.35
N TRP C 217 -45.15 -2.22 10.08
CA TRP C 217 -46.48 -2.04 10.66
C TRP C 217 -47.42 -3.15 10.20
N ASN C 218 -48.17 -3.70 11.16
CA ASN C 218 -49.15 -4.76 10.88
C ASN C 218 -48.48 -6.02 10.32
N SER C 219 -47.24 -6.28 10.75
CA SER C 219 -46.55 -7.48 10.28
C SER C 219 -47.17 -8.74 10.86
N GLY C 220 -47.82 -8.64 12.02
CA GLY C 220 -48.21 -9.80 12.78
C GLY C 220 -47.07 -10.51 13.49
N LYS C 221 -45.84 -10.03 13.33
CA LYS C 221 -44.68 -10.64 13.95
C LYS C 221 -44.29 -9.87 15.19
N SER C 222 -43.69 -10.58 16.15
CA SER C 222 -43.35 -10.00 17.44
C SER C 222 -42.11 -10.69 18.00
N ASP C 223 -41.37 -9.96 18.84
CA ASP C 223 -40.16 -10.50 19.45
C ASP C 223 -40.41 -11.14 20.81
N GLY C 224 -41.63 -11.04 21.34
CA GLY C 224 -41.96 -11.65 22.61
C GLY C 224 -41.04 -11.26 23.75
N THR C 225 -40.42 -10.08 23.65
CA THR C 225 -39.41 -9.65 24.61
C THR C 225 -39.86 -8.39 25.34
N PRO C 226 -40.02 -8.42 26.66
CA PRO C 226 -40.34 -7.19 27.39
C PRO C 226 -39.29 -6.11 27.13
N HIS C 227 -39.76 -4.87 27.12
CA HIS C 227 -38.89 -3.72 26.89
C HIS C 227 -39.24 -2.62 27.87
N GLU C 228 -38.22 -2.06 28.54
CA GLU C 228 -38.45 -1.01 29.52
C GLU C 228 -37.23 -0.11 29.63
N GLY C 229 -37.44 1.04 30.24
CA GLY C 229 -36.39 2.01 30.46
C GLY C 229 -36.93 3.43 30.53
N PHE C 230 -36.23 4.28 31.26
CA PHE C 230 -36.56 5.69 31.34
C PHE C 230 -35.40 6.42 32.01
N TYR C 231 -35.39 7.75 31.85
CA TYR C 231 -34.38 8.59 32.45
C TYR C 231 -34.89 9.20 33.75
N THR C 232 -34.08 9.14 34.80
CA THR C 232 -34.35 9.91 36.00
C THR C 232 -34.02 11.37 35.74
N GLN C 233 -34.53 12.24 36.61
CA GLN C 233 -34.25 13.66 36.47
C GLN C 233 -32.77 13.97 36.70
N GLU C 234 -32.11 13.22 37.59
CA GLU C 234 -30.67 13.38 37.74
C GLU C 234 -29.95 12.98 36.47
N GLN C 235 -30.39 11.91 35.82
CA GLN C 235 -29.80 11.50 34.55
C GLN C 235 -30.01 12.56 33.47
N ILE C 236 -31.17 13.22 33.49
CA ILE C 236 -31.47 14.18 32.44
C ILE C 236 -30.55 15.40 32.54
N ARG C 237 -30.41 15.97 33.74
CA ARG C 237 -29.50 17.10 33.89
C ARG C 237 -28.07 16.74 33.51
N ASP C 238 -27.62 15.54 33.89
CA ASP C 238 -26.27 15.11 33.53
C ASP C 238 -26.09 15.12 32.01
N ILE C 239 -27.09 14.63 31.27
CA ILE C 239 -26.98 14.61 29.81
C ILE C 239 -27.10 16.02 29.25
N VAL C 240 -27.94 16.86 29.86
CA VAL C 240 -28.03 18.26 29.45
C VAL C 240 -26.66 18.93 29.58
N GLN C 241 -25.97 18.70 30.70
CA GLN C 241 -24.64 19.27 30.88
C GLN C 241 -23.65 18.74 29.86
N TYR C 242 -23.68 17.42 29.63
CA TYR C 242 -22.76 16.81 28.68
C TYR C 242 -22.91 17.45 27.31
N ALA C 243 -24.14 17.76 26.92
CA ALA C 243 -24.38 18.40 25.63
C ALA C 243 -23.99 19.88 25.67
N ALA C 244 -24.28 20.56 26.77
CA ALA C 244 -23.94 21.97 26.87
C ALA C 244 -22.45 22.18 26.77
N ARG C 245 -21.67 21.26 27.34
CA ARG C 245 -20.22 21.34 27.25
C ARG C 245 -19.73 21.15 25.82
N ARG C 246 -20.54 20.52 24.97
CA ARG C 246 -20.20 20.28 23.57
C ARG C 246 -21.02 21.17 22.63
N ASN C 247 -21.44 22.34 23.09
CA ASN C 247 -22.11 23.34 22.26
C ASN C 247 -23.47 22.87 21.74
N ILE C 248 -24.15 21.99 22.48
CA ILE C 248 -25.39 21.38 22.02
C ILE C 248 -26.51 21.73 22.99
N THR C 249 -27.59 22.28 22.45
CA THR C 249 -28.82 22.53 23.21
C THR C 249 -29.80 21.40 22.95
N ILE C 250 -30.46 20.94 24.02
CA ILE C 250 -31.42 19.84 23.94
C ILE C 250 -32.82 20.41 23.86
N VAL C 251 -33.58 19.96 22.85
CA VAL C 251 -34.98 20.30 22.68
C VAL C 251 -35.80 19.07 23.06
N PRO C 252 -36.41 19.01 24.24
CA PRO C 252 -37.24 17.86 24.59
C PRO C 252 -38.58 17.92 23.87
N GLU C 253 -39.14 16.73 23.61
CA GLU C 253 -40.46 16.63 22.99
C GLU C 253 -41.39 15.80 23.88
N ILE C 254 -42.53 16.39 24.21
CA ILE C 254 -43.65 15.69 24.84
C ILE C 254 -44.78 15.64 23.82
N GLU C 255 -44.99 14.47 23.22
CA GLU C 255 -45.98 14.36 22.16
C GLU C 255 -47.39 14.67 22.66
N MET C 256 -48.12 15.47 21.89
CA MET C 256 -49.51 15.83 22.17
C MET C 256 -50.07 16.56 20.95
N PRO C 257 -51.38 16.47 20.69
CA PRO C 257 -52.40 15.71 21.43
C PRO C 257 -52.40 14.23 21.10
N GLY C 258 -51.65 13.85 20.07
CA GLY C 258 -51.52 12.46 19.69
C GLY C 258 -50.37 11.77 20.40
N HIS C 259 -50.18 10.50 20.05
CA HIS C 259 -49.06 9.70 20.56
C HIS C 259 -49.02 9.69 22.08
N ALA C 260 -50.16 9.37 22.69
CA ALA C 260 -50.35 9.52 24.12
C ALA C 260 -50.69 8.22 24.85
N SER C 261 -50.56 7.07 24.18
CA SER C 261 -51.03 5.83 24.80
C SER C 261 -50.33 5.57 26.14
N ALA C 262 -49.02 5.76 26.20
CA ALA C 262 -48.30 5.43 27.43
C ALA C 262 -48.78 6.30 28.59
N ALA C 263 -48.90 7.61 28.36
CA ALA C 263 -49.41 8.49 29.41
C ALA C 263 -50.83 8.11 29.79
N ALA C 264 -51.65 7.73 28.81
CA ALA C 264 -53.05 7.42 29.09
C ALA C 264 -53.19 6.13 29.87
N VAL C 265 -52.43 5.09 29.51
CA VAL C 265 -52.49 3.84 30.27
C VAL C 265 -52.11 4.10 31.72
N ALA C 266 -51.22 5.06 31.96
CA ALA C 266 -50.83 5.38 33.34
C ALA C 266 -51.94 6.18 34.04
N TYR C 267 -52.62 7.05 33.31
CA TYR C 267 -53.70 7.86 33.87
C TYR C 267 -54.84 7.89 32.86
N PRO C 268 -55.76 6.93 32.94
CA PRO C 268 -56.72 6.73 31.84
C PRO C 268 -57.65 7.90 31.57
N PHE C 269 -57.82 8.83 32.52
CA PHE C 269 -58.68 9.97 32.25
C PHE C 269 -58.09 10.91 31.19
N LEU C 270 -56.82 10.74 30.83
CA LEU C 270 -56.19 11.64 29.87
C LEU C 270 -56.67 11.40 28.44
N SER C 271 -57.33 10.28 28.16
CA SER C 271 -57.79 9.96 26.82
C SER C 271 -59.20 9.39 26.90
N LEU C 272 -59.98 9.66 25.85
CA LEU C 272 -61.32 9.10 25.75
C LEU C 272 -61.30 7.63 25.30
N LYS C 273 -60.18 7.16 24.78
CA LYS C 273 -60.04 5.77 24.32
C LYS C 273 -58.69 5.20 24.80
N THR C 274 -58.53 5.13 26.12
CA THR C 274 -57.27 4.64 26.68
C THR C 274 -57.17 3.14 26.47
N PRO C 275 -56.08 2.63 25.91
CA PRO C 275 -55.95 1.18 25.74
C PRO C 275 -55.72 0.48 27.07
N GLY C 276 -55.95 -0.84 27.06
CA GLY C 276 -55.83 -1.65 28.26
C GLY C 276 -54.42 -1.88 28.74
N GLU C 277 -53.44 -1.77 27.85
CA GLU C 277 -52.04 -1.90 28.23
C GLU C 277 -51.20 -1.06 27.27
N VAL C 278 -49.98 -0.77 27.69
CA VAL C 278 -49.06 -0.02 26.82
C VAL C 278 -48.99 -0.76 25.49
N PRO C 279 -49.31 -0.11 24.36
CA PRO C 279 -49.36 -0.84 23.09
C PRO C 279 -48.07 -1.59 22.80
N THR C 280 -48.23 -2.77 22.18
CA THR C 280 -47.12 -3.58 21.71
C THR C 280 -47.02 -3.57 20.19
N THR C 281 -47.80 -2.72 19.53
CA THR C 281 -47.66 -2.47 18.10
C THR C 281 -47.49 -0.97 17.89
N PHE C 282 -46.98 -0.60 16.73
CA PHE C 282 -46.58 0.76 16.45
C PHE C 282 -47.58 1.51 15.58
N ILE C 283 -48.76 0.93 15.35
CA ILE C 283 -49.82 1.60 14.59
C ILE C 283 -50.85 2.24 15.50
N VAL C 284 -50.83 1.93 16.79
CA VAL C 284 -51.79 2.49 17.73
C VAL C 284 -51.36 3.90 18.09
N ASN C 285 -52.27 4.86 17.88
CA ASN C 285 -52.00 6.28 18.14
C ASN C 285 -53.17 6.81 18.97
N THR C 286 -52.98 6.89 20.28
CA THR C 286 -54.01 7.39 21.18
C THR C 286 -53.88 8.90 21.33
N ALA C 287 -55.01 9.56 21.46
CA ALA C 287 -55.07 11.01 21.56
C ALA C 287 -55.48 11.43 22.96
N PHE C 288 -54.91 12.53 23.43
CA PHE C 288 -55.38 13.14 24.66
C PHE C 288 -56.81 13.65 24.48
N ASP C 289 -57.49 13.86 25.61
CA ASP C 289 -58.85 14.38 25.59
C ASP C 289 -58.80 15.90 25.55
N PRO C 290 -59.11 16.55 24.43
CA PRO C 290 -59.04 18.01 24.38
C PRO C 290 -60.22 18.71 25.01
N THR C 291 -61.24 17.98 25.47
CA THR C 291 -62.45 18.59 26.00
C THR C 291 -62.46 18.70 27.52
N SER C 292 -61.50 18.10 28.22
CA SER C 292 -61.49 18.10 29.67
C SER C 292 -60.38 19.00 30.19
N GLU C 293 -60.69 19.79 31.22
CA GLU C 293 -59.71 20.68 31.79
C GLU C 293 -58.60 19.92 32.51
N LYS C 294 -58.88 18.71 33.00
CA LYS C 294 -57.84 17.92 33.65
C LYS C 294 -56.69 17.63 32.70
N THR C 295 -56.97 17.50 31.41
CA THR C 295 -55.92 17.22 30.45
C THR C 295 -54.92 18.38 30.41
N TYR C 296 -55.43 19.60 30.28
CA TYR C 296 -54.55 20.77 30.22
C TYR C 296 -53.83 20.96 31.56
N ALA C 297 -54.52 20.73 32.67
CA ALA C 297 -53.87 20.83 33.97
C ALA C 297 -52.77 19.78 34.12
N PHE C 298 -53.06 18.53 33.74
CA PHE C 298 -52.06 17.48 33.84
C PHE C 298 -50.84 17.79 32.98
N LEU C 299 -51.07 18.18 31.72
CA LEU C 299 -49.95 18.49 30.85
C LEU C 299 -49.21 19.72 31.32
N SER C 300 -49.92 20.70 31.89
CA SER C 300 -49.25 21.87 32.43
C SER C 300 -48.31 21.49 33.57
N ASP C 301 -48.73 20.57 34.44
CA ASP C 301 -47.87 20.13 35.52
C ASP C 301 -46.64 19.39 34.98
N VAL C 302 -46.86 18.49 34.02
CA VAL C 302 -45.74 17.77 33.41
C VAL C 302 -44.72 18.74 32.84
N LEU C 303 -45.20 19.79 32.16
CA LEU C 303 -44.30 20.77 31.56
C LEU C 303 -43.60 21.62 32.61
N ASP C 304 -44.17 21.76 33.80
CA ASP C 304 -43.48 22.46 34.88
C ASP C 304 -42.19 21.72 35.26
N GLU C 305 -42.28 20.40 35.44
CA GLU C 305 -41.09 19.62 35.75
C GLU C 305 -40.16 19.53 34.54
N VAL C 306 -40.71 19.54 33.32
CA VAL C 306 -39.87 19.57 32.13
C VAL C 306 -39.03 20.84 32.10
N THR C 307 -39.67 21.99 32.36
CA THR C 307 -38.93 23.25 32.37
C THR C 307 -37.89 23.28 33.48
N ALA C 308 -38.07 22.50 34.54
CA ALA C 308 -37.11 22.48 35.64
C ALA C 308 -35.83 21.75 35.28
N ILE C 309 -35.92 20.72 34.43
CA ILE C 309 -34.75 19.89 34.13
C ILE C 309 -34.19 20.15 32.73
N PHE C 310 -34.97 20.74 31.83
CA PHE C 310 -34.47 21.15 30.51
C PHE C 310 -34.40 22.66 30.45
N PRO C 311 -33.23 23.28 30.51
CA PRO C 311 -33.16 24.75 30.54
C PRO C 311 -33.42 25.40 29.19
N GLY C 312 -33.41 24.64 28.10
CA GLY C 312 -33.55 25.24 26.79
C GLY C 312 -34.84 26.02 26.65
N ARG C 313 -34.78 27.08 25.83
CA ARG C 313 -35.91 27.98 25.65
C ARG C 313 -37.07 27.29 24.93
N ILE C 314 -36.79 26.28 24.12
CA ILE C 314 -37.78 25.72 23.20
C ILE C 314 -38.18 24.33 23.68
N ILE C 315 -39.49 24.06 23.61
CA ILE C 315 -40.06 22.77 23.99
C ILE C 315 -40.92 22.27 22.83
N HIS C 316 -40.66 21.05 22.38
CA HIS C 316 -41.38 20.43 21.29
C HIS C 316 -42.59 19.66 21.82
N ILE C 317 -43.71 19.76 21.12
CA ILE C 317 -44.93 19.03 21.47
C ILE C 317 -45.35 18.04 20.40
N GLY C 318 -44.58 17.91 19.33
CA GLY C 318 -45.03 17.11 18.21
C GLY C 318 -46.12 17.86 17.47
N GLY C 319 -47.38 17.62 17.84
CA GLY C 319 -48.47 18.33 17.21
C GLY C 319 -48.95 17.73 15.92
N ASP C 320 -48.46 16.56 15.54
CA ASP C 320 -48.86 15.97 14.27
C ASP C 320 -50.30 15.48 14.33
N GLU C 321 -50.90 15.36 13.15
CA GLU C 321 -52.31 15.01 13.03
C GLU C 321 -52.71 13.80 13.86
N VAL C 322 -53.78 13.97 14.63
CA VAL C 322 -54.45 12.89 15.34
C VAL C 322 -55.21 11.99 14.36
N ARG C 323 -55.23 10.70 14.65
CA ARG C 323 -56.05 9.74 13.91
C ARG C 323 -57.51 10.01 14.30
N TYR C 324 -58.09 11.02 13.63
CA TYR C 324 -59.41 11.52 14.03
C TYR C 324 -60.45 10.42 14.02
N ASP C 325 -60.48 9.61 12.96
CA ASP C 325 -61.57 8.65 12.80
C ASP C 325 -61.49 7.54 13.83
N LYS C 326 -60.28 7.18 14.27
CA LYS C 326 -60.13 6.13 15.27
C LYS C 326 -60.28 6.64 16.70
N GLN C 327 -60.06 7.93 16.94
CA GLN C 327 -59.97 8.46 18.30
C GLN C 327 -61.08 9.41 18.69
N TRP C 328 -61.54 10.27 17.78
CA TRP C 328 -62.46 11.34 18.15
C TRP C 328 -63.80 11.30 17.44
N LYS C 329 -63.84 10.83 16.19
CA LYS C 329 -65.10 10.78 15.46
C LYS C 329 -66.09 9.89 16.21
N GLY C 330 -67.32 10.38 16.35
CA GLY C 330 -68.35 9.62 17.00
C GLY C 330 -68.25 9.54 18.51
N VAL C 331 -67.26 10.20 19.11
CA VAL C 331 -67.13 10.23 20.57
C VAL C 331 -68.04 11.33 21.11
N PRO C 332 -68.97 11.01 22.01
CA PRO C 332 -69.93 12.06 22.45
C PRO C 332 -69.27 13.31 23.00
N GLU C 333 -68.22 13.17 23.81
CA GLU C 333 -67.56 14.36 24.34
C GLU C 333 -67.02 15.24 23.22
N ILE C 334 -66.47 14.62 22.17
CA ILE C 334 -65.94 15.40 21.04
C ILE C 334 -67.06 16.07 20.28
N GLU C 335 -68.09 15.30 19.90
CA GLU C 335 -69.13 15.86 19.04
C GLU C 335 -69.87 16.99 19.76
N GLU C 336 -70.18 16.81 21.04
CA GLU C 336 -70.84 17.87 21.79
C GLU C 336 -69.91 19.08 21.97
N PHE C 337 -68.63 18.81 22.23
CA PHE C 337 -67.66 19.91 22.30
C PHE C 337 -67.66 20.74 21.03
N MET C 338 -67.73 20.08 19.87
CA MET C 338 -67.69 20.80 18.61
C MET C 338 -68.95 21.63 18.39
N LYS C 339 -70.12 21.08 18.71
CA LYS C 339 -71.35 21.87 18.59
C LYS C 339 -71.30 23.08 19.51
N LYS C 340 -70.91 22.86 20.77
CA LYS C 340 -70.87 23.94 21.76
C LYS C 340 -69.99 25.10 21.28
N ASN C 341 -68.89 24.80 20.60
CA ASN C 341 -67.92 25.81 20.21
C ASN C 341 -67.99 26.18 18.73
N GLY C 342 -68.97 25.65 18.00
CA GLY C 342 -69.12 26.03 16.61
C GLY C 342 -68.02 25.52 15.69
N MET C 343 -67.28 24.49 16.10
CA MET C 343 -66.24 23.93 15.28
C MET C 343 -66.83 22.90 14.32
N LYS C 344 -66.36 22.92 13.08
CA LYS C 344 -66.93 22.06 12.04
C LYS C 344 -66.05 20.87 11.65
N SER C 345 -64.79 20.84 12.07
CA SER C 345 -63.91 19.74 11.72
C SER C 345 -63.10 19.32 12.94
N TYR C 346 -62.61 18.08 12.90
CA TYR C 346 -61.81 17.58 14.01
C TYR C 346 -60.45 18.26 14.05
N ALA C 347 -59.97 18.74 12.91
CA ALA C 347 -58.73 19.50 12.90
C ALA C 347 -58.88 20.80 13.69
N ASP C 348 -60.06 21.41 13.66
CA ASP C 348 -60.31 22.59 14.48
C ASP C 348 -60.14 22.27 15.96
N VAL C 349 -60.57 21.09 16.38
CA VAL C 349 -60.40 20.68 17.78
C VAL C 349 -58.91 20.57 18.10
N GLN C 350 -58.14 19.97 17.21
CA GLN C 350 -56.70 19.86 17.45
C GLN C 350 -56.03 21.23 17.44
N MET C 351 -56.42 22.10 16.50
CA MET C 351 -55.82 23.44 16.45
C MET C 351 -56.08 24.18 17.76
N HIS C 352 -57.31 24.09 18.27
CA HIS C 352 -57.62 24.68 19.57
C HIS C 352 -56.69 24.15 20.66
N PHE C 353 -56.48 22.84 20.68
CA PHE C 353 -55.63 22.24 21.71
C PHE C 353 -54.20 22.76 21.62
N THR C 354 -53.58 22.67 20.44
CA THR C 354 -52.19 23.09 20.32
C THR C 354 -52.05 24.60 20.50
N ASN C 355 -53.02 25.38 20.01
CA ASN C 355 -52.98 26.82 20.25
C ASN C 355 -52.99 27.12 21.74
N ARG C 356 -53.81 26.39 22.49
CA ARG C 356 -53.89 26.61 23.92
C ARG C 356 -52.62 26.15 24.64
N MET C 357 -52.03 25.04 24.18
CA MET C 357 -50.76 24.60 24.76
C MET C 357 -49.64 25.58 24.49
N SER C 358 -49.70 26.31 23.36
CA SER C 358 -48.64 27.26 23.06
C SER C 358 -48.65 28.43 24.04
N GLY C 359 -49.83 28.78 24.56
CA GLY C 359 -49.92 29.81 25.57
C GLY C 359 -49.48 29.29 26.92
N ILE C 360 -49.93 28.08 27.26
CA ILE C 360 -49.48 27.44 28.49
C ILE C 360 -47.96 27.38 28.53
N ILE C 361 -47.34 27.04 27.40
CA ILE C 361 -45.89 26.92 27.36
C ILE C 361 -45.25 28.31 27.39
N ALA C 362 -45.85 29.29 26.71
CA ALA C 362 -45.32 30.64 26.74
C ALA C 362 -45.44 31.24 28.13
N GLN C 363 -46.52 30.92 28.84
CA GLN C 363 -46.77 31.50 30.15
C GLN C 363 -45.75 31.05 31.20
N LYS C 364 -44.95 30.02 30.91
CA LYS C 364 -43.85 29.62 31.78
C LYS C 364 -42.48 30.01 31.22
N GLY C 365 -42.43 30.94 30.27
CA GLY C 365 -41.16 31.38 29.73
C GLY C 365 -40.49 30.45 28.75
N ARG C 366 -41.28 29.83 27.87
CA ARG C 366 -40.76 28.90 26.88
C ARG C 366 -41.41 29.20 25.53
N ARG C 367 -40.87 28.59 24.49
CA ARG C 367 -41.42 28.70 23.14
C ARG C 367 -41.82 27.31 22.69
N MET C 368 -43.05 27.19 22.19
CA MET C 368 -43.51 25.91 21.68
C MET C 368 -42.97 25.68 20.28
N MET C 369 -42.67 24.43 19.98
CA MET C 369 -42.25 24.01 18.64
C MET C 369 -43.09 22.80 18.28
N GLY C 370 -43.42 22.68 17.00
CA GLY C 370 -44.22 21.55 16.56
C GLY C 370 -44.18 21.41 15.06
N TRP C 371 -44.68 20.26 14.60
CA TRP C 371 -44.79 19.99 13.18
C TRP C 371 -45.83 20.92 12.54
N ASN C 372 -45.78 21.00 11.21
CA ASN C 372 -46.54 22.01 10.49
C ASN C 372 -48.05 21.92 10.71
N GLU C 373 -48.55 20.84 11.31
CA GLU C 373 -49.98 20.78 11.61
C GLU C 373 -50.41 21.86 12.61
N ILE C 374 -49.49 22.33 13.46
CA ILE C 374 -49.85 23.32 14.46
C ILE C 374 -50.08 24.72 13.89
N TYR C 375 -49.64 24.98 12.66
CA TYR C 375 -49.73 26.32 12.12
C TYR C 375 -51.06 26.60 11.41
N GLY C 376 -51.22 26.06 10.20
CA GLY C 376 -52.50 26.14 9.51
C GLY C 376 -53.16 27.51 9.55
N ALA C 389 -56.24 30.20 22.19
CA ALA C 389 -57.18 30.51 21.13
C ALA C 389 -56.47 30.64 19.79
N LYS C 390 -55.43 31.49 19.76
CA LYS C 390 -54.58 31.66 18.58
C LYS C 390 -53.16 31.19 18.90
N LEU C 391 -52.47 30.70 17.87
CA LEU C 391 -51.11 30.21 18.06
C LEU C 391 -50.18 31.34 18.50
N ASP C 392 -49.40 31.08 19.54
CA ASP C 392 -48.39 32.03 20.00
C ASP C 392 -47.46 32.38 18.85
N THR C 393 -47.26 33.69 18.62
CA THR C 393 -46.50 34.13 17.47
C THR C 393 -45.02 33.74 17.54
N ASN C 394 -44.52 33.40 18.73
CA ASN C 394 -43.14 32.96 18.90
C ASN C 394 -42.94 31.47 18.67
N ALA C 395 -44.00 30.72 18.35
CA ALA C 395 -43.86 29.29 18.14
C ALA C 395 -43.00 29.01 16.90
N VAL C 396 -42.20 27.95 16.99
CA VAL C 396 -41.37 27.48 15.89
C VAL C 396 -42.10 26.37 15.16
N ILE C 397 -42.01 26.35 13.84
CA ILE C 397 -42.74 25.40 13.01
C ILE C 397 -41.72 24.52 12.30
N GLN C 398 -41.82 23.21 12.49
CA GLN C 398 -40.96 22.23 11.83
C GLN C 398 -41.74 21.53 10.73
N PHE C 399 -41.25 21.61 9.50
CA PHE C 399 -41.96 21.08 8.34
C PHE C 399 -41.42 19.71 7.97
N TRP C 400 -42.28 18.69 8.10
CA TRP C 400 -42.01 17.39 7.51
C TRP C 400 -42.56 17.32 6.09
N LYS C 401 -43.43 18.26 5.73
CA LYS C 401 -44.17 18.27 4.49
C LYS C 401 -43.58 19.34 3.59
N GLY C 402 -43.37 18.99 2.32
CA GLY C 402 -42.91 20.00 1.40
C GLY C 402 -44.09 20.82 0.92
N ASN C 403 -44.29 21.98 1.55
CA ASN C 403 -45.32 22.93 1.16
C ASN C 403 -44.70 24.32 1.34
N THR C 404 -44.28 24.92 0.22
CA THR C 404 -43.57 26.19 0.31
C THR C 404 -44.49 27.35 0.58
N SER C 405 -45.73 27.29 0.10
CA SER C 405 -46.68 28.37 0.37
C SER C 405 -47.05 28.42 1.84
N LEU C 406 -47.20 27.25 2.47
CA LEU C 406 -47.50 27.22 3.90
C LEU C 406 -46.33 27.74 4.71
N ALA C 407 -45.10 27.43 4.31
CA ALA C 407 -43.93 27.92 5.02
C ALA C 407 -43.77 29.43 4.84
N LYS C 408 -44.01 29.93 3.63
CA LYS C 408 -43.98 31.37 3.40
C LYS C 408 -45.00 32.09 4.28
N ASN C 409 -46.21 31.52 4.40
CA ASN C 409 -47.23 32.12 5.24
C ASN C 409 -46.82 32.11 6.71
N ALA C 410 -46.26 30.99 7.18
CA ALA C 410 -45.79 30.94 8.55
C ALA C 410 -44.72 31.99 8.80
N ILE C 411 -43.82 32.20 7.84
CA ILE C 411 -42.81 33.23 7.97
C ILE C 411 -43.46 34.61 8.00
N ARG C 412 -44.43 34.84 7.12
CA ARG C 412 -45.10 36.14 7.06
C ARG C 412 -45.88 36.43 8.33
N ASP C 413 -46.28 35.40 9.06
CA ASP C 413 -46.97 35.59 10.33
C ASP C 413 -46.01 35.71 11.50
N GLY C 414 -44.70 35.63 11.25
CA GLY C 414 -43.71 35.89 12.28
C GLY C 414 -43.01 34.68 12.86
N HIS C 415 -43.18 33.50 12.27
CA HIS C 415 -42.64 32.27 12.82
C HIS C 415 -41.30 31.93 12.20
N ASP C 416 -40.39 31.46 13.03
CA ASP C 416 -39.20 30.76 12.54
C ASP C 416 -39.60 29.36 12.12
N VAL C 417 -39.01 28.87 11.04
CA VAL C 417 -39.36 27.57 10.49
C VAL C 417 -38.11 26.71 10.36
N ILE C 418 -38.32 25.40 10.47
CA ILE C 418 -37.28 24.40 10.32
C ILE C 418 -37.73 23.43 9.25
N ASN C 419 -36.86 23.13 8.30
CA ASN C 419 -37.20 22.24 7.19
C ASN C 419 -36.72 20.83 7.50
N SER C 420 -37.65 19.88 7.57
CA SER C 420 -37.36 18.48 7.82
C SER C 420 -38.14 17.58 6.87
N LEU C 421 -38.18 17.94 5.60
CA LEU C 421 -38.89 17.17 4.58
C LEU C 421 -38.66 15.68 4.76
N HIS C 422 -39.75 14.94 4.99
CA HIS C 422 -39.62 13.58 5.50
C HIS C 422 -39.08 12.62 4.44
N THR C 423 -39.33 12.88 3.16
CA THR C 423 -38.76 12.03 2.12
C THR C 423 -37.27 12.22 1.96
N SER C 424 -36.68 13.20 2.63
CA SER C 424 -35.24 13.45 2.55
C SER C 424 -34.50 13.31 3.87
N THR C 425 -35.17 13.51 5.01
CA THR C 425 -34.48 13.61 6.29
C THR C 425 -34.89 12.56 7.32
N TYR C 426 -35.78 11.62 6.98
CA TYR C 426 -36.21 10.59 7.91
C TYR C 426 -35.23 9.43 7.80
N LEU C 427 -34.27 9.38 8.74
CA LEU C 427 -33.19 8.41 8.68
C LEU C 427 -33.61 6.99 9.07
N ASP C 428 -34.86 6.80 9.51
CA ASP C 428 -35.34 5.42 9.68
C ASP C 428 -35.65 4.76 8.35
N TYR C 429 -35.75 5.55 7.27
CA TYR C 429 -35.96 4.98 5.95
C TYR C 429 -34.69 4.28 5.47
N SER C 430 -34.86 3.43 4.46
CA SER C 430 -33.76 2.66 3.92
C SER C 430 -32.85 3.54 3.06
N TYR C 431 -31.67 3.01 2.76
CA TYR C 431 -30.74 3.71 1.88
C TYR C 431 -31.21 3.72 0.43
N GLY C 432 -32.17 2.88 0.08
CA GLY C 432 -32.79 2.96 -1.23
C GLY C 432 -33.76 4.13 -1.34
N SER C 433 -34.57 4.34 -0.31
CA SER C 433 -35.53 5.45 -0.32
C SER C 433 -34.82 6.78 -0.09
N ILE C 434 -33.83 6.81 0.78
CA ILE C 434 -33.04 8.04 0.99
C ILE C 434 -31.57 7.67 0.91
N PRO C 435 -30.99 7.60 -0.28
CA PRO C 435 -29.55 7.32 -0.39
C PRO C 435 -28.72 8.45 0.20
N LEU C 436 -27.45 8.12 0.48
CA LEU C 436 -26.51 9.10 1.01
C LEU C 436 -26.51 10.37 0.17
N GLN C 437 -26.59 10.23 -1.15
CA GLN C 437 -26.53 11.40 -2.01
C GLN C 437 -27.76 12.29 -1.84
N LYS C 438 -28.91 11.71 -1.53
CA LYS C 438 -30.11 12.51 -1.32
C LYS C 438 -30.02 13.34 -0.04
N ALA C 439 -29.41 12.78 1.00
CA ALA C 439 -29.22 13.54 2.23
C ALA C 439 -28.29 14.72 1.98
N TYR C 440 -27.19 14.49 1.29
CA TYR C 440 -26.23 15.56 1.04
C TYR C 440 -26.80 16.64 0.14
N GLY C 441 -27.70 16.27 -0.76
CA GLY C 441 -28.31 17.24 -1.65
C GLY C 441 -29.48 17.99 -1.09
N PHE C 442 -29.91 17.65 0.12
CA PHE C 442 -31.05 18.32 0.73
C PHE C 442 -30.78 19.81 0.85
N GLU C 443 -31.77 20.62 0.51
CA GLU C 443 -31.68 22.07 0.59
C GLU C 443 -32.73 22.60 1.56
N PRO C 444 -32.34 23.05 2.75
CA PRO C 444 -33.36 23.49 3.72
C PRO C 444 -34.23 24.64 3.25
N VAL C 445 -33.75 25.51 2.36
CA VAL C 445 -34.56 26.62 1.90
C VAL C 445 -35.61 26.09 0.93
N PHE C 446 -36.87 26.23 1.31
CA PHE C 446 -37.96 25.63 0.55
C PHE C 446 -37.89 26.09 -0.90
N PRO C 447 -37.96 25.18 -1.88
CA PRO C 447 -37.83 25.60 -3.27
C PRO C 447 -38.94 26.57 -3.65
N GLY C 448 -38.54 27.66 -4.31
CA GLY C 448 -39.49 28.67 -4.72
C GLY C 448 -39.75 29.76 -3.69
N LEU C 449 -39.11 29.70 -2.54
CA LEU C 449 -39.31 30.71 -1.51
C LEU C 449 -38.52 31.97 -1.86
N GLU C 450 -39.20 33.11 -1.88
CA GLU C 450 -38.57 34.36 -2.25
C GLU C 450 -37.42 34.69 -1.30
N LYS C 451 -36.37 35.31 -1.86
CA LYS C 451 -35.19 35.65 -1.08
C LYS C 451 -35.53 36.42 0.19
N GLN C 452 -36.55 37.27 0.14
CA GLN C 452 -36.88 38.08 1.31
C GLN C 452 -37.18 37.23 2.54
N TYR C 453 -37.65 36.00 2.35
CA TYR C 453 -38.06 35.16 3.47
C TYR C 453 -36.98 34.18 3.92
N HIS C 454 -35.84 34.12 3.23
CA HIS C 454 -34.87 33.08 3.51
C HIS C 454 -34.31 33.14 4.93
N SER C 455 -34.16 34.34 5.50
CA SER C 455 -33.50 34.46 6.78
C SER C 455 -34.29 33.82 7.93
N ARG C 456 -35.60 33.65 7.80
CA ARG C 456 -36.37 33.00 8.85
C ARG C 456 -36.34 31.48 8.75
N VAL C 457 -35.73 30.93 7.70
CA VAL C 457 -35.52 29.49 7.63
C VAL C 457 -34.24 29.23 8.45
N LYS C 458 -34.42 28.77 9.68
CA LYS C 458 -33.32 28.69 10.65
C LYS C 458 -32.46 27.44 10.52
N GLY C 459 -32.87 26.47 9.74
CA GLY C 459 -32.01 25.32 9.52
C GLY C 459 -32.84 24.10 9.25
N LEU C 460 -32.31 22.96 9.69
CA LEU C 460 -32.87 21.66 9.33
C LEU C 460 -32.77 20.71 10.51
N GLY C 461 -33.54 19.63 10.43
CA GLY C 461 -33.46 18.55 11.39
C GLY C 461 -33.58 17.19 10.74
N ALA C 462 -32.71 16.26 11.13
CA ALA C 462 -32.76 14.88 10.67
C ALA C 462 -33.33 14.01 11.78
N GLN C 463 -34.24 13.12 11.41
CA GLN C 463 -35.04 12.36 12.36
C GLN C 463 -34.70 10.89 12.29
N VAL C 464 -34.40 10.31 13.46
CA VAL C 464 -34.19 8.88 13.57
C VAL C 464 -35.32 8.26 14.37
N TRP C 465 -36.39 7.86 13.68
CA TRP C 465 -37.48 7.13 14.31
C TRP C 465 -37.04 5.68 14.54
N THR C 466 -37.45 5.11 15.67
CA THR C 466 -36.88 3.84 16.12
C THR C 466 -37.93 2.75 16.31
N GLU C 467 -38.99 2.74 15.48
CA GLU C 467 -39.89 1.60 15.50
C GLU C 467 -39.13 0.31 15.23
N TRP C 468 -38.19 0.35 14.28
CA TRP C 468 -37.49 -0.84 13.80
C TRP C 468 -36.01 -0.77 14.11
N ILE C 469 -35.67 -0.12 15.22
CA ILE C 469 -34.30 0.02 15.70
C ILE C 469 -34.34 -0.34 17.17
N SER C 470 -33.80 -1.51 17.53
CA SER C 470 -33.92 -2.03 18.89
C SER C 470 -32.60 -2.10 19.63
N THR C 471 -31.48 -1.79 18.98
CA THR C 471 -30.17 -1.84 19.60
C THR C 471 -29.40 -0.58 19.21
N PRO C 472 -28.42 -0.18 20.01
CA PRO C 472 -27.61 0.99 19.63
C PRO C 472 -26.85 0.78 18.32
N GLU C 473 -26.41 -0.44 18.01
CA GLU C 473 -25.71 -0.67 16.76
C GLU C 473 -26.63 -0.46 15.56
N ARG C 474 -27.88 -0.89 15.67
CA ARG C 474 -28.83 -0.62 14.60
C ARG C 474 -29.14 0.86 14.49
N LEU C 475 -29.11 1.58 15.62
CA LEU C 475 -29.25 3.03 15.59
C LEU C 475 -28.11 3.67 14.80
N HIS C 476 -26.88 3.23 15.05
CA HIS C 476 -25.74 3.76 14.29
C HIS C 476 -25.89 3.48 12.80
N TYR C 477 -26.32 2.27 12.45
CA TYR C 477 -26.45 1.89 11.04
C TYR C 477 -27.41 2.83 10.31
N GLN C 478 -28.52 3.16 10.93
CA GLN C 478 -29.52 4.01 10.28
C GLN C 478 -29.10 5.48 10.27
N ALA C 479 -28.48 5.95 11.35
CA ALA C 479 -28.24 7.37 11.52
C ALA C 479 -26.97 7.83 10.81
N PHE C 480 -26.01 6.94 10.63
CA PHE C 480 -24.72 7.29 10.04
C PHE C 480 -24.43 6.40 8.85
N PRO C 481 -23.83 6.94 7.77
CA PRO C 481 -23.24 8.28 7.66
C PRO C 481 -24.15 9.39 7.12
N ARG C 482 -25.45 9.15 6.98
CA ARG C 482 -26.32 10.20 6.43
C ARG C 482 -26.37 11.42 7.35
N ALA C 483 -26.26 11.21 8.66
CA ALA C 483 -26.18 12.35 9.57
C ALA C 483 -24.97 13.21 9.27
N CYS C 484 -23.87 12.60 8.83
CA CYS C 484 -22.69 13.38 8.45
C CYS C 484 -23.01 14.34 7.31
N ALA C 485 -23.83 13.89 6.35
CA ALA C 485 -24.21 14.76 5.25
C ALA C 485 -25.06 15.94 5.73
N PHE C 486 -26.01 15.68 6.64
CA PHE C 486 -26.86 16.76 7.12
C PHE C 486 -26.05 17.76 7.94
N ALA C 487 -25.04 17.29 8.67
CA ALA C 487 -24.14 18.21 9.36
C ALA C 487 -23.52 19.19 8.37
N GLU C 488 -23.15 18.70 7.19
CA GLU C 488 -22.52 19.58 6.19
C GLU C 488 -23.56 20.46 5.51
N VAL C 489 -24.77 19.96 5.29
CA VAL C 489 -25.84 20.81 4.78
C VAL C 489 -26.09 21.98 5.74
N GLY C 490 -26.06 21.70 7.04
CA GLY C 490 -26.37 22.73 8.01
C GLY C 490 -25.27 23.76 8.18
N TRP C 491 -24.02 23.36 7.95
CA TRP C 491 -22.88 24.22 8.25
C TRP C 491 -22.26 24.83 7.00
N THR C 492 -21.97 24.01 5.99
CA THR C 492 -21.17 24.46 4.87
C THR C 492 -21.98 25.37 3.94
N PRO C 493 -21.37 26.45 3.44
CA PRO C 493 -22.08 27.30 2.47
C PRO C 493 -22.52 26.52 1.25
N ALA C 494 -23.63 26.95 0.66
CA ALA C 494 -24.21 26.21 -0.47
C ALA C 494 -23.25 26.13 -1.64
N GLY C 495 -22.46 27.18 -1.87
CA GLY C 495 -21.56 27.20 -3.01
C GLY C 495 -20.37 26.27 -2.89
N LYS C 496 -19.99 25.91 -1.67
CA LYS C 496 -18.84 25.04 -1.44
C LYS C 496 -19.20 23.56 -1.40
N LYS C 497 -20.48 23.21 -1.51
CA LYS C 497 -20.88 21.81 -1.44
C LYS C 497 -20.43 21.05 -2.67
N ASP C 498 -20.04 19.78 -2.47
CA ASP C 498 -19.40 18.98 -3.51
C ASP C 498 -19.48 17.53 -3.06
N PHE C 499 -20.39 16.76 -3.66
CA PHE C 499 -20.66 15.43 -3.14
C PHE C 499 -19.50 14.47 -3.37
N PRO C 500 -18.90 14.43 -4.56
CA PRO C 500 -17.70 13.59 -4.71
C PRO C 500 -16.62 13.91 -3.69
N ASP C 501 -16.40 15.19 -3.40
CA ASP C 501 -15.41 15.57 -2.38
C ASP C 501 -15.87 15.12 -1.00
N PHE C 502 -17.16 15.23 -0.71
CA PHE C 502 -17.68 14.77 0.57
C PHE C 502 -17.41 13.28 0.78
N LYS C 503 -17.63 12.46 -0.25
CA LYS C 503 -17.44 11.02 -0.07
C LYS C 503 -15.99 10.69 0.25
N LYS C 504 -15.04 11.44 -0.32
CA LYS C 504 -13.64 11.21 0.01
C LYS C 504 -13.36 11.57 1.46
N ARG C 505 -13.85 12.73 1.91
CA ARG C 505 -13.67 13.12 3.31
C ARG C 505 -14.37 12.16 4.25
N LEU C 506 -15.49 11.58 3.82
CA LEU C 506 -16.21 10.63 4.66
C LEU C 506 -15.40 9.36 4.88
N LYS C 507 -14.54 9.00 3.94
CA LYS C 507 -13.65 7.85 4.14
C LYS C 507 -12.71 8.08 5.32
N ALA C 508 -12.13 9.28 5.41
CA ALA C 508 -11.27 9.61 6.54
C ALA C 508 -12.07 9.71 7.83
N TYR C 509 -13.21 10.42 7.80
CA TYR C 509 -14.01 10.55 9.00
C TYR C 509 -14.48 9.19 9.50
N SER C 510 -14.67 8.23 8.60
CA SER C 510 -15.15 6.91 9.00
C SER C 510 -14.13 6.20 9.89
N GLU C 511 -12.85 6.47 9.70
CA GLU C 511 -11.84 5.93 10.61
C GLU C 511 -12.12 6.37 12.04
N ARG C 512 -12.55 7.63 12.22
CA ARG C 512 -12.87 8.10 13.56
C ARG C 512 -14.12 7.42 14.10
N MET C 513 -15.14 7.24 13.27
CA MET C 513 -16.36 6.58 13.74
C MET C 513 -16.06 5.16 14.21
N ASP C 514 -15.15 4.47 13.53
CA ASP C 514 -14.76 3.13 13.97
C ASP C 514 -14.19 3.17 15.38
N LEU C 515 -13.18 4.00 15.62
CA LEU C 515 -12.53 4.03 16.92
C LEU C 515 -13.48 4.48 18.03
N MET C 516 -14.50 5.25 17.67
CA MET C 516 -15.47 5.75 18.64
C MET C 516 -16.66 4.81 18.82
N GLY C 517 -16.68 3.67 18.13
CA GLY C 517 -17.69 2.66 18.36
C GLY C 517 -18.98 2.80 17.58
N ILE C 518 -18.98 3.60 16.52
CA ILE C 518 -20.19 3.83 15.72
C ILE C 518 -20.23 2.78 14.61
N LYS C 519 -21.26 1.93 14.64
CA LYS C 519 -21.42 0.87 13.63
C LYS C 519 -22.19 1.41 12.42
N PHE C 520 -21.58 2.36 11.74
CA PHE C 520 -22.19 2.98 10.57
C PHE C 520 -22.31 1.98 9.41
N ALA C 521 -23.16 2.34 8.45
CA ALA C 521 -23.33 1.53 7.26
C ALA C 521 -22.08 1.62 6.40
N ARG C 522 -21.41 0.49 6.20
CA ARG C 522 -20.08 0.52 5.58
C ARG C 522 -20.17 0.71 4.07
N ASN C 523 -21.21 0.14 3.45
CA ASN C 523 -21.26 0.02 2.00
C ASN C 523 -21.83 1.25 1.30
N VAL C 524 -22.37 2.22 2.03
CA VAL C 524 -23.07 3.31 1.35
C VAL C 524 -22.05 4.35 0.90
N ILE C 525 -20.85 4.32 1.48
CA ILE C 525 -19.82 5.28 1.11
C ILE C 525 -19.41 5.02 -0.33
N SER C 526 -19.13 3.76 -0.66
CA SER C 526 -18.75 3.38 -2.02
C SER C 526 -19.96 2.76 -2.73
N GLN C 527 -20.94 3.61 -3.02
CA GLN C 527 -22.15 3.22 -3.73
C GLN C 527 -22.30 4.09 -4.95
N ILE C 528 -22.63 3.48 -6.08
CA ILE C 528 -22.90 4.21 -7.32
C ILE C 528 -24.40 4.08 -7.62
N ASP C 529 -25.09 5.21 -7.72
CA ASP C 529 -26.51 5.26 -8.00
C ASP C 529 -26.79 6.21 -9.16
N LYS C 530 -27.88 5.95 -9.87
CA LYS C 530 -28.25 6.80 -11.00
C LYS C 530 -28.33 8.27 -10.58
N SER C 531 -28.80 8.53 -9.35
CA SER C 531 -28.94 9.90 -8.88
C SER C 531 -27.59 10.57 -8.61
N ASP C 532 -26.53 9.79 -8.38
CA ASP C 532 -25.20 10.38 -8.22
C ASP C 532 -24.79 11.17 -9.46
N PHE C 533 -25.33 10.81 -10.62
CA PHE C 533 -24.89 11.37 -11.91
C PHE C 533 -25.93 12.29 -12.52
N PHE C 534 -26.82 12.88 -11.71
CA PHE C 534 -27.83 13.77 -12.28
C PHE C 534 -27.18 14.95 -12.99
N ASN C 535 -26.08 15.46 -12.46
CA ASN C 535 -25.34 16.55 -13.07
C ASN C 535 -24.05 16.09 -13.75
N THR C 536 -23.87 14.79 -13.91
CA THR C 536 -22.64 14.34 -14.55
C THR C 536 -22.88 14.24 -16.06
N PRO C 537 -21.91 14.66 -16.88
CA PRO C 537 -22.14 14.64 -18.34
C PRO C 537 -22.46 13.26 -18.88
N ARG C 538 -23.41 13.23 -19.81
CA ARG C 538 -23.76 12.04 -20.58
C ARG C 538 -23.01 12.09 -21.91
N ILE C 539 -22.19 11.07 -22.17
CA ILE C 539 -21.45 10.98 -23.42
C ILE C 539 -21.99 9.90 -24.35
N GLY C 540 -22.97 9.13 -23.92
CA GLY C 540 -23.53 8.11 -24.77
C GLY C 540 -24.46 7.19 -24.00
N THR C 541 -25.00 6.21 -24.74
CA THR C 541 -25.87 5.20 -24.17
C THR C 541 -25.64 3.89 -24.90
N TRP C 542 -26.27 2.83 -24.40
CA TRP C 542 -26.34 1.57 -25.11
C TRP C 542 -27.77 1.06 -25.12
N THR C 543 -28.12 0.36 -26.19
CA THR C 543 -29.45 -0.20 -26.40
C THR C 543 -29.28 -1.61 -26.94
N PRO C 544 -30.35 -2.40 -27.03
CA PRO C 544 -30.23 -3.70 -27.70
C PRO C 544 -29.68 -3.59 -29.11
N ALA C 545 -29.93 -2.47 -29.79
CA ALA C 545 -29.41 -2.28 -31.13
C ALA C 545 -27.89 -2.13 -31.11
N THR C 546 -27.37 -1.25 -30.25
CA THR C 546 -25.93 -1.01 -30.22
C THR C 546 -25.16 -2.21 -29.68
N LEU C 547 -25.83 -3.14 -29.01
CA LEU C 547 -25.17 -4.33 -28.48
C LEU C 547 -24.93 -5.39 -29.55
N THR C 548 -25.31 -5.11 -30.81
CA THR C 548 -24.93 -5.99 -31.91
C THR C 548 -23.45 -5.90 -32.24
N ARG C 549 -22.77 -4.85 -31.75
CA ARG C 549 -21.31 -4.78 -31.80
C ARG C 549 -20.80 -4.56 -30.38
N GLU C 550 -19.56 -4.98 -30.13
CA GLU C 550 -18.96 -4.81 -28.82
C GLU C 550 -17.96 -3.66 -28.77
N GLU C 551 -17.82 -2.90 -29.87
CA GLU C 551 -16.97 -1.71 -29.91
C GLU C 551 -17.87 -0.48 -30.06
N HIS C 552 -17.75 0.44 -29.11
CA HIS C 552 -18.61 1.61 -29.04
C HIS C 552 -17.74 2.84 -28.85
N SER C 553 -18.03 3.90 -29.61
CA SER C 553 -17.25 5.14 -29.56
C SER C 553 -18.14 6.29 -29.08
N PHE C 554 -17.59 7.12 -28.22
CA PHE C 554 -18.29 8.28 -27.66
C PHE C 554 -17.35 9.48 -27.72
N ASP C 555 -17.81 10.56 -28.34
CA ASP C 555 -16.99 11.77 -28.43
C ASP C 555 -16.95 12.49 -27.08
N VAL C 556 -15.76 12.94 -26.71
CA VAL C 556 -15.57 13.71 -25.49
C VAL C 556 -14.66 14.91 -25.76
N THR C 557 -14.59 15.32 -27.03
CA THR C 557 -13.70 16.41 -27.40
C THR C 557 -13.98 17.67 -26.59
N LYS C 558 -15.26 18.05 -26.49
CA LYS C 558 -15.65 19.26 -25.78
C LYS C 558 -15.45 19.17 -24.27
N LEU C 559 -15.17 17.99 -23.74
CA LEU C 559 -15.09 17.78 -22.30
C LEU C 559 -13.68 17.62 -21.76
N VAL C 560 -12.70 17.39 -22.63
CA VAL C 560 -11.31 17.24 -22.21
C VAL C 560 -10.71 18.63 -22.18
N LYS C 561 -10.58 19.20 -20.98
CA LYS C 561 -10.06 20.54 -20.80
C LYS C 561 -8.74 20.58 -20.05
N ALA C 562 -8.31 19.48 -19.45
CA ALA C 562 -7.11 19.48 -18.64
C ALA C 562 -6.57 18.06 -18.54
N SER C 563 -5.26 17.96 -18.33
CA SER C 563 -4.66 16.66 -18.06
C SER C 563 -5.22 16.08 -16.78
N GLY C 564 -5.12 14.76 -16.66
CA GLY C 564 -5.43 14.09 -15.41
C GLY C 564 -6.38 12.94 -15.61
N LYS C 565 -6.83 12.38 -14.49
CA LYS C 565 -7.66 11.19 -14.49
C LYS C 565 -9.12 11.55 -14.75
N HIS C 566 -9.67 10.98 -15.82
CA HIS C 566 -11.07 11.11 -16.17
C HIS C 566 -11.76 9.77 -15.95
N THR C 567 -12.94 9.78 -15.35
CA THR C 567 -13.64 8.57 -14.98
C THR C 567 -14.81 8.32 -15.92
N VAL C 568 -14.84 7.12 -16.50
CA VAL C 568 -15.95 6.67 -17.33
C VAL C 568 -16.78 5.69 -16.53
N THR C 569 -18.08 5.95 -16.42
CA THR C 569 -19.00 5.09 -15.68
C THR C 569 -20.06 4.58 -16.65
N LEU C 570 -20.20 3.25 -16.72
CA LEU C 570 -21.21 2.60 -17.56
C LEU C 570 -22.33 2.13 -16.63
N LEU C 571 -23.44 2.86 -16.63
CA LEU C 571 -24.49 2.71 -15.63
C LEU C 571 -25.75 2.13 -16.28
N TYR C 572 -26.12 0.92 -15.86
CA TYR C 572 -27.32 0.26 -16.34
C TYR C 572 -28.57 1.02 -15.91
N ASP C 573 -29.54 1.12 -16.84
CA ASP C 573 -30.81 1.79 -16.59
C ASP C 573 -31.97 0.79 -16.48
N LYS C 574 -32.15 -0.05 -17.50
CA LYS C 574 -33.26 -0.99 -17.52
C LYS C 574 -32.91 -2.12 -18.47
N GLY C 575 -33.78 -3.13 -18.50
CA GLY C 575 -33.62 -4.25 -19.40
C GLY C 575 -33.49 -5.57 -18.66
N ALA C 576 -33.68 -6.67 -19.36
CA ALA C 576 -33.61 -7.98 -18.73
C ALA C 576 -32.18 -8.40 -18.44
N HIS C 577 -31.21 -7.88 -19.19
CA HIS C 577 -29.83 -8.34 -19.13
C HIS C 577 -28.89 -7.20 -18.82
N ALA C 578 -27.77 -7.56 -18.18
CA ALA C 578 -26.68 -6.64 -17.92
C ALA C 578 -25.72 -6.65 -19.11
N ILE C 579 -24.69 -5.81 -19.03
CA ILE C 579 -23.58 -5.83 -19.99
C ILE C 579 -22.32 -6.24 -19.26
N GLU C 580 -21.46 -7.01 -19.94
CA GLU C 580 -20.13 -7.32 -19.44
C GLU C 580 -19.11 -6.45 -20.17
N ILE C 581 -18.27 -5.77 -19.40
CA ILE C 581 -17.36 -4.75 -19.90
C ILE C 581 -15.94 -5.29 -19.85
N GLU C 582 -15.25 -5.23 -20.99
CA GLU C 582 -13.88 -5.72 -21.10
C GLU C 582 -12.84 -4.62 -20.91
N SER C 583 -13.04 -3.46 -21.54
CA SER C 583 -12.07 -2.39 -21.45
C SER C 583 -12.67 -1.07 -21.91
N VAL C 584 -12.03 0.02 -21.50
CA VAL C 584 -12.34 1.38 -21.96
C VAL C 584 -11.03 2.08 -22.26
N ALA C 585 -11.03 2.89 -23.32
CA ALA C 585 -9.81 3.56 -23.77
C ALA C 585 -10.12 4.99 -24.18
N LEU C 586 -9.08 5.82 -24.15
CA LEU C 586 -9.14 7.21 -24.60
C LEU C 586 -8.26 7.36 -25.83
N TYR C 587 -8.79 8.04 -26.85
CA TYR C 587 -8.08 8.26 -28.10
C TYR C 587 -7.88 9.76 -28.31
N GLU C 588 -6.67 10.15 -28.68
CA GLU C 588 -6.37 11.51 -29.13
C GLU C 588 -6.25 11.47 -30.65
N ASN C 589 -7.17 12.15 -31.34
CA ASN C 589 -7.36 12.00 -32.78
C ASN C 589 -7.62 10.52 -33.04
N SER C 590 -6.76 9.81 -33.79
CA SER C 590 -7.01 8.42 -34.14
C SER C 590 -6.03 7.45 -33.49
N ARG C 591 -5.37 7.86 -32.40
CA ARG C 591 -4.36 7.05 -31.74
C ARG C 591 -4.64 6.96 -30.24
N GLU C 592 -4.45 5.76 -29.68
CA GLU C 592 -4.73 5.52 -28.26
C GLU C 592 -3.70 6.20 -27.36
N VAL C 593 -4.19 6.84 -26.30
CA VAL C 593 -3.34 7.49 -25.31
C VAL C 593 -3.53 6.96 -23.89
N SER C 594 -4.55 6.13 -23.64
CA SER C 594 -4.76 5.57 -22.31
C SER C 594 -5.76 4.43 -22.41
N ARG C 595 -5.60 3.42 -21.56
CA ARG C 595 -6.46 2.25 -21.60
C ARG C 595 -6.58 1.62 -20.21
N ASP C 596 -7.82 1.35 -19.81
CA ASP C 596 -8.14 0.68 -18.54
C ASP C 596 -8.86 -0.63 -18.85
N ALA C 597 -8.17 -1.75 -18.69
CA ALA C 597 -8.72 -3.08 -18.97
C ALA C 597 -9.01 -3.80 -17.66
N HIS C 598 -10.28 -3.83 -17.26
CA HIS C 598 -10.70 -4.62 -16.12
C HIS C 598 -12.14 -5.07 -16.32
N ALA C 599 -12.48 -6.22 -15.74
CA ALA C 599 -13.81 -6.80 -15.91
C ALA C 599 -14.84 -5.98 -15.14
N GLY C 600 -15.96 -5.67 -15.80
CA GLY C 600 -17.05 -4.98 -15.16
C GLY C 600 -18.38 -5.59 -15.57
N ARG C 601 -19.37 -5.42 -14.71
CA ARG C 601 -20.71 -5.93 -14.95
C ARG C 601 -21.71 -4.89 -14.47
N SER C 602 -22.47 -4.32 -15.42
CA SER C 602 -23.44 -3.27 -15.12
C SER C 602 -24.85 -3.81 -15.34
N GLY C 603 -25.57 -4.06 -14.26
CA GLY C 603 -26.94 -4.52 -14.32
C GLY C 603 -27.71 -4.03 -13.11
N ALA C 604 -28.65 -4.87 -12.64
CA ALA C 604 -29.34 -4.55 -11.38
C ALA C 604 -28.34 -4.25 -10.28
N HIS C 605 -27.35 -5.13 -10.11
CA HIS C 605 -26.20 -4.85 -9.27
C HIS C 605 -25.03 -4.48 -10.18
N LYS C 606 -24.14 -3.63 -9.66
CA LYS C 606 -23.07 -3.01 -10.44
C LYS C 606 -21.73 -3.37 -9.83
N GLU C 607 -20.84 -3.96 -10.62
CA GLU C 607 -19.50 -4.32 -10.18
C GLU C 607 -18.45 -3.73 -11.11
N ASN C 608 -17.64 -2.81 -10.58
CA ASN C 608 -16.47 -2.27 -11.27
C ASN C 608 -16.87 -1.65 -12.61
N ILE C 609 -17.86 -0.75 -12.57
CA ILE C 609 -18.38 -0.11 -13.77
C ILE C 609 -17.69 1.23 -14.03
N GLN C 610 -16.67 1.54 -13.24
CA GLN C 610 -15.95 2.80 -13.35
C GLN C 610 -14.54 2.55 -13.87
N TYR C 611 -14.16 3.27 -14.92
CA TYR C 611 -12.90 3.10 -15.64
C TYR C 611 -12.16 4.43 -15.66
N ILE C 612 -10.88 4.42 -15.30
CA ILE C 612 -10.09 5.63 -15.15
C ILE C 612 -9.14 5.75 -16.34
N LEU C 613 -9.20 6.89 -17.01
CA LEU C 613 -8.39 7.19 -18.18
C LEU C 613 -7.45 8.36 -17.87
N ASN C 614 -6.20 8.25 -18.30
CA ASN C 614 -5.22 9.33 -18.11
C ASN C 614 -5.25 10.23 -19.34
N ALA C 615 -5.92 11.36 -19.25
CA ALA C 615 -5.91 12.29 -20.36
C ALA C 615 -4.62 13.12 -20.32
N PRO C 616 -4.01 13.36 -21.47
CA PRO C 616 -2.91 14.33 -21.52
C PRO C 616 -3.50 15.75 -21.51
N ALA C 617 -2.60 16.72 -21.34
CA ALA C 617 -3.00 18.09 -21.55
C ALA C 617 -3.64 18.21 -22.94
N PRO C 618 -4.84 18.76 -23.05
CA PRO C 618 -5.57 18.68 -24.33
C PRO C 618 -4.79 19.37 -25.44
N ARG C 619 -4.84 18.77 -26.62
CA ARG C 619 -4.27 19.38 -27.81
C ARG C 619 -5.32 20.23 -28.51
N GLN C 620 -5.02 21.51 -28.68
CA GLN C 620 -5.93 22.41 -29.36
C GLN C 620 -6.27 21.86 -30.74
N GLY C 621 -7.56 21.85 -31.07
CA GLY C 621 -8.03 21.39 -32.35
C GLY C 621 -8.14 19.89 -32.51
N ALA C 622 -7.67 19.11 -31.54
CA ALA C 622 -7.74 17.66 -31.64
C ALA C 622 -9.10 17.16 -31.14
N THR C 623 -9.46 15.97 -31.60
CA THR C 623 -10.65 15.29 -31.11
C THR C 623 -10.24 14.28 -30.05
N TYR C 624 -11.17 13.99 -29.14
CA TYR C 624 -10.95 12.99 -28.11
C TYR C 624 -12.14 12.05 -28.10
N THR C 625 -11.85 10.75 -28.05
CA THR C 625 -12.86 9.72 -28.19
C THR C 625 -12.65 8.66 -27.12
N VAL C 626 -13.73 8.31 -26.44
CA VAL C 626 -13.75 7.18 -25.51
C VAL C 626 -14.24 5.94 -26.27
N LYS C 627 -13.48 4.87 -26.21
CA LYS C 627 -13.85 3.60 -26.82
C LYS C 627 -14.02 2.55 -25.73
N ALA C 628 -15.22 1.97 -25.64
CA ALA C 628 -15.56 0.99 -24.62
C ALA C 628 -15.90 -0.34 -25.27
N ASN C 629 -15.32 -1.43 -24.74
CA ASN C 629 -15.57 -2.78 -25.23
C ASN C 629 -16.50 -3.49 -24.25
N PHE C 630 -17.76 -3.68 -24.64
CA PHE C 630 -18.72 -4.36 -23.77
C PHE C 630 -19.80 -5.03 -24.61
N LYS C 631 -20.37 -6.08 -24.05
CA LYS C 631 -21.41 -6.86 -24.73
C LYS C 631 -22.52 -7.15 -23.72
N GLY C 632 -23.68 -7.55 -24.24
CA GLY C 632 -24.75 -7.99 -23.37
C GLY C 632 -24.39 -9.29 -22.68
N ALA C 633 -24.81 -9.41 -21.42
CA ALA C 633 -24.50 -10.59 -20.61
C ALA C 633 -25.68 -11.56 -20.70
N GLY C 634 -25.52 -12.59 -21.54
CA GLY C 634 -26.59 -13.56 -21.73
C GLY C 634 -27.80 -13.06 -22.47
N GLY C 635 -27.74 -11.85 -23.01
CA GLY C 635 -28.84 -11.29 -23.75
C GLY C 635 -28.54 -9.85 -24.09
N ARG C 636 -29.45 -9.25 -24.86
CA ARG C 636 -29.23 -7.91 -25.38
C ARG C 636 -30.32 -6.93 -24.99
N ASP C 637 -31.29 -7.35 -24.17
CA ASP C 637 -32.32 -6.45 -23.66
C ASP C 637 -31.68 -5.66 -22.51
N SER C 638 -30.97 -4.59 -22.89
CA SER C 638 -30.24 -3.78 -21.94
C SER C 638 -30.20 -2.34 -22.41
N HIS C 639 -30.38 -1.42 -21.46
CA HIS C 639 -30.31 0.01 -21.69
C HIS C 639 -29.44 0.63 -20.62
N GLY C 640 -28.63 1.62 -21.00
CA GLY C 640 -27.78 2.26 -20.01
C GLY C 640 -27.19 3.55 -20.54
N THR C 641 -26.53 4.25 -19.62
CA THR C 641 -25.94 5.56 -19.89
C THR C 641 -24.46 5.52 -19.53
N VAL C 642 -23.64 6.23 -20.32
CA VAL C 642 -22.21 6.34 -20.08
C VAL C 642 -21.90 7.75 -19.64
N TYR C 643 -21.29 7.89 -18.47
CA TYR C 643 -20.97 9.17 -17.87
C TYR C 643 -19.47 9.42 -17.92
N PHE C 644 -19.09 10.69 -17.80
CA PHE C 644 -17.71 11.12 -17.97
C PHE C 644 -17.41 12.20 -16.93
N GLU C 645 -16.56 11.88 -15.95
CA GLU C 645 -16.22 12.78 -14.87
C GLU C 645 -14.79 13.28 -15.02
N THR C 646 -14.61 14.58 -14.92
CA THR C 646 -13.30 15.22 -14.97
C THR C 646 -12.67 15.23 -13.58
N PRO C 647 -11.37 15.53 -13.49
CA PRO C 647 -10.73 15.56 -12.16
C PRO C 647 -11.20 16.76 -11.34
C2 BGC D . 12.33 -47.50 5.72
C3 BGC D . 13.76 -47.19 5.33
C4 BGC D . 14.34 -46.34 6.45
C5 BGC D . 14.33 -47.12 7.76
C6 BGC D . 14.62 -46.18 8.89
C1 BGC D . 12.40 -48.33 6.99
O1 BGC D . 11.07 -48.45 7.39
O2 BGC D . 11.79 -48.34 4.71
O3 BGC D . 13.70 -46.35 4.18
O4 BGC D . 15.72 -46.26 6.06
O5 BGC D . 12.97 -47.52 8.01
O6 BGC D . 15.98 -46.25 9.31
H2 BGC D . 11.80 -46.70 5.84
H3 BGC D . 14.28 -48.00 5.16
H4 BGC D . 13.88 -45.50 6.55
H5 BGC D . 14.92 -47.90 7.72
H61 BGC D . 14.05 -46.40 9.65
H62 BGC D . 14.43 -45.27 8.60
H1 BGC D . 12.88 -49.16 6.85
HO1 BGC D . 10.62 -48.56 6.68
HO2 BGC D . 11.06 -47.99 4.46
HO3 BGC D . 13.24 -46.77 3.60
HO6 BGC D . 15.98 -46.15 10.16
C1 GAL D . 16.36 -45.02 6.25
C2 GAL D . 17.84 -45.29 6.22
C3 GAL D . 18.53 -43.94 6.33
C4 GAL D . 18.12 -43.09 5.14
C5 GAL D . 16.60 -42.95 5.12
C6 GAL D . 16.16 -42.34 3.82
O2 GAL D . 18.13 -45.97 7.44
O3 GAL D . 19.91 -44.20 6.16
O4 GAL D . 18.43 -43.85 3.97
O5 GAL D . 16.05 -44.27 5.08
O6 GAL D . 14.81 -41.89 3.90
H1 GAL D . 16.08 -44.58 7.07
H2 GAL D . 18.11 -45.79 5.44
H3 GAL D . 18.31 -43.50 7.17
H4 GAL D . 18.56 -42.22 5.17
H5 GAL D . 16.28 -42.46 5.89
H61 GAL D . 16.73 -41.57 3.61
H62 GAL D . 16.23 -42.99 3.11
HO2 GAL D . 18.68 -46.59 7.25
HO3 GAL D . 20.21 -44.44 6.93
HO4 GAL D . 19.26 -43.74 3.83
HO6 GAL D . 14.69 -41.36 3.24
C2 BGC E . -45.54 10.49 7.23
C3 BGC E . -45.60 9.84 8.60
C4 BGC E . -44.86 10.75 9.55
C5 BGC E . -45.54 12.11 9.61
C6 BGC E . -44.70 13.06 10.43
C1 BGC E . -46.20 11.85 7.34
O1 BGC E . -45.91 12.44 6.11
O2 BGC E . -46.40 9.72 6.39
O3 BGC E . -44.79 8.67 8.51
O4 BGC E . -45.14 10.16 10.83
O5 BGC E . -45.49 12.63 8.28
O6 BGC E . -44.82 12.79 11.83
H2 BGC E . -44.63 10.55 6.90
H3 BGC E . -46.51 9.66 8.87
H4 BGC E . -43.92 10.83 9.32
H5 BGC E . -46.46 12.05 9.93
H61 BGC E . -45.00 13.96 10.27
H62 BGC E . -43.77 12.97 10.17
H1 BGC E . -47.14 11.78 7.56
HO1 BGC E . -46.11 11.88 5.51
HO2 BGC E . -45.99 9.60 5.66
HO3 BGC E . -45.30 8.05 8.23
HO6 BGC E . -44.80 13.54 12.23
C1 GAL E . -44.04 9.90 11.66
C2 GAL E . -44.60 9.74 13.05
C3 GAL E . -43.49 9.24 13.94
C4 GAL E . -42.95 7.93 13.38
C5 GAL E . -42.46 8.18 11.96
C6 GAL E . -42.08 6.88 11.29
O2 GAL E . -44.90 11.06 13.50
O3 GAL E . -44.09 8.93 15.19
O4 GAL E . -44.08 7.09 13.21
O5 GAL E . -43.58 8.64 11.22
O6 GAL E . -41.31 7.11 10.12
H1 GAL E . -43.36 10.60 11.66
H2 GAL E . -45.37 9.15 13.07
H3 GAL E . -42.77 9.90 14.01
H4 GAL E . -42.27 7.56 13.96
H5 GAL E . -41.72 8.82 11.95
H61 GAL E . -42.89 6.40 11.06
H62 GAL E . -41.56 6.34 11.92
HO2 GAL E . -45.56 11.00 14.03
HO3 GAL E . -43.69 9.39 15.78
HO4 GAL E . -43.98 6.42 13.73
HO6 GAL E . -40.82 6.43 10.02
C1 GOL F . 10.44 23.33 -37.87
O1 GOL F . 9.54 22.75 -36.97
C2 GOL F . 11.71 22.42 -37.89
O2 GOL F . 11.47 21.17 -38.46
C3 GOL F . 12.78 23.23 -38.68
O3 GOL F . 13.87 22.38 -38.88
H31 GOL F . 13.00 24.03 -38.17
H32 GOL F . 12.38 23.54 -39.50
HO3 GOL F . 14.31 22.70 -39.52
NA NA G . -39.14 -5.76 22.53
#